data_9GGC
#
_entry.id   9GGC
#
_cell.length_a   1.00
_cell.length_b   1.00
_cell.length_c   1.00
_cell.angle_alpha   90.00
_cell.angle_beta   90.00
_cell.angle_gamma   90.00
#
_symmetry.space_group_name_H-M   'P 1'
#
loop_
_entity.id
_entity.type
_entity.pdbx_description
1 polymer 'DNA polymerase subunit gamma-1'
2 polymer 'DNA polymerase subunit gamma-2'
3 polymer 'DNA (primer strand)'
4 polymer 'DNA (template strand)'
5 non-polymer 'CALCIUM ION'
6 non-polymer "2'-DEOXYCYTIDINE-5'-TRIPHOSPHATE"
#
loop_
_entity_poly.entity_id
_entity_poly.type
_entity_poly.pdbx_seq_one_letter_code
_entity_poly.pdbx_strand_id
1 'polypeptide(L)'
;MHHHHHHVSSSVPASDPSDGQRRRQQQQQQQQQQQQQPQQPQVLSSEGGQLRHNPLDIQMLSRGLHEQIFGQGGEMPGEA
AVRRSVEHLQKHGLWGQPAVPLPDVELRLPPLYGDNLDQHFRLLAQKQSLPYLEAANLLLQAQLPPKPPAWAWAEGWTRY
GPEGEAVPVAIPEERALVFDVEVCLAEGTCPTLAVAISPSAWYSWCSQRLVEERYSWTSQLSPADLIPLEVPTGASSPTQ
RDWQEQLVVGHNVSFDRAHIREQYLIQGSRMRFLDTMSMHMAISGLSSFQRSLWIAAKQGKHKVQPPTKQGQKSQRKARR
GPAISSWDWLDISSVNSLAEVHRLYVGGPPLEKEPRELFVKGTMKDIRENFQDLMQYCAQDVWATHEVFQQQLPLFLERC
PHPVTLAGMLEMGVSYLPVNQNWERYLAEAQGTYEELQREMKKSLMDLANDACQLLSGERYKEDPWLWDLEWDLQEFKQK
KAKKVKKEPATASKLPIEGAGAPGDPMDQEDLGPCSEEEEFQQDVMARACLQKLKGTTELLPKRPQHLPGHPGWYRKLCP
RLDDPAWTPGPSLLSLQMRVTPKLMALTWDGFPLHYSERHGWGYLVPGRRDNLAKLPTGTTLESAGVVCPYRAIESLYRK
HCLEQGKQQLMPQEAGLAEEFLLTDNSAIWQTVEELDYLEVEAEAKMENLRAAVPGQPLALTARGGPKDTQPSYHHGNGP
YNDVDIPGCWFFKLPHKDGNSCNVGSPFAKDFLPKMEDGTLQAGPGGASGPRALEINKMISFWRNAHKRISSQMVVWLPR
SALPRAVIRHPDYDEEGLYGAILPQVVTASTITRRAVEPTWLTASNARPDRVGSELKAMVQAPPGYTLVGADVDSQELWI
AAVLGDAHFAGMHGCTAFGWMTLQGRKSRGTDLHSKTATTVGISREHAKIFNYGRIYGAGQPFAERLLMQFNHRLTQQEA
AEKAQQMYAATKGLRWYRLSDEGEWLVRELNLPVDRTEGGWISLQDLRKVQRETARKSQWKKWEVVAERAWKGGTESEMF
NKLESIATSDIPRTPVLGCCISRALEPSAVQEEFMTSRVNWVVQSSAVDYLHLMLVAMKWLFEEFAIDGRFCISIHDEVR
YLVREEDRYRAALALQITNLLTRCMFAYKLGLNDLPQSVAFFSAVDIDRCLRKEVTMDCKTPSNPTGMERRYGIPQGEAL
DIYQIIELTKGSLEKRSQPGP
;
A
2 'polypeptide(L)'
;MDAGQPELLTERSSPKGGHVKSHAELEGNGEHPEAPGSGEGSEALLEICQRRHFLSGSKQQLSRDSLLSGCHPGFGPLGV
ELRKNLAAEWWTSVVVFREQVFPVDALHHKPGPLLPGDSAFRLVSAETLREILQDKELSKEQLVTFLENVLKTSGKLREN
LLHGALEHYVNCLDLVNKRLPYGLAQIGVCFHPVFDTKQIRNGVKSIGEKTEASLVWFTPPRTSNQWLDFWLRHRLQWWR
KFAMSPSNFSSSDCQDEEGRKGNKLYYNFPWGKELIETLWNLGDHELLHMYPGNVSKLHGRDGRKNVVPCVLSVNGDLDR
GMLAYLYDSFQLTENSFTRKKNLHRKVLKLHPCLAPIKVALDVGRGPTLELRQVCQGLFNELLENGISVWPGYLETMQSS
LEQLYSKYDEMSILFTVLVTETTLENGLIHLRSRDTTMKEMMHISKLKDFLIKYISSAKNVHHHHHH
;
B,C
3 'polydeoxyribonucleotide'
;(DG)(DC)(DA)(DT)(DG)(DC)(DG)(DG)(DT)(DC)(DG)(DA)(DG)(DT)(DC)(DT)(DA)(DG)(DA)(DG)
(DG)(DA)(DG)(DC)(DC)
;
P
4 'polydeoxyribonucleotide'
;(DT)(DT)(DT)(DT)(DT)(DT)(DT)(DT)(DT)(DT)(DA)(DT)(DC)(DC)(DG)(DG)(DG)(DC)(DT)(DC)
(DC)(DT)(DC)(DT)(DA)(DG)(DA)(DC)(DT)(DC)(DG)(DA)(DC)(DC)(DG)(DC)(DA)(DT)(DG)(DC)
;
T
#
loop_
_chem_comp.id
_chem_comp.type
_chem_comp.name
_chem_comp.formula
CA non-polymer 'CALCIUM ION' 'Ca 2'
DA DNA linking 2'-DEOXYADENOSINE-5'-MONOPHOSPHATE 'C10 H14 N5 O6 P'
DC DNA linking 2'-DEOXYCYTIDINE-5'-MONOPHOSPHATE 'C9 H14 N3 O7 P'
DCP non-polymer 2'-DEOXYCYTIDINE-5'-TRIPHOSPHATE 'C9 H16 N3 O13 P3'
DG DNA linking 2'-DEOXYGUANOSINE-5'-MONOPHOSPHATE 'C10 H14 N5 O7 P'
DT DNA linking THYMIDINE-5'-MONOPHOSPHATE 'C10 H15 N2 O8 P'
#
# COMPACT_ATOMS: atom_id res chain seq x y z
N GLY A 49 36.69 -51.45 5.16
CA GLY A 49 36.45 -50.63 4.00
C GLY A 49 34.99 -50.24 3.82
N GLN A 50 34.70 -48.96 4.01
CA GLN A 50 33.34 -48.47 3.88
C GLN A 50 32.89 -48.33 2.43
N LEU A 51 33.83 -48.30 1.48
CA LEU A 51 33.46 -48.14 0.08
C LEU A 51 32.84 -49.41 -0.45
N ARG A 52 31.67 -49.29 -1.08
CA ARG A 52 30.93 -50.42 -1.61
C ARG A 52 30.46 -50.10 -3.02
N HIS A 53 30.37 -51.14 -3.84
CA HIS A 53 29.91 -51.00 -5.21
C HIS A 53 29.01 -52.17 -5.57
N ASN A 54 27.89 -51.88 -6.21
CA ASN A 54 26.97 -52.91 -6.66
C ASN A 54 27.58 -53.65 -7.84
N PRO A 55 26.93 -54.71 -8.32
CA PRO A 55 27.42 -55.37 -9.56
C PRO A 55 27.51 -54.42 -10.74
N LEU A 56 26.86 -53.26 -10.70
CA LEU A 56 26.94 -52.28 -11.78
C LEU A 56 27.91 -51.15 -11.45
N ASP A 57 28.74 -51.31 -10.43
CA ASP A 57 29.82 -50.39 -10.03
C ASP A 57 29.31 -49.07 -9.47
N ILE A 58 28.00 -48.89 -9.33
CA ILE A 58 27.47 -47.69 -8.70
C ILE A 58 27.82 -47.72 -7.21
N GLN A 59 28.36 -46.62 -6.71
CA GLN A 59 28.76 -46.55 -5.31
C GLN A 59 27.53 -46.64 -4.43
N MET A 60 27.40 -47.75 -3.70
CA MET A 60 26.26 -47.96 -2.83
C MET A 60 26.52 -47.30 -1.47
N LEU A 61 25.69 -47.62 -0.48
CA LEU A 61 25.78 -46.99 0.81
C LEU A 61 27.05 -47.44 1.55
N SER A 62 27.45 -46.64 2.52
CA SER A 62 28.60 -46.99 3.35
C SER A 62 28.30 -48.28 4.11
N ARG A 63 29.37 -49.02 4.43
CA ARG A 63 29.20 -50.36 5.01
C ARG A 63 28.48 -50.30 6.34
N GLY A 64 28.88 -49.37 7.22
CA GLY A 64 28.23 -49.28 8.51
C GLY A 64 26.76 -48.92 8.41
N LEU A 65 26.44 -47.95 7.54
CA LEU A 65 25.04 -47.57 7.36
C LEU A 65 24.23 -48.71 6.74
N HIS A 66 24.82 -49.44 5.79
CA HIS A 66 24.12 -50.58 5.19
C HIS A 66 23.86 -51.67 6.24
N GLU A 67 24.83 -51.92 7.11
CA GLU A 67 24.63 -52.92 8.16
C GLU A 67 23.56 -52.47 9.15
N GLN A 68 23.53 -51.18 9.48
CA GLN A 68 22.53 -50.70 10.44
C GLN A 68 21.15 -50.61 9.82
N ILE A 69 21.05 -50.47 8.50
CA ILE A 69 19.76 -50.27 7.85
C ILE A 69 19.23 -51.59 7.30
N PHE A 70 19.97 -52.19 6.37
CA PHE A 70 19.53 -53.43 5.74
C PHE A 70 20.04 -54.67 6.48
N GLY A 71 21.32 -54.69 6.81
CA GLY A 71 21.92 -55.84 7.44
C GLY A 71 22.25 -56.93 6.45
N GLN A 72 23.09 -57.87 6.89
CA GLN A 72 23.46 -58.98 6.04
C GLN A 72 22.29 -59.94 5.89
N GLY A 73 22.02 -60.36 4.66
CA GLY A 73 20.92 -61.26 4.40
C GLY A 73 20.20 -60.97 3.10
N GLY A 74 20.52 -59.85 2.47
CA GLY A 74 19.94 -59.51 1.19
C GLY A 74 20.25 -60.53 0.11
N GLU A 75 19.23 -60.95 -0.63
CA GLU A 75 19.43 -61.93 -1.68
C GLU A 75 20.26 -61.34 -2.81
N MET A 76 21.17 -62.15 -3.34
CA MET A 76 22.01 -61.72 -4.43
C MET A 76 21.18 -61.51 -5.70
N PRO A 77 21.56 -60.53 -6.53
CA PRO A 77 20.76 -60.27 -7.75
C PRO A 77 20.69 -61.44 -8.70
N GLY A 78 21.75 -62.24 -8.79
CA GLY A 78 21.80 -63.35 -9.72
C GLY A 78 22.50 -62.97 -11.02
N GLU A 79 23.00 -64.00 -11.70
CA GLU A 79 23.77 -63.78 -12.93
C GLU A 79 22.91 -63.16 -14.03
N ALA A 80 21.68 -63.65 -14.19
CA ALA A 80 20.84 -63.19 -15.30
C ALA A 80 20.48 -61.71 -15.14
N ALA A 81 20.15 -61.29 -13.92
CA ALA A 81 19.80 -59.89 -13.70
C ALA A 81 20.98 -58.97 -13.98
N VAL A 82 22.16 -59.35 -13.51
CA VAL A 82 23.35 -58.54 -13.75
C VAL A 82 23.67 -58.49 -15.24
N ARG A 83 23.50 -59.61 -15.94
CA ARG A 83 23.76 -59.63 -17.38
C ARG A 83 22.79 -58.71 -18.12
N ARG A 84 21.50 -58.75 -17.75
CA ARG A 84 20.53 -57.86 -18.38
C ARG A 84 20.88 -56.40 -18.11
N SER A 85 21.22 -56.08 -16.88
CA SER A 85 21.55 -54.69 -16.54
C SER A 85 22.78 -54.21 -17.29
N VAL A 86 23.82 -55.06 -17.36
CA VAL A 86 25.04 -54.70 -18.07
C VAL A 86 24.76 -54.51 -19.55
N GLU A 87 23.97 -55.40 -20.15
CA GLU A 87 23.65 -55.27 -21.56
C GLU A 87 22.87 -53.99 -21.83
N HIS A 88 21.91 -53.67 -20.98
CA HIS A 88 21.13 -52.45 -21.16
C HIS A 88 22.00 -51.21 -21.06
N LEU A 89 22.81 -51.13 -19.99
CA LEU A 89 23.66 -49.96 -19.81
C LEU A 89 24.69 -49.83 -20.91
N GLN A 90 25.24 -50.95 -21.37
CA GLN A 90 26.21 -50.92 -22.46
C GLN A 90 25.56 -50.46 -23.76
N LYS A 91 24.33 -50.92 -24.03
CA LYS A 91 23.63 -50.47 -25.22
C LYS A 91 23.31 -48.98 -25.15
N HIS A 92 23.03 -48.45 -23.95
CA HIS A 92 22.75 -47.04 -23.78
C HIS A 92 23.98 -46.24 -23.37
N GLY A 93 25.17 -46.81 -23.51
CA GLY A 93 26.41 -46.08 -23.35
C GLY A 93 26.67 -45.51 -21.97
N LEU A 94 26.47 -46.33 -20.93
CA LEU A 94 26.69 -45.89 -19.57
C LEU A 94 27.50 -46.87 -18.73
N TRP A 95 27.88 -48.02 -19.30
CA TRP A 95 28.54 -49.04 -18.49
C TRP A 95 29.98 -48.68 -18.17
N GLY A 96 30.71 -48.16 -19.16
CA GLY A 96 32.13 -47.90 -18.98
C GLY A 96 32.50 -46.61 -18.30
N GLN A 97 31.53 -45.74 -18.00
CA GLN A 97 31.84 -44.43 -17.43
C GLN A 97 32.23 -44.55 -15.97
N PRO A 98 33.41 -44.10 -15.57
CA PRO A 98 33.76 -44.07 -14.14
C PRO A 98 33.39 -42.75 -13.49
N ALA A 99 33.04 -42.84 -12.21
CA ALA A 99 32.66 -41.68 -11.43
C ALA A 99 33.47 -41.64 -10.14
N VAL A 100 33.91 -40.45 -9.75
CA VAL A 100 34.71 -40.30 -8.53
C VAL A 100 33.83 -40.62 -7.33
N PRO A 101 34.26 -41.51 -6.42
CA PRO A 101 33.42 -41.86 -5.27
C PRO A 101 33.18 -40.66 -4.37
N LEU A 102 31.97 -40.57 -3.85
CA LEU A 102 31.68 -39.57 -2.83
C LEU A 102 32.29 -40.01 -1.50
N PRO A 103 32.75 -39.07 -0.68
CA PRO A 103 33.35 -39.46 0.61
C PRO A 103 32.37 -40.25 1.47
N ASP A 104 32.89 -41.26 2.14
CA ASP A 104 32.06 -42.15 2.93
C ASP A 104 31.54 -41.44 4.18
N VAL A 105 30.38 -41.89 4.65
CA VAL A 105 29.72 -41.33 5.82
C VAL A 105 29.57 -42.45 6.85
N GLU A 106 30.08 -42.20 8.06
CA GLU A 106 29.97 -43.15 9.17
C GLU A 106 29.09 -42.51 10.24
N LEU A 107 27.92 -43.07 10.45
CA LEU A 107 26.96 -42.55 11.41
C LEU A 107 26.49 -43.66 12.35
N ARG A 108 26.37 -43.33 13.62
CA ARG A 108 25.77 -44.24 14.60
C ARG A 108 24.29 -43.92 14.64
N LEU A 109 23.54 -44.57 13.74
CA LEU A 109 22.12 -44.25 13.57
C LEU A 109 21.33 -44.65 14.80
N PRO A 110 20.20 -43.98 15.06
CA PRO A 110 19.34 -44.40 16.15
C PRO A 110 18.84 -45.81 15.92
N PRO A 111 18.63 -46.57 16.99
CA PRO A 111 18.22 -47.97 16.82
C PRO A 111 16.87 -48.07 16.13
N LEU A 112 16.74 -49.10 15.29
CA LEU A 112 15.49 -49.38 14.58
C LEU A 112 14.75 -50.49 15.31
N TYR A 113 13.46 -50.23 15.59
CA TYR A 113 12.73 -51.08 16.53
C TYR A 113 12.41 -52.45 15.95
N GLY A 114 11.94 -52.49 14.71
CA GLY A 114 11.48 -53.73 14.12
C GLY A 114 12.61 -54.59 13.60
N ASP A 115 12.22 -55.72 12.98
CA ASP A 115 13.20 -56.59 12.36
C ASP A 115 13.74 -55.99 11.07
N ASN A 116 12.93 -55.19 10.39
CA ASN A 116 13.36 -54.50 9.17
C ASN A 116 12.92 -53.05 9.25
N LEU A 117 13.05 -52.32 8.15
CA LEU A 117 12.72 -50.91 8.14
C LEU A 117 11.20 -50.68 8.09
N ASP A 118 10.47 -51.54 7.38
CA ASP A 118 9.03 -51.40 7.31
C ASP A 118 8.39 -51.57 8.69
N GLN A 119 8.85 -52.55 9.46
CA GLN A 119 8.34 -52.73 10.82
C GLN A 119 8.72 -51.54 11.70
N HIS A 120 9.92 -50.98 11.49
CA HIS A 120 10.33 -49.80 12.24
C HIS A 120 9.37 -48.64 12.00
N PHE A 121 9.09 -48.35 10.73
CA PHE A 121 8.17 -47.26 10.42
C PHE A 121 6.76 -47.55 10.92
N ARG A 122 6.31 -48.80 10.80
CA ARG A 122 4.99 -49.15 11.30
C ARG A 122 4.89 -48.94 12.79
N LEU A 123 5.91 -49.34 13.54
CA LEU A 123 5.88 -49.16 14.99
C LEU A 123 5.90 -47.68 15.36
N LEU A 124 6.73 -46.88 14.68
CA LEU A 124 6.75 -45.45 14.95
C LEU A 124 5.39 -44.82 14.69
N ALA A 125 4.79 -45.13 13.55
CA ALA A 125 3.51 -44.53 13.19
C ALA A 125 2.39 -45.00 14.11
N GLN A 126 2.43 -46.26 14.53
CA GLN A 126 1.43 -46.74 15.48
C GLN A 126 1.57 -46.04 16.83
N LYS A 127 2.80 -45.84 17.30
CA LYS A 127 3.01 -45.11 18.54
C LYS A 127 2.52 -43.68 18.42
N GLN A 128 2.69 -43.08 17.24
CA GLN A 128 2.26 -41.69 17.04
C GLN A 128 0.74 -41.58 16.99
N SER A 129 0.08 -42.46 16.25
CA SER A 129 -1.35 -42.34 15.96
C SER A 129 -2.24 -43.14 16.91
N LEU A 130 -1.66 -43.88 17.86
CA LEU A 130 -2.49 -44.67 18.76
C LEU A 130 -3.45 -43.84 19.61
N PRO A 131 -3.02 -42.76 20.29
CA PRO A 131 -3.97 -42.02 21.13
C PRO A 131 -5.11 -41.37 20.36
N TYR A 132 -4.96 -41.13 19.06
CA TYR A 132 -5.98 -40.43 18.29
C TYR A 132 -6.96 -41.35 17.59
N LEU A 133 -6.51 -42.53 17.16
CA LEU A 133 -7.46 -43.54 16.69
C LEU A 133 -8.42 -43.95 17.80
N GLU A 134 -7.96 -43.94 19.05
CA GLU A 134 -8.86 -44.23 20.17
C GLU A 134 -9.95 -43.19 20.27
N ALA A 135 -9.61 -41.90 20.12
CA ALA A 135 -10.62 -40.86 20.15
C ALA A 135 -11.57 -40.96 18.96
N ALA A 136 -11.03 -41.30 17.79
CA ALA A 136 -11.87 -41.48 16.61
C ALA A 136 -12.87 -42.63 16.82
N ASN A 137 -12.41 -43.73 17.42
CA ASN A 137 -13.32 -44.83 17.71
C ASN A 137 -14.33 -44.46 18.81
N LEU A 138 -13.92 -43.62 19.76
CA LEU A 138 -14.86 -43.10 20.74
C LEU A 138 -15.97 -42.31 20.06
N LEU A 139 -15.60 -41.47 19.08
CA LEU A 139 -16.62 -40.75 18.32
C LEU A 139 -17.50 -41.70 17.52
N LEU A 140 -16.91 -42.74 16.94
CA LEU A 140 -17.67 -43.68 16.12
C LEU A 140 -18.72 -44.47 16.90
N GLN A 141 -18.63 -44.49 18.23
CA GLN A 141 -19.60 -45.22 19.05
C GLN A 141 -20.26 -44.28 20.05
N ALA A 142 -20.67 -43.10 19.59
CA ALA A 142 -21.18 -42.05 20.46
C ALA A 142 -22.70 -42.08 20.48
N GLN A 143 -23.27 -42.01 21.69
CA GLN A 143 -24.70 -41.87 21.89
C GLN A 143 -24.95 -40.44 22.36
N LEU A 144 -25.53 -39.63 21.47
CA LEU A 144 -25.68 -38.20 21.72
C LEU A 144 -27.15 -37.85 21.89
N PRO A 145 -27.53 -37.22 22.99
CA PRO A 145 -28.93 -36.81 23.17
C PRO A 145 -29.31 -35.73 22.17
N PRO A 146 -30.61 -35.55 21.92
CA PRO A 146 -31.03 -34.58 20.90
C PRO A 146 -30.64 -33.16 21.29
N LYS A 147 -30.49 -32.31 20.28
CA LYS A 147 -30.07 -30.94 20.50
C LYS A 147 -31.10 -30.20 21.33
N PRO A 148 -30.68 -29.27 22.19
CA PRO A 148 -31.62 -28.62 23.10
C PRO A 148 -32.64 -27.79 22.33
N PRO A 149 -33.85 -27.64 22.87
CA PRO A 149 -34.85 -26.80 22.18
C PRO A 149 -34.43 -25.35 22.04
N ALA A 150 -33.72 -24.81 23.03
CA ALA A 150 -33.30 -23.42 23.03
C ALA A 150 -31.82 -23.33 23.35
N TRP A 151 -31.07 -22.62 22.51
CA TRP A 151 -29.65 -22.43 22.73
C TRP A 151 -29.39 -21.31 23.73
N ALA A 152 -28.26 -21.41 24.42
CA ALA A 152 -27.94 -20.48 25.49
C ALA A 152 -27.34 -19.20 24.93
N TRP A 153 -27.86 -18.06 25.40
CA TRP A 153 -27.34 -16.74 25.04
C TRP A 153 -26.41 -16.28 26.15
N ALA A 154 -25.21 -16.86 26.18
CA ALA A 154 -24.22 -16.54 27.20
C ALA A 154 -22.83 -16.69 26.60
N GLU A 155 -21.95 -15.76 26.95
CA GLU A 155 -20.59 -15.78 26.42
C GLU A 155 -19.82 -16.96 26.98
N GLY A 156 -19.01 -17.59 26.12
CA GLY A 156 -18.19 -18.70 26.52
C GLY A 156 -18.84 -20.04 26.28
N TRP A 157 -18.21 -21.07 26.83
CA TRP A 157 -18.66 -22.45 26.63
C TRP A 157 -19.79 -22.80 27.59
N THR A 158 -20.78 -23.52 27.07
CA THR A 158 -21.89 -24.03 27.85
C THR A 158 -22.15 -25.47 27.45
N ARG A 159 -22.25 -26.35 28.45
CA ARG A 159 -22.52 -27.76 28.21
C ARG A 159 -23.99 -28.04 28.43
N TYR A 160 -24.62 -28.67 27.44
CA TYR A 160 -26.04 -28.98 27.48
C TYR A 160 -26.23 -30.41 27.97
N GLY A 161 -26.78 -30.55 29.18
CA GLY A 161 -27.07 -31.85 29.73
C GLY A 161 -28.29 -32.47 29.08
N PRO A 162 -28.75 -33.60 29.63
CA PRO A 162 -29.95 -34.23 29.09
C PRO A 162 -31.15 -33.31 29.19
N GLU A 163 -32.03 -33.39 28.18
CA GLU A 163 -33.26 -32.62 28.05
C GLU A 163 -33.01 -31.14 27.76
N GLY A 164 -31.76 -30.74 27.55
CA GLY A 164 -31.45 -29.39 27.12
C GLY A 164 -30.99 -28.43 28.20
N GLU A 165 -30.77 -28.90 29.43
CA GLU A 165 -30.32 -28.01 30.49
C GLU A 165 -28.93 -27.47 30.18
N ALA A 166 -28.77 -26.16 30.32
CA ALA A 166 -27.54 -25.47 29.98
C ALA A 166 -26.71 -25.26 31.24
N VAL A 167 -25.47 -25.75 31.23
CA VAL A 167 -24.56 -25.63 32.35
C VAL A 167 -23.29 -24.95 31.86
N PRO A 168 -22.83 -23.88 32.50
CA PRO A 168 -21.62 -23.19 32.03
C PRO A 168 -20.36 -23.98 32.36
N VAL A 169 -19.47 -24.09 31.37
CA VAL A 169 -18.20 -24.78 31.53
C VAL A 169 -17.09 -23.90 30.94
N ALA A 170 -15.87 -24.16 31.38
CA ALA A 170 -14.72 -23.42 30.85
C ALA A 170 -14.26 -23.99 29.51
N ILE A 171 -14.05 -25.30 29.46
CA ILE A 171 -13.66 -25.97 28.22
C ILE A 171 -14.53 -27.22 28.06
N PRO A 172 -14.69 -27.70 26.83
CA PRO A 172 -15.51 -28.90 26.63
C PRO A 172 -15.04 -30.12 27.40
N GLU A 173 -13.73 -30.25 27.64
CA GLU A 173 -13.17 -31.34 28.43
C GLU A 173 -13.52 -32.70 27.82
N GLU A 174 -13.02 -32.92 26.60
CA GLU A 174 -13.29 -34.13 25.85
C GLU A 174 -12.03 -34.58 25.14
N ARG A 175 -11.89 -35.90 24.98
CA ARG A 175 -10.80 -36.46 24.20
C ARG A 175 -11.06 -36.41 22.70
N ALA A 176 -12.31 -36.19 22.30
CA ALA A 176 -12.68 -36.15 20.90
C ALA A 176 -13.85 -35.18 20.72
N LEU A 177 -13.83 -34.42 19.63
CA LEU A 177 -14.86 -33.43 19.36
C LEU A 177 -15.10 -33.33 17.87
N VAL A 178 -16.32 -32.93 17.51
CA VAL A 178 -16.64 -32.47 16.16
C VAL A 178 -16.97 -30.98 16.28
N PHE A 179 -16.18 -30.15 15.61
CA PHE A 179 -16.16 -28.71 15.87
C PHE A 179 -16.52 -27.94 14.61
N ASP A 180 -17.33 -26.90 14.78
CA ASP A 180 -17.62 -25.94 13.72
C ASP A 180 -17.67 -24.55 14.32
N VAL A 181 -17.04 -23.59 13.66
CA VAL A 181 -16.91 -22.23 14.16
C VAL A 181 -17.51 -21.28 13.14
N GLU A 182 -18.32 -20.33 13.62
CA GLU A 182 -18.92 -19.30 12.77
C GLU A 182 -18.26 -17.96 13.09
N VAL A 183 -17.91 -17.22 12.04
CA VAL A 183 -17.22 -15.94 12.17
C VAL A 183 -18.02 -14.87 11.43
N CYS A 184 -18.29 -13.76 12.11
CA CYS A 184 -18.95 -12.62 11.48
C CYS A 184 -17.92 -11.89 10.65
N LEU A 185 -17.99 -12.08 9.33
CA LEU A 185 -16.99 -11.51 8.43
C LEU A 185 -17.01 -9.99 8.41
N ALA A 186 -18.14 -9.38 8.80
CA ALA A 186 -18.22 -7.92 8.80
C ALA A 186 -17.28 -7.32 9.84
N GLU A 187 -17.16 -7.94 11.01
CA GLU A 187 -16.34 -7.41 12.09
C GLU A 187 -14.91 -7.95 12.07
N GLY A 188 -14.54 -8.74 11.07
CA GLY A 188 -13.17 -9.20 10.92
C GLY A 188 -13.08 -10.72 11.02
N THR A 189 -11.97 -11.20 11.58
CA THR A 189 -11.67 -12.62 11.67
C THR A 189 -11.92 -13.19 13.06
N CYS A 190 -12.43 -12.39 14.00
CA CYS A 190 -12.68 -12.89 15.34
C CYS A 190 -13.85 -13.88 15.32
N PRO A 191 -13.72 -15.02 15.99
CA PRO A 191 -14.83 -15.99 16.00
C PRO A 191 -16.07 -15.42 16.68
N THR A 192 -17.24 -15.75 16.12
CA THR A 192 -18.51 -15.28 16.65
C THR A 192 -19.16 -16.31 17.57
N LEU A 193 -19.43 -17.51 17.05
CA LEU A 193 -20.05 -18.57 17.84
C LEU A 193 -19.63 -19.92 17.28
N ALA A 194 -19.77 -20.94 18.11
CA ALA A 194 -19.36 -22.28 17.73
C ALA A 194 -20.15 -23.32 18.53
N VAL A 195 -20.34 -24.49 17.93
CA VAL A 195 -20.99 -25.62 18.58
C VAL A 195 -20.12 -26.86 18.37
N ALA A 196 -19.95 -27.64 19.43
CA ALA A 196 -19.16 -28.86 19.38
C ALA A 196 -19.93 -29.99 20.06
N ILE A 197 -19.66 -31.22 19.64
CA ILE A 197 -20.34 -32.38 20.19
C ILE A 197 -19.31 -33.41 20.66
N SER A 198 -19.77 -34.28 21.54
CA SER A 198 -19.00 -35.40 22.05
C SER A 198 -19.97 -36.46 22.49
N PRO A 199 -19.49 -37.67 22.80
CA PRO A 199 -20.40 -38.68 23.38
C PRO A 199 -21.17 -38.15 24.59
N SER A 200 -22.49 -38.05 24.43
CA SER A 200 -23.41 -37.65 25.50
C SER A 200 -23.16 -36.21 25.96
N ALA A 201 -22.92 -35.31 25.02
CA ALA A 201 -22.78 -33.89 25.36
C ALA A 201 -22.86 -32.99 24.13
N TRP A 202 -23.68 -31.95 24.20
CA TRP A 202 -23.71 -30.87 23.22
C TRP A 202 -23.07 -29.63 23.83
N TYR A 203 -22.18 -28.98 23.07
CA TYR A 203 -21.45 -27.82 23.56
C TYR A 203 -21.71 -26.62 22.63
N SER A 204 -21.83 -25.44 23.24
CA SER A 204 -22.00 -24.19 22.51
C SER A 204 -21.06 -23.13 23.07
N TRP A 205 -20.59 -22.26 22.18
CA TRP A 205 -19.64 -21.20 22.55
C TRP A 205 -20.10 -19.88 21.94
N CYS A 206 -20.04 -18.82 22.74
CA CYS A 206 -20.36 -17.47 22.31
C CYS A 206 -19.25 -16.52 22.74
N SER A 207 -19.00 -15.51 21.92
CA SER A 207 -17.95 -14.52 22.17
C SER A 207 -18.54 -13.26 22.81
N GLN A 208 -17.64 -12.46 23.37
CA GLN A 208 -18.05 -11.16 23.92
C GLN A 208 -18.54 -10.24 22.82
N ARG A 209 -17.94 -10.30 21.64
CA ARG A 209 -18.33 -9.44 20.53
C ARG A 209 -19.72 -9.75 20.01
N LEU A 210 -20.31 -10.88 20.41
CA LEU A 210 -21.68 -11.23 20.05
C LEU A 210 -22.68 -10.85 21.13
N VAL A 211 -22.38 -11.17 22.39
CA VAL A 211 -23.33 -10.89 23.46
C VAL A 211 -23.27 -9.46 23.96
N GLU A 212 -22.20 -8.73 23.66
CA GLU A 212 -22.03 -7.36 24.13
C GLU A 212 -21.87 -6.42 22.95
N GLU A 213 -22.51 -5.25 23.05
CA GLU A 213 -22.38 -4.19 22.06
C GLU A 213 -21.48 -3.11 22.64
N ARG A 214 -20.40 -2.79 21.93
CA ARG A 214 -19.47 -1.75 22.35
C ARG A 214 -19.03 -0.95 21.13
N TYR A 215 -18.56 0.27 21.40
CA TYR A 215 -18.23 1.18 20.31
C TYR A 215 -17.09 0.65 19.45
N SER A 216 -16.05 0.11 20.07
CA SER A 216 -14.89 -0.36 19.32
C SER A 216 -14.31 -1.61 19.97
N TRP A 217 -13.98 -2.59 19.12
CA TRP A 217 -13.21 -3.75 19.50
C TRP A 217 -11.82 -3.67 18.87
N THR A 218 -10.85 -4.31 19.50
CA THR A 218 -9.48 -4.27 19.00
C THR A 218 -9.39 -5.00 17.67
N SER A 219 -8.78 -4.36 16.68
CA SER A 219 -8.55 -4.99 15.40
C SER A 219 -7.32 -5.90 15.41
N GLN A 220 -6.46 -5.76 16.40
CA GLN A 220 -5.30 -6.64 16.55
C GLN A 220 -5.69 -7.81 17.45
N LEU A 221 -5.80 -9.00 16.88
CA LEU A 221 -6.28 -10.15 17.62
C LEU A 221 -5.24 -10.62 18.64
N SER A 222 -5.74 -11.30 19.65
CA SER A 222 -4.96 -11.85 20.76
C SER A 222 -5.51 -13.23 21.06
N PRO A 223 -4.73 -14.09 21.73
CA PRO A 223 -5.29 -15.39 22.13
C PRO A 223 -6.51 -15.27 23.02
N ALA A 224 -6.63 -14.17 23.77
CA ALA A 224 -7.79 -13.96 24.62
C ALA A 224 -9.08 -13.76 23.83
N ASP A 225 -8.99 -13.51 22.53
CA ASP A 225 -10.16 -13.33 21.68
C ASP A 225 -10.58 -14.61 20.98
N LEU A 226 -9.89 -15.73 21.22
CA LEU A 226 -10.14 -16.97 20.49
C LEU A 226 -10.94 -17.93 21.36
N ILE A 227 -11.11 -19.15 20.85
CA ILE A 227 -11.92 -20.18 21.50
C ILE A 227 -10.99 -21.09 22.29
N PRO A 228 -11.15 -21.22 23.61
CA PRO A 228 -10.34 -22.16 24.38
C PRO A 228 -10.83 -23.60 24.17
N LEU A 229 -9.92 -24.46 23.69
CA LEU A 229 -10.27 -25.84 23.40
C LEU A 229 -9.31 -26.86 23.97
N GLU A 230 -8.13 -26.46 24.41
CA GLU A 230 -7.17 -27.40 25.01
C GLU A 230 -7.32 -27.45 26.53
N GLN A 244 -3.83 -37.14 27.45
CA GLN A 244 -3.29 -35.82 27.16
C GLN A 244 -3.58 -35.42 25.73
N GLU A 245 -3.76 -36.40 24.87
CA GLU A 245 -4.01 -36.16 23.46
C GLU A 245 -5.49 -35.90 23.20
N GLN A 246 -5.77 -35.03 22.25
CA GLN A 246 -7.13 -34.69 21.86
C GLN A 246 -7.26 -34.73 20.35
N LEU A 247 -8.46 -35.05 19.88
CA LEU A 247 -8.76 -35.11 18.46
C LEU A 247 -9.97 -34.23 18.17
N VAL A 248 -9.81 -33.33 17.21
CA VAL A 248 -10.88 -32.43 16.78
C VAL A 248 -11.20 -32.75 15.33
N VAL A 249 -12.48 -33.00 15.05
CA VAL A 249 -12.94 -33.37 13.72
C VAL A 249 -13.79 -32.24 13.15
N GLY A 250 -13.54 -31.91 11.88
CA GLY A 250 -14.31 -30.89 11.21
C GLY A 250 -14.25 -31.10 9.72
N HIS A 251 -15.08 -30.35 9.00
CA HIS A 251 -15.10 -30.45 7.54
C HIS A 251 -14.04 -29.56 6.91
N ASN A 252 -13.68 -28.47 7.57
CA ASN A 252 -12.54 -27.65 7.18
C ASN A 252 -11.74 -27.31 8.44
N VAL A 253 -11.44 -28.34 9.22
CA VAL A 253 -10.96 -28.21 10.60
C VAL A 253 -9.77 -27.25 10.71
N SER A 254 -9.07 -27.04 9.60
CA SER A 254 -8.01 -26.04 9.58
C SER A 254 -8.58 -24.64 9.84
N PHE A 255 -9.75 -24.35 9.28
CA PHE A 255 -10.42 -23.08 9.57
C PHE A 255 -10.78 -22.98 11.04
N ASP A 256 -11.28 -24.07 11.62
CA ASP A 256 -11.66 -24.06 13.03
C ASP A 256 -10.44 -24.10 13.95
N ARG A 257 -9.34 -24.67 13.47
CA ARG A 257 -8.11 -24.67 14.25
C ARG A 257 -7.58 -23.25 14.43
N ALA A 258 -7.68 -22.41 13.40
CA ALA A 258 -7.14 -21.07 13.46
C ALA A 258 -7.85 -20.19 14.48
N HIS A 259 -9.03 -20.60 14.95
CA HIS A 259 -9.78 -19.84 15.93
C HIS A 259 -9.67 -20.42 17.34
N ILE A 260 -8.64 -21.22 17.59
CA ILE A 260 -8.41 -21.83 18.90
C ILE A 260 -7.30 -21.07 19.61
N ARG A 261 -7.52 -20.77 20.89
CA ARG A 261 -6.61 -19.92 21.64
C ARG A 261 -5.24 -20.56 21.81
N GLU A 262 -5.19 -21.84 22.14
CA GLU A 262 -3.94 -22.49 22.50
C GLU A 262 -3.14 -22.97 21.29
N GLN A 263 -3.63 -22.77 20.08
CA GLN A 263 -2.94 -23.21 18.88
C GLN A 263 -1.93 -22.19 18.36
N TYR A 264 -1.80 -21.04 19.03
CA TYR A 264 -0.85 -20.02 18.62
C TYR A 264 0.35 -19.90 19.54
N LEU A 265 0.43 -20.73 20.59
CA LEU A 265 1.62 -20.75 21.42
C LEU A 265 2.80 -21.26 20.61
N ILE A 266 4.00 -20.72 20.90
CA ILE A 266 5.19 -21.10 20.16
C ILE A 266 5.49 -22.57 20.37
N GLN A 267 5.40 -23.04 21.62
CA GLN A 267 5.56 -24.46 21.89
C GLN A 267 4.38 -25.25 21.33
N GLY A 268 4.66 -26.47 20.90
CA GLY A 268 3.64 -27.29 20.29
C GLY A 268 2.64 -27.84 21.30
N SER A 269 1.54 -28.35 20.77
CA SER A 269 0.48 -28.94 21.57
C SER A 269 0.17 -30.33 21.04
N ARG A 270 -0.28 -31.21 21.94
CA ARG A 270 -0.57 -32.59 21.58
C ARG A 270 -1.90 -32.77 20.85
N MET A 271 -2.72 -31.71 20.78
CA MET A 271 -3.99 -31.83 20.08
C MET A 271 -3.76 -31.92 18.58
N ARG A 272 -4.41 -32.90 17.95
CA ARG A 272 -4.36 -33.07 16.51
C ARG A 272 -5.75 -32.88 15.93
N PHE A 273 -5.81 -32.73 14.62
CA PHE A 273 -7.05 -32.39 13.92
C PHE A 273 -7.25 -33.33 12.74
N LEU A 274 -8.42 -33.97 12.71
CA LEU A 274 -8.85 -34.77 11.57
C LEU A 274 -9.89 -33.99 10.76
N ASP A 275 -9.83 -34.16 9.45
CA ASP A 275 -10.69 -33.42 8.53
C ASP A 275 -11.46 -34.41 7.69
N THR A 276 -12.77 -34.19 7.56
CA THR A 276 -13.59 -35.07 6.73
C THR A 276 -13.34 -34.82 5.24
N MET A 277 -12.91 -33.62 4.87
CA MET A 277 -12.51 -33.37 3.49
C MET A 277 -11.29 -34.20 3.12
N SER A 278 -10.31 -34.27 4.04
CA SER A 278 -9.10 -35.06 3.78
C SER A 278 -9.45 -36.54 3.61
N MET A 279 -10.27 -37.08 4.51
CA MET A 279 -10.65 -38.48 4.40
C MET A 279 -11.52 -38.72 3.17
N HIS A 280 -12.35 -37.76 2.80
CA HIS A 280 -13.15 -37.90 1.58
C HIS A 280 -12.26 -37.97 0.34
N MET A 281 -11.24 -37.11 0.28
CA MET A 281 -10.32 -37.17 -0.85
C MET A 281 -9.49 -38.44 -0.83
N ALA A 282 -9.21 -38.98 0.36
CA ALA A 282 -8.50 -40.25 0.44
C ALA A 282 -9.35 -41.41 -0.04
N ILE A 283 -10.64 -41.42 0.31
CA ILE A 283 -11.51 -42.55 0.03
C ILE A 283 -12.13 -42.47 -1.36
N SER A 284 -12.93 -41.43 -1.59
CA SER A 284 -13.72 -41.29 -2.81
C SER A 284 -13.61 -39.88 -3.37
N GLY A 285 -12.39 -39.35 -3.43
CA GLY A 285 -12.19 -38.01 -3.93
C GLY A 285 -12.37 -37.91 -5.43
N LEU A 286 -12.47 -36.66 -5.89
CA LEU A 286 -12.64 -36.36 -7.30
C LEU A 286 -11.55 -35.40 -7.76
N SER A 287 -11.15 -35.53 -9.02
CA SER A 287 -10.23 -34.59 -9.64
C SER A 287 -10.96 -33.33 -10.05
N SER A 288 -10.18 -32.30 -10.39
CA SER A 288 -10.78 -31.02 -10.82
C SER A 288 -11.64 -31.22 -12.06
N PHE A 289 -11.13 -31.95 -13.05
CA PHE A 289 -11.95 -32.32 -14.20
C PHE A 289 -13.13 -33.17 -13.77
N GLN A 290 -12.89 -34.11 -12.85
CA GLN A 290 -13.97 -34.92 -12.32
C GLN A 290 -14.98 -34.08 -11.56
N ARG A 291 -14.50 -33.10 -10.79
CA ARG A 291 -15.43 -32.21 -10.08
C ARG A 291 -16.29 -31.42 -11.05
N SER A 292 -15.67 -30.89 -12.12
CA SER A 292 -16.43 -30.15 -13.12
C SER A 292 -17.49 -31.02 -13.76
N LEU A 293 -17.11 -32.24 -14.16
CA LEU A 293 -18.08 -33.14 -14.78
C LEU A 293 -19.19 -33.52 -13.80
N TRP A 294 -18.83 -33.73 -12.53
CA TRP A 294 -19.82 -34.10 -11.52
C TRP A 294 -20.84 -33.00 -11.31
N ILE A 295 -20.35 -31.76 -11.19
CA ILE A 295 -21.28 -30.63 -10.99
C ILE A 295 -22.13 -30.41 -12.23
N ALA A 296 -21.55 -30.57 -13.42
CA ALA A 296 -22.33 -30.43 -14.65
C ALA A 296 -23.41 -31.51 -14.75
N ALA A 297 -23.08 -32.75 -14.38
CA ALA A 297 -24.05 -33.83 -14.47
C ALA A 297 -25.15 -33.70 -13.42
N LYS A 298 -24.81 -33.18 -12.24
CA LYS A 298 -25.83 -32.97 -11.22
C LYS A 298 -26.87 -31.95 -11.67
N GLN A 299 -26.44 -30.89 -12.34
CA GLN A 299 -27.36 -29.89 -12.87
C GLN A 299 -28.18 -30.45 -14.03
N ILE A 324 -16.23 -39.14 -22.75
CA ILE A 324 -16.07 -40.10 -21.66
C ILE A 324 -17.28 -41.01 -21.58
N SER A 325 -17.07 -42.31 -21.78
CA SER A 325 -18.13 -43.30 -21.78
C SER A 325 -18.32 -43.96 -20.42
N SER A 326 -17.55 -43.58 -19.41
CA SER A 326 -17.65 -44.17 -18.07
C SER A 326 -18.26 -43.15 -17.13
N TRP A 327 -19.35 -43.52 -16.45
CA TRP A 327 -20.00 -42.63 -15.50
C TRP A 327 -20.42 -43.35 -14.22
N ASP A 328 -19.85 -44.52 -13.94
CA ASP A 328 -20.18 -45.23 -12.71
C ASP A 328 -19.60 -44.54 -11.48
N TRP A 329 -18.60 -43.69 -11.67
CA TRP A 329 -17.95 -43.00 -10.56
C TRP A 329 -18.83 -41.91 -9.94
N LEU A 330 -19.90 -41.49 -10.62
CA LEU A 330 -20.75 -40.45 -10.07
C LEU A 330 -21.44 -40.90 -8.80
N ASP A 331 -21.89 -42.15 -8.75
CA ASP A 331 -22.66 -42.65 -7.62
C ASP A 331 -21.80 -42.98 -6.40
N ILE A 332 -20.47 -42.94 -6.53
CA ILE A 332 -19.58 -43.27 -5.44
C ILE A 332 -18.62 -42.11 -5.13
N SER A 333 -18.99 -40.89 -5.51
CA SER A 333 -18.11 -39.74 -5.32
C SER A 333 -18.96 -38.49 -5.14
N SER A 334 -18.34 -37.47 -4.54
CA SER A 334 -18.99 -36.18 -4.33
C SER A 334 -17.93 -35.10 -4.22
N VAL A 335 -18.39 -33.85 -4.34
CA VAL A 335 -17.51 -32.69 -4.20
C VAL A 335 -17.29 -32.42 -2.72
N ASN A 336 -16.32 -31.55 -2.41
CA ASN A 336 -15.92 -31.29 -1.03
C ASN A 336 -16.84 -30.25 -0.37
N SER A 337 -18.13 -30.56 -0.40
CA SER A 337 -19.15 -29.79 0.30
C SER A 337 -19.84 -30.68 1.31
N LEU A 338 -20.06 -30.16 2.52
CA LEU A 338 -20.59 -30.98 3.61
C LEU A 338 -21.93 -31.60 3.24
N ALA A 339 -22.78 -30.84 2.54
CA ALA A 339 -24.07 -31.40 2.11
C ALA A 339 -23.87 -32.56 1.15
N GLU A 340 -22.98 -32.40 0.18
CA GLU A 340 -22.77 -33.45 -0.82
C GLU A 340 -22.08 -34.66 -0.21
N VAL A 341 -21.14 -34.44 0.71
CA VAL A 341 -20.49 -35.55 1.39
C VAL A 341 -21.51 -36.30 2.26
N HIS A 342 -22.39 -35.57 2.94
CA HIS A 342 -23.44 -36.20 3.72
C HIS A 342 -24.38 -37.01 2.84
N ARG A 343 -24.70 -36.48 1.66
CA ARG A 343 -25.53 -37.23 0.72
C ARG A 343 -24.83 -38.51 0.27
N LEU A 344 -23.52 -38.42 0.01
CA LEU A 344 -22.79 -39.58 -0.51
C LEU A 344 -22.64 -40.67 0.54
N TYR A 345 -22.26 -40.32 1.76
CA TYR A 345 -21.93 -41.34 2.75
C TYR A 345 -23.13 -41.74 3.61
N VAL A 346 -23.85 -40.76 4.16
CA VAL A 346 -24.99 -41.07 5.02
C VAL A 346 -26.28 -41.19 4.23
N GLY A 347 -26.51 -40.29 3.28
CA GLY A 347 -27.65 -40.39 2.40
C GLY A 347 -29.00 -40.25 3.08
N GLY A 348 -29.12 -39.30 3.99
CA GLY A 348 -30.39 -39.03 4.63
C GLY A 348 -31.13 -37.89 3.95
N PRO A 349 -31.94 -37.16 4.72
CA PRO A 349 -32.58 -35.97 4.17
C PRO A 349 -31.55 -34.93 3.80
N PRO A 350 -31.82 -34.09 2.78
CA PRO A 350 -30.84 -33.09 2.37
C PRO A 350 -30.51 -32.12 3.49
N LEU A 351 -29.26 -31.68 3.51
CA LEU A 351 -28.79 -30.73 4.51
C LEU A 351 -29.25 -29.32 4.14
N GLU A 352 -29.82 -28.62 5.10
CA GLU A 352 -30.40 -27.29 4.86
C GLU A 352 -29.45 -26.21 5.36
N LYS A 353 -29.32 -25.15 4.58
CA LYS A 353 -28.48 -24.01 4.90
C LYS A 353 -29.33 -22.78 5.18
N GLU A 354 -28.74 -21.82 5.87
CA GLU A 354 -29.43 -20.58 6.19
C GLU A 354 -29.56 -19.73 4.94
N PRO A 355 -30.77 -19.38 4.50
CA PRO A 355 -30.92 -18.69 3.21
C PRO A 355 -30.24 -17.33 3.15
N ARG A 356 -30.23 -16.59 4.25
CA ARG A 356 -29.74 -15.21 4.21
C ARG A 356 -28.22 -15.10 4.23
N GLU A 357 -27.53 -16.13 4.68
CA GLU A 357 -26.07 -16.12 4.82
C GLU A 357 -25.63 -14.93 5.67
N LEU A 358 -26.08 -14.94 6.93
CA LEU A 358 -25.90 -13.78 7.79
C LEU A 358 -24.44 -13.59 8.21
N PHE A 359 -23.68 -14.68 8.30
CA PHE A 359 -22.28 -14.52 8.71
C PHE A 359 -21.42 -13.93 7.59
N VAL A 360 -21.64 -14.37 6.35
CA VAL A 360 -20.82 -13.88 5.24
C VAL A 360 -21.14 -12.43 4.92
N LYS A 361 -22.43 -12.09 4.84
CA LYS A 361 -22.88 -10.79 4.35
C LYS A 361 -23.96 -10.21 5.24
N GLY A 362 -23.71 -10.21 6.55
CA GLY A 362 -24.63 -9.59 7.48
C GLY A 362 -23.89 -8.94 8.63
N THR A 363 -24.56 -8.01 9.29
CA THR A 363 -23.99 -7.30 10.41
C THR A 363 -24.18 -8.09 11.71
N MET A 364 -23.45 -7.69 12.75
CA MET A 364 -23.54 -8.38 14.02
C MET A 364 -24.95 -8.30 14.61
N LYS A 365 -25.69 -7.22 14.30
CA LYS A 365 -27.07 -7.12 14.75
C LYS A 365 -27.93 -8.20 14.11
N ASP A 366 -27.67 -8.52 12.83
CA ASP A 366 -28.41 -9.58 12.17
C ASP A 366 -28.20 -10.92 12.87
N ILE A 367 -26.96 -11.21 13.29
CA ILE A 367 -26.70 -12.46 14.01
C ILE A 367 -27.35 -12.42 15.40
N ARG A 368 -27.34 -11.25 16.04
CA ARG A 368 -27.98 -11.14 17.36
C ARG A 368 -29.49 -11.38 17.26
N GLU A 369 -30.12 -10.91 16.19
CA GLU A 369 -31.56 -11.07 16.05
C GLU A 369 -31.95 -12.50 15.68
N ASN A 370 -31.07 -13.21 14.96
CA ASN A 370 -31.33 -14.57 14.49
C ASN A 370 -30.37 -15.57 15.13
N PHE A 371 -30.11 -15.40 16.43
CA PHE A 371 -29.11 -16.22 17.11
C PHE A 371 -29.52 -17.69 17.13
N GLN A 372 -30.79 -17.97 17.45
CA GLN A 372 -31.23 -19.35 17.60
C GLN A 372 -31.14 -20.11 16.28
N ASP A 373 -31.56 -19.48 15.18
CA ASP A 373 -31.51 -20.15 13.89
C ASP A 373 -30.08 -20.46 13.48
N LEU A 374 -29.17 -19.51 13.67
CA LEU A 374 -27.78 -19.73 13.30
C LEU A 374 -27.14 -20.82 14.16
N MET A 375 -27.44 -20.84 15.46
CA MET A 375 -26.96 -21.92 16.31
C MET A 375 -27.51 -23.26 15.86
N GLN A 376 -28.79 -23.30 15.46
CA GLN A 376 -29.38 -24.54 14.98
C GLN A 376 -28.69 -25.02 13.71
N TYR A 377 -28.41 -24.10 12.78
CA TYR A 377 -27.74 -24.48 11.54
C TYR A 377 -26.32 -24.98 11.80
N CYS A 378 -25.61 -24.32 12.71
CA CYS A 378 -24.27 -24.79 13.07
C CYS A 378 -24.31 -26.17 13.70
N ALA A 379 -25.30 -26.41 14.56
CA ALA A 379 -25.46 -27.74 15.16
C ALA A 379 -25.78 -28.78 14.09
N GLN A 380 -26.60 -28.41 13.11
CA GLN A 380 -26.90 -29.32 12.01
C GLN A 380 -25.63 -29.67 11.23
N ASP A 381 -24.79 -28.68 10.96
CA ASP A 381 -23.52 -28.94 10.27
C ASP A 381 -22.63 -29.86 11.08
N VAL A 382 -22.57 -29.65 12.40
CA VAL A 382 -21.75 -30.50 13.25
C VAL A 382 -22.26 -31.94 13.24
N TRP A 383 -23.59 -32.11 13.31
CA TRP A 383 -24.17 -33.45 13.29
C TRP A 383 -23.89 -34.15 11.95
N ALA A 384 -24.01 -33.41 10.86
CA ALA A 384 -23.70 -33.97 9.54
C ALA A 384 -22.24 -34.39 9.47
N THR A 385 -21.34 -33.56 9.99
CA THR A 385 -19.93 -33.92 9.98
C THR A 385 -19.67 -35.16 10.83
N HIS A 386 -20.35 -35.28 11.97
CA HIS A 386 -20.19 -36.45 12.82
C HIS A 386 -20.63 -37.73 12.11
N GLU A 387 -21.79 -37.67 11.45
CA GLU A 387 -22.25 -38.85 10.71
C GLU A 387 -21.31 -39.18 9.56
N VAL A 388 -20.81 -38.16 8.86
CA VAL A 388 -19.88 -38.39 7.76
C VAL A 388 -18.60 -39.04 8.27
N PHE A 389 -18.07 -38.56 9.40
CA PHE A 389 -16.87 -39.15 9.97
C PHE A 389 -17.10 -40.59 10.38
N GLN A 390 -18.27 -40.87 10.96
CA GLN A 390 -18.62 -42.25 11.31
C GLN A 390 -18.60 -43.14 10.07
N GLN A 391 -19.16 -42.65 8.97
CA GLN A 391 -19.18 -43.45 7.75
C GLN A 391 -17.83 -43.52 7.04
N GLN A 392 -16.93 -42.57 7.31
CA GLN A 392 -15.67 -42.48 6.58
C GLN A 392 -14.50 -43.16 7.26
N LEU A 393 -14.43 -43.16 8.59
CA LEU A 393 -13.23 -43.67 9.26
C LEU A 393 -12.91 -45.11 8.89
N PRO A 394 -13.86 -46.07 8.94
CA PRO A 394 -13.51 -47.43 8.50
C PRO A 394 -13.06 -47.51 7.05
N LEU A 395 -13.69 -46.74 6.15
CA LEU A 395 -13.31 -46.78 4.75
C LEU A 395 -11.90 -46.27 4.55
N PHE A 396 -11.53 -45.19 5.24
CA PHE A 396 -10.17 -44.67 5.15
C PHE A 396 -9.17 -45.65 5.72
N LEU A 397 -9.47 -46.23 6.88
CA LEU A 397 -8.56 -47.20 7.48
C LEU A 397 -8.44 -48.47 6.64
N GLU A 398 -9.42 -48.75 5.78
CA GLU A 398 -9.32 -49.89 4.88
C GLU A 398 -8.51 -49.55 3.64
N ARG A 399 -8.78 -48.40 3.01
CA ARG A 399 -8.09 -48.04 1.78
C ARG A 399 -6.72 -47.44 2.02
N CYS A 400 -6.41 -47.02 3.24
CA CYS A 400 -5.10 -46.51 3.61
C CYS A 400 -4.64 -47.21 4.88
N PRO A 401 -4.26 -48.49 4.77
CA PRO A 401 -4.02 -49.29 5.99
C PRO A 401 -2.71 -48.98 6.70
N HIS A 402 -1.72 -48.44 6.02
CA HIS A 402 -0.43 -48.19 6.67
C HIS A 402 -0.57 -47.07 7.70
N PRO A 403 -0.10 -47.28 8.93
CA PRO A 403 -0.24 -46.23 9.95
C PRO A 403 0.51 -44.95 9.61
N VAL A 404 1.54 -45.02 8.75
CA VAL A 404 2.31 -43.83 8.40
C VAL A 404 1.45 -42.80 7.70
N THR A 405 0.48 -43.24 6.89
CA THR A 405 -0.41 -42.31 6.20
C THR A 405 -1.19 -41.46 7.21
N LEU A 406 -1.84 -42.10 8.18
CA LEU A 406 -2.61 -41.34 9.17
C LEU A 406 -1.70 -40.51 10.05
N ALA A 407 -0.52 -41.03 10.41
CA ALA A 407 0.40 -40.26 11.24
C ALA A 407 0.87 -39.00 10.51
N GLY A 408 1.17 -39.12 9.22
CA GLY A 408 1.56 -37.96 8.44
C GLY A 408 0.43 -36.96 8.27
N MET A 409 -0.80 -37.47 8.07
CA MET A 409 -1.94 -36.56 7.98
C MET A 409 -2.15 -35.81 9.29
N LEU A 410 -1.95 -36.49 10.42
CA LEU A 410 -2.04 -35.82 11.71
C LEU A 410 -0.93 -34.78 11.87
N GLU A 411 0.28 -35.11 11.41
CA GLU A 411 1.40 -34.17 11.53
C GLU A 411 1.35 -33.04 10.50
N MET A 412 0.65 -33.23 9.39
CA MET A 412 0.58 -32.21 8.35
C MET A 412 -0.44 -31.13 8.65
N GLY A 413 -1.23 -31.28 9.72
CA GLY A 413 -2.28 -30.33 10.03
C GLY A 413 -1.99 -29.44 11.22
N VAL A 414 -0.71 -29.31 11.58
CA VAL A 414 -0.30 -28.47 12.70
C VAL A 414 0.72 -27.43 12.26
N SER A 415 0.57 -26.94 11.03
CA SER A 415 1.45 -25.92 10.50
C SER A 415 1.47 -24.69 11.40
N TYR A 416 2.58 -23.94 11.33
CA TYR A 416 2.80 -22.82 12.24
C TYR A 416 3.82 -21.89 11.60
N LEU A 417 3.43 -20.63 11.38
CA LEU A 417 4.29 -19.64 10.74
C LEU A 417 4.48 -18.44 11.67
N PRO A 418 5.62 -18.30 12.33
CA PRO A 418 5.84 -17.15 13.19
C PRO A 418 6.01 -15.87 12.40
N VAL A 419 5.55 -14.76 12.98
CA VAL A 419 5.65 -13.44 12.37
C VAL A 419 5.90 -12.41 13.47
N ASN A 420 6.19 -11.18 13.05
CA ASN A 420 6.42 -10.08 13.97
C ASN A 420 5.83 -8.81 13.36
N GLN A 421 6.17 -7.65 13.95
CA GLN A 421 5.67 -6.38 13.44
C GLN A 421 6.13 -6.11 12.01
N ASN A 422 7.22 -6.75 11.58
CA ASN A 422 7.63 -6.65 10.20
C ASN A 422 6.56 -7.18 9.25
N TRP A 423 5.65 -8.03 9.74
CA TRP A 423 4.52 -8.43 8.91
C TRP A 423 3.62 -7.24 8.59
N GLU A 424 3.30 -6.44 9.61
CA GLU A 424 2.52 -5.23 9.39
C GLU A 424 3.27 -4.25 8.50
N ARG A 425 4.59 -4.11 8.72
CA ARG A 425 5.38 -3.24 7.87
C ARG A 425 5.35 -3.72 6.42
N TYR A 426 5.46 -5.03 6.21
CA TYR A 426 5.42 -5.58 4.86
C TYR A 426 4.09 -5.33 4.20
N LEU A 427 2.99 -5.53 4.94
CA LEU A 427 1.67 -5.24 4.39
C LEU A 427 1.56 -3.79 3.97
N ALA A 428 1.96 -2.87 4.86
CA ALA A 428 1.85 -1.44 4.56
C ALA A 428 2.71 -1.06 3.37
N GLU A 429 3.96 -1.52 3.34
CA GLU A 429 4.87 -1.14 2.26
C GLU A 429 4.44 -1.74 0.93
N ALA A 430 3.98 -3.00 0.93
CA ALA A 430 3.51 -3.61 -0.29
C ALA A 430 2.27 -2.89 -0.82
N GLN A 431 1.34 -2.54 0.07
CA GLN A 431 0.16 -1.80 -0.36
C GLN A 431 0.53 -0.43 -0.89
N GLY A 432 1.48 0.25 -0.25
CA GLY A 432 1.89 1.56 -0.72
C GLY A 432 2.55 1.51 -2.08
N THR A 433 3.46 0.56 -2.28
CA THR A 433 4.13 0.42 -3.57
C THR A 433 3.13 0.02 -4.66
N TYR A 434 2.20 -0.88 -4.33
CA TYR A 434 1.17 -1.26 -5.29
C TYR A 434 0.31 -0.07 -5.67
N GLU A 435 -0.06 0.75 -4.68
CA GLU A 435 -0.85 1.94 -4.97
C GLU A 435 -0.08 2.93 -5.82
N GLU A 436 1.22 3.11 -5.55
CA GLU A 436 2.01 4.05 -6.35
C GLU A 436 2.12 3.58 -7.81
N LEU A 437 2.39 2.30 -8.01
CA LEU A 437 2.52 1.80 -9.38
C LEU A 437 1.18 1.81 -10.10
N GLN A 438 0.11 1.39 -9.41
CA GLN A 438 -1.22 1.47 -9.98
C GLN A 438 -1.59 2.91 -10.31
N ARG A 439 -1.14 3.87 -9.49
CA ARG A 439 -1.46 5.27 -9.73
C ARG A 439 -0.70 5.82 -10.92
N GLU A 440 0.55 5.40 -11.11
CA GLU A 440 1.28 5.80 -12.32
C GLU A 440 0.60 5.24 -13.56
N MET A 441 0.25 3.95 -13.53
CA MET A 441 -0.43 3.33 -14.67
C MET A 441 -1.76 4.02 -14.95
N LYS A 442 -2.52 4.30 -13.89
CA LYS A 442 -3.81 4.97 -14.06
C LYS A 442 -3.64 6.41 -14.52
N LYS A 443 -2.57 7.09 -14.11
CA LYS A 443 -2.32 8.43 -14.63
C LYS A 443 -2.12 8.38 -16.13
N SER A 444 -1.30 7.44 -16.60
CA SER A 444 -1.07 7.32 -18.04
C SER A 444 -2.37 6.99 -18.77
N LEU A 445 -3.11 6.00 -18.27
CA LEU A 445 -4.34 5.57 -18.94
C LEU A 445 -5.41 6.66 -18.90
N MET A 446 -5.52 7.38 -17.78
CA MET A 446 -6.50 8.44 -17.67
C MET A 446 -6.15 9.61 -18.56
N ASP A 447 -4.86 9.92 -18.71
CA ASP A 447 -4.47 10.95 -19.68
C ASP A 447 -4.86 10.53 -21.09
N LEU A 448 -4.61 9.26 -21.44
CA LEU A 448 -4.97 8.78 -22.77
C LEU A 448 -6.48 8.80 -22.97
N ALA A 449 -7.26 8.50 -21.93
CA ALA A 449 -8.71 8.52 -22.05
C ALA A 449 -9.26 9.94 -22.15
N ASN A 450 -8.74 10.85 -21.33
CA ASN A 450 -9.19 12.24 -21.37
C ASN A 450 -8.86 12.88 -22.71
N ASP A 451 -7.65 12.64 -23.23
CA ASP A 451 -7.30 13.19 -24.52
C ASP A 451 -8.10 12.55 -25.66
N ALA A 452 -8.61 11.34 -25.46
CA ALA A 452 -9.39 10.66 -26.49
C ALA A 452 -10.81 11.20 -26.63
N CYS A 453 -11.36 11.80 -25.56
CA CYS A 453 -12.73 12.30 -25.62
C CYS A 453 -12.89 13.43 -26.64
N GLN A 454 -11.80 14.06 -27.04
CA GLN A 454 -11.87 15.15 -28.01
C GLN A 454 -12.18 14.67 -29.42
N LEU A 455 -12.14 13.36 -29.66
CA LEU A 455 -12.51 12.81 -30.96
C LEU A 455 -14.01 12.71 -31.16
N LEU A 456 -14.81 13.00 -30.12
CA LEU A 456 -16.25 13.05 -30.28
C LEU A 456 -16.67 14.17 -31.22
N SER A 457 -15.96 15.29 -31.18
CA SER A 457 -16.27 16.42 -32.04
C SER A 457 -15.98 16.06 -33.49
N GLY A 458 -16.95 16.35 -34.36
CA GLY A 458 -16.78 16.07 -35.78
C GLY A 458 -16.83 14.61 -36.17
N GLU A 459 -17.21 13.74 -35.24
CA GLU A 459 -17.25 12.29 -35.49
C GLU A 459 -15.90 11.78 -35.99
N ARG A 460 -14.83 12.28 -35.38
CA ARG A 460 -13.48 11.86 -35.75
C ARG A 460 -13.12 10.49 -35.20
N TYR A 461 -13.91 9.94 -34.26
CA TYR A 461 -13.64 8.61 -33.75
C TYR A 461 -13.84 7.53 -34.81
N LYS A 462 -14.64 7.80 -35.83
CA LYS A 462 -14.82 6.85 -36.92
C LYS A 462 -13.56 6.68 -37.75
N GLU A 463 -12.57 7.56 -37.60
CA GLU A 463 -11.30 7.44 -38.30
C GLU A 463 -10.17 6.94 -37.43
N ASP A 464 -10.41 6.77 -36.13
CA ASP A 464 -9.39 6.22 -35.24
C ASP A 464 -9.35 4.70 -35.38
N PRO A 465 -8.22 4.10 -35.74
CA PRO A 465 -8.17 2.65 -35.93
C PRO A 465 -8.31 1.84 -34.65
N TRP A 466 -8.52 2.47 -33.51
CA TRP A 466 -8.64 1.75 -32.24
C TRP A 466 -9.98 1.96 -31.56
N LEU A 467 -10.44 3.20 -31.45
CA LEU A 467 -11.60 3.53 -30.64
C LEU A 467 -12.88 3.70 -31.46
N TRP A 468 -12.89 3.23 -32.71
CA TRP A 468 -14.06 3.44 -33.56
C TRP A 468 -15.22 2.54 -33.16
N ASP A 469 -14.94 1.39 -32.54
CA ASP A 469 -15.97 0.42 -32.19
C ASP A 469 -16.65 0.72 -30.87
N LEU A 470 -16.13 1.65 -30.08
CA LEU A 470 -16.74 1.96 -28.80
C LEU A 470 -18.04 2.73 -29.00
N GLU A 471 -18.81 2.86 -27.92
CA GLU A 471 -20.08 3.56 -27.95
C GLU A 471 -19.85 5.03 -27.59
N TRP A 472 -20.08 5.91 -28.57
CA TRP A 472 -19.96 7.35 -28.38
C TRP A 472 -21.30 8.03 -28.21
N ASP A 473 -22.28 7.34 -27.64
CA ASP A 473 -23.61 7.89 -27.48
C ASP A 473 -23.62 9.01 -26.43
N LEU A 474 -24.52 9.97 -26.63
CA LEU A 474 -24.73 11.06 -25.69
C LEU A 474 -26.14 10.97 -25.12
N GLN A 475 -26.25 11.06 -23.81
CA GLN A 475 -27.53 11.00 -23.12
C GLN A 475 -28.01 12.41 -22.82
N GLU A 476 -29.27 12.69 -23.15
CA GLU A 476 -29.86 13.98 -22.82
C GLU A 476 -30.12 14.06 -21.32
N PHE A 477 -30.15 15.29 -20.81
CA PHE A 477 -30.38 15.52 -19.38
C PHE A 477 -31.88 15.47 -19.11
N LYS A 478 -32.30 14.56 -18.24
CA LYS A 478 -33.70 14.30 -17.98
C LYS A 478 -34.23 15.21 -16.88
N GLN A 479 -35.50 15.61 -17.03
CA GLN A 479 -36.20 16.40 -16.03
C GLN A 479 -37.61 15.89 -15.88
N LYS A 480 -38.20 16.12 -14.71
CA LYS A 480 -39.57 15.70 -14.44
C LYS A 480 -40.57 16.53 -15.26
N PRO A 514 -17.58 53.23 -4.79
CA PRO A 514 -17.63 52.66 -3.44
C PRO A 514 -19.05 52.50 -2.91
N CYS A 515 -19.22 51.67 -1.90
CA CYS A 515 -20.53 51.42 -1.30
C CYS A 515 -20.41 51.50 0.21
N SER A 516 -21.48 51.96 0.85
CA SER A 516 -21.51 52.05 2.31
C SER A 516 -21.64 50.65 2.92
N GLU A 517 -21.48 50.59 4.24
CA GLU A 517 -21.60 49.32 4.94
C GLU A 517 -22.99 48.73 4.80
N GLU A 518 -24.02 49.57 4.96
CA GLU A 518 -25.39 49.11 4.79
C GLU A 518 -25.64 48.66 3.37
N GLU A 519 -25.13 49.40 2.38
CA GLU A 519 -25.32 49.01 0.99
C GLU A 519 -24.63 47.69 0.68
N GLU A 520 -23.41 47.51 1.18
CA GLU A 520 -22.70 46.25 0.97
C GLU A 520 -23.44 45.09 1.61
N PHE A 521 -23.93 45.28 2.84
CA PHE A 521 -24.68 44.23 3.52
C PHE A 521 -25.95 43.89 2.75
N GLN A 522 -26.67 44.90 2.28
CA GLN A 522 -27.89 44.66 1.52
C GLN A 522 -27.59 43.91 0.22
N GLN A 523 -26.52 44.29 -0.48
CA GLN A 523 -26.18 43.59 -1.72
C GLN A 523 -25.80 42.14 -1.45
N ASP A 524 -25.03 41.90 -0.38
CA ASP A 524 -24.65 40.52 -0.05
C ASP A 524 -25.87 39.69 0.30
N VAL A 525 -26.79 40.26 1.10
CA VAL A 525 -28.00 39.52 1.48
C VAL A 525 -28.86 39.26 0.25
N MET A 526 -28.96 40.25 -0.66
CA MET A 526 -29.74 40.05 -1.87
C MET A 526 -29.15 38.95 -2.74
N ALA A 527 -27.83 38.94 -2.90
CA ALA A 527 -27.19 37.88 -3.68
C ALA A 527 -27.42 36.51 -3.06
N ARG A 528 -27.25 36.41 -1.73
CA ARG A 528 -27.42 35.13 -1.06
C ARG A 528 -28.87 34.64 -1.17
N ALA A 529 -29.84 35.55 -0.99
CA ALA A 529 -31.24 35.17 -1.11
C ALA A 529 -31.59 34.76 -2.53
N CYS A 530 -31.07 35.48 -3.53
CA CYS A 530 -31.34 35.11 -4.91
C CYS A 530 -30.76 33.74 -5.23
N LEU A 531 -29.55 33.46 -4.73
CA LEU A 531 -28.96 32.14 -4.94
C LEU A 531 -29.77 31.06 -4.25
N GLN A 532 -30.26 31.34 -3.03
CA GLN A 532 -31.07 30.37 -2.31
C GLN A 532 -32.41 30.13 -3.01
N LYS A 533 -32.93 31.14 -3.70
CA LYS A 533 -34.19 30.98 -4.42
C LYS A 533 -34.07 29.93 -5.52
N LEU A 534 -32.98 29.98 -6.29
CA LEU A 534 -32.74 28.97 -7.31
C LEU A 534 -32.29 27.64 -6.73
N LYS A 535 -31.85 27.62 -5.48
CA LYS A 535 -31.47 26.36 -4.84
C LYS A 535 -32.67 25.47 -4.61
N GLY A 536 -33.85 26.06 -4.42
CA GLY A 536 -35.05 25.31 -4.12
C GLY A 536 -35.73 24.66 -5.30
N THR A 537 -35.20 24.83 -6.51
CA THR A 537 -35.76 24.20 -7.70
C THR A 537 -35.42 22.72 -7.80
N THR A 538 -34.89 22.12 -6.74
CA THR A 538 -34.55 20.70 -6.74
C THR A 538 -35.79 19.81 -6.79
N GLU A 539 -36.98 20.36 -6.59
CA GLU A 539 -38.20 19.55 -6.68
C GLU A 539 -38.39 18.99 -8.08
N LEU A 540 -38.10 19.79 -9.11
CA LEU A 540 -38.24 19.34 -10.48
C LEU A 540 -37.15 18.37 -10.90
N LEU A 541 -36.04 18.33 -10.16
CA LEU A 541 -34.96 17.42 -10.51
C LEU A 541 -35.37 15.97 -10.20
N PRO A 542 -35.06 15.03 -11.09
CA PRO A 542 -35.28 13.61 -10.76
C PRO A 542 -34.46 13.20 -9.55
N LYS A 543 -35.05 12.33 -8.72
CA LYS A 543 -34.42 11.92 -7.48
C LYS A 543 -33.24 10.97 -7.69
N ARG A 544 -33.10 10.39 -8.87
CA ARG A 544 -31.96 9.54 -9.17
C ARG A 544 -30.96 10.33 -9.99
N PRO A 545 -29.79 10.67 -9.44
CA PRO A 545 -28.84 11.51 -10.19
C PRO A 545 -28.28 10.76 -11.39
N GLN A 546 -28.39 11.38 -12.56
CA GLN A 546 -27.92 10.76 -13.79
C GLN A 546 -26.41 10.74 -13.83
N HIS A 547 -25.85 9.66 -14.36
CA HIS A 547 -24.40 9.44 -14.35
C HIS A 547 -23.79 9.99 -15.63
N LEU A 548 -23.14 11.14 -15.55
CA LEU A 548 -22.37 11.77 -16.62
C LEU A 548 -23.08 11.69 -17.97
N PRO A 549 -24.24 12.34 -18.11
CA PRO A 549 -24.95 12.29 -19.40
C PRO A 549 -24.15 12.86 -20.56
N GLY A 550 -23.32 13.87 -20.32
CA GLY A 550 -22.60 14.53 -21.39
C GLY A 550 -21.36 13.81 -21.89
N HIS A 551 -20.96 12.73 -21.25
CA HIS A 551 -19.77 12.01 -21.67
C HIS A 551 -20.15 10.80 -22.50
N PRO A 552 -19.27 10.34 -23.38
CA PRO A 552 -19.54 9.13 -24.15
C PRO A 552 -19.65 7.90 -23.25
N GLY A 553 -20.36 6.89 -23.77
CA GLY A 553 -20.66 5.72 -22.96
C GLY A 553 -19.42 4.97 -22.51
N TRP A 554 -18.43 4.82 -23.40
CA TRP A 554 -17.20 4.12 -23.01
C TRP A 554 -16.48 4.88 -21.90
N TYR A 555 -16.41 6.21 -22.00
CA TYR A 555 -15.83 7.00 -20.92
C TYR A 555 -16.73 6.98 -19.69
N ARG A 556 -18.04 6.86 -19.89
CA ARG A 556 -18.97 6.80 -18.78
C ARG A 556 -18.73 5.55 -17.92
N LYS A 557 -18.48 4.41 -18.57
CA LYS A 557 -18.25 3.17 -17.84
C LYS A 557 -16.96 3.18 -17.04
N LEU A 558 -16.00 4.01 -17.40
CA LEU A 558 -14.69 4.04 -16.75
C LEU A 558 -14.65 4.96 -15.54
N CYS A 559 -15.73 5.67 -15.23
CA CYS A 559 -15.71 6.61 -14.13
C CYS A 559 -16.60 6.15 -13.00
N PRO A 560 -16.15 6.26 -11.75
CA PRO A 560 -17.03 5.96 -10.62
C PRO A 560 -18.17 6.94 -10.52
N ARG A 561 -19.32 6.44 -10.06
CA ARG A 561 -20.47 7.30 -9.83
C ARG A 561 -20.25 8.15 -8.58
N LEU A 562 -20.94 9.29 -8.54
CA LEU A 562 -20.75 10.22 -7.42
C LEU A 562 -21.17 9.61 -6.10
N ASP A 563 -22.13 8.67 -6.12
CA ASP A 563 -22.59 8.03 -4.90
C ASP A 563 -21.56 7.07 -4.33
N ASP A 564 -20.57 6.66 -5.13
CA ASP A 564 -19.57 5.71 -4.68
C ASP A 564 -18.73 6.32 -3.56
N PRO A 565 -18.63 5.67 -2.39
CA PRO A 565 -17.81 6.23 -1.31
C PRO A 565 -16.34 6.33 -1.65
N ALA A 566 -15.83 5.54 -2.59
CA ALA A 566 -14.44 5.58 -3.01
C ALA A 566 -14.25 6.36 -4.30
N TRP A 567 -15.01 7.43 -4.47
CA TRP A 567 -14.96 8.19 -5.71
C TRP A 567 -13.62 8.88 -5.89
N THR A 568 -13.11 8.85 -7.12
CA THR A 568 -11.86 9.48 -7.49
C THR A 568 -12.10 10.15 -8.84
N PRO A 569 -11.69 11.40 -9.03
CA PRO A 569 -12.00 12.10 -10.28
C PRO A 569 -11.34 11.45 -11.49
N GLY A 570 -11.99 11.61 -12.64
CA GLY A 570 -11.49 11.06 -13.88
C GLY A 570 -11.86 9.60 -14.04
N PRO A 571 -11.47 9.01 -15.17
CA PRO A 571 -11.75 7.58 -15.38
C PRO A 571 -10.88 6.69 -14.51
N SER A 572 -11.13 6.70 -13.20
CA SER A 572 -10.31 5.93 -12.28
C SER A 572 -10.50 4.43 -12.45
N LEU A 573 -11.68 4.01 -12.91
CA LEU A 573 -11.94 2.59 -13.17
C LEU A 573 -11.37 2.22 -14.54
N LEU A 574 -10.04 2.16 -14.58
CA LEU A 574 -9.33 1.86 -15.83
C LEU A 574 -8.06 1.12 -15.50
N SER A 575 -7.81 0.02 -16.23
CA SER A 575 -6.65 -0.83 -15.97
C SER A 575 -6.25 -1.51 -17.27
N LEU A 576 -5.04 -2.09 -17.26
CA LEU A 576 -4.54 -2.77 -18.45
C LEU A 576 -5.37 -3.98 -18.80
N GLN A 577 -6.04 -4.58 -17.82
CA GLN A 577 -6.85 -5.77 -18.07
C GLN A 577 -8.13 -5.47 -18.83
N MET A 578 -8.59 -4.22 -18.81
CA MET A 578 -9.80 -3.86 -19.54
C MET A 578 -9.57 -3.90 -21.03
N ARG A 579 -10.62 -4.27 -21.76
CA ARG A 579 -10.53 -4.45 -23.22
C ARG A 579 -10.38 -3.13 -23.97
N VAL A 580 -10.55 -1.99 -23.30
CA VAL A 580 -10.37 -0.70 -23.96
C VAL A 580 -8.98 -0.13 -23.77
N THR A 581 -8.20 -0.68 -22.84
CA THR A 581 -6.84 -0.15 -22.61
C THR A 581 -5.92 -0.31 -23.82
N PRO A 582 -5.84 -1.48 -24.48
CA PRO A 582 -4.99 -1.55 -25.68
C PRO A 582 -5.41 -0.59 -26.77
N LYS A 583 -6.71 -0.34 -26.92
CA LYS A 583 -7.17 0.65 -27.90
C LYS A 583 -6.76 2.06 -27.48
N LEU A 584 -6.84 2.36 -26.19
CA LEU A 584 -6.40 3.68 -25.71
C LEU A 584 -4.91 3.87 -25.91
N MET A 585 -4.10 2.86 -25.62
CA MET A 585 -2.66 2.95 -25.80
C MET A 585 -2.25 2.74 -27.25
N ALA A 586 -3.18 2.39 -28.13
CA ALA A 586 -2.91 2.21 -29.55
C ALA A 586 -1.81 1.17 -29.79
N LEU A 587 -1.94 0.02 -29.14
CA LEU A 587 -0.96 -1.03 -29.28
C LEU A 587 -1.00 -1.62 -30.68
N THR A 588 0.18 -1.89 -31.23
CA THR A 588 0.31 -2.47 -32.56
C THR A 588 1.19 -3.70 -32.49
N TRP A 589 0.84 -4.72 -33.27
CA TRP A 589 1.62 -5.94 -33.39
C TRP A 589 2.18 -6.01 -34.81
N ASP A 590 3.49 -5.84 -34.93
CA ASP A 590 4.17 -5.80 -36.23
C ASP A 590 3.57 -4.72 -37.12
N GLY A 591 3.24 -3.59 -36.53
CA GLY A 591 2.66 -2.49 -37.28
C GLY A 591 1.20 -2.64 -37.65
N PHE A 592 0.45 -3.46 -36.90
CA PHE A 592 -0.96 -3.66 -37.18
C PHE A 592 -1.76 -3.40 -35.91
N PRO A 593 -2.84 -2.61 -35.98
CA PRO A 593 -3.58 -2.25 -34.77
C PRO A 593 -4.21 -3.46 -34.12
N LEU A 594 -4.24 -3.45 -32.78
CA LEU A 594 -4.85 -4.55 -32.04
C LEU A 594 -6.37 -4.49 -32.16
N HIS A 595 -6.98 -5.64 -32.41
CA HIS A 595 -8.42 -5.78 -32.52
C HIS A 595 -8.88 -6.97 -31.69
N TYR A 596 -10.03 -6.82 -31.04
CA TYR A 596 -10.56 -7.86 -30.17
C TYR A 596 -11.71 -8.58 -30.86
N SER A 597 -11.67 -9.91 -30.83
CA SER A 597 -12.76 -10.74 -31.32
C SER A 597 -13.36 -11.50 -30.14
N GLU A 598 -14.68 -11.47 -30.03
CA GLU A 598 -15.35 -12.13 -28.90
C GLU A 598 -15.12 -13.64 -28.92
N ARG A 599 -14.93 -14.22 -30.09
CA ARG A 599 -14.74 -15.66 -30.22
C ARG A 599 -13.28 -16.09 -30.17
N HIS A 600 -12.37 -15.25 -30.68
CA HIS A 600 -10.96 -15.64 -30.81
C HIS A 600 -10.03 -14.74 -30.00
N GLY A 601 -10.56 -14.05 -28.99
CA GLY A 601 -9.72 -13.25 -28.12
C GLY A 601 -9.11 -12.05 -28.84
N TRP A 602 -7.93 -11.65 -28.37
CA TRP A 602 -7.24 -10.51 -28.94
C TRP A 602 -6.56 -10.88 -30.26
N GLY A 603 -6.04 -9.86 -30.93
CA GLY A 603 -5.43 -10.07 -32.23
C GLY A 603 -5.10 -8.73 -32.87
N TYR A 604 -4.85 -8.77 -34.17
CA TYR A 604 -4.51 -7.56 -34.91
C TYR A 604 -5.10 -7.63 -36.30
N LEU A 605 -5.28 -6.46 -36.91
CA LEU A 605 -5.88 -6.33 -38.24
C LEU A 605 -4.80 -5.99 -39.25
N VAL A 606 -4.68 -6.81 -40.29
CA VAL A 606 -3.72 -6.58 -41.37
C VAL A 606 -4.50 -5.99 -42.55
N PRO A 607 -4.33 -4.71 -42.86
CA PRO A 607 -5.08 -4.12 -43.97
C PRO A 607 -4.68 -4.72 -45.31
N GLY A 608 -5.64 -4.74 -46.23
CA GLY A 608 -5.38 -5.24 -47.57
C GLY A 608 -6.49 -6.11 -48.12
N ARG A 609 -7.51 -6.36 -47.31
CA ARG A 609 -8.63 -7.20 -47.75
C ARG A 609 -9.43 -6.51 -48.84
N ARG A 610 -9.81 -7.28 -49.85
CA ARG A 610 -10.61 -6.77 -50.96
C ARG A 610 -12.08 -7.10 -50.84
N ASP A 611 -12.41 -8.29 -50.33
CA ASP A 611 -13.81 -8.69 -50.17
C ASP A 611 -14.37 -8.19 -48.85
N HIS A 715 1.36 -11.73 -44.98
CA HIS A 715 1.59 -11.95 -43.55
C HIS A 715 1.24 -13.38 -43.16
N HIS A 716 2.05 -13.95 -42.27
CA HIS A 716 1.83 -15.30 -41.76
C HIS A 716 1.80 -15.24 -40.25
N GLY A 717 0.78 -15.83 -39.65
CA GLY A 717 0.61 -15.79 -38.22
C GLY A 717 -0.27 -16.92 -37.74
N ASN A 718 -1.05 -16.64 -36.70
CA ASN A 718 -1.92 -17.68 -36.12
C ASN A 718 -2.96 -18.14 -37.13
N GLY A 719 -3.54 -17.21 -37.88
CA GLY A 719 -4.49 -17.56 -38.91
C GLY A 719 -5.47 -16.45 -39.21
N PRO A 720 -5.78 -16.26 -40.49
CA PRO A 720 -6.77 -15.24 -40.89
C PRO A 720 -8.20 -15.74 -40.71
N TYR A 721 -8.69 -15.63 -39.48
CA TYR A 721 -10.05 -16.05 -39.16
C TYR A 721 -11.06 -15.16 -39.89
N ASN A 722 -12.05 -15.80 -40.49
CA ASN A 722 -13.06 -15.10 -41.28
C ASN A 722 -14.36 -14.91 -40.52
N ASP A 723 -14.38 -15.18 -39.22
CA ASP A 723 -15.57 -14.98 -38.40
C ASP A 723 -15.75 -13.52 -37.99
N VAL A 724 -14.79 -12.65 -38.27
CA VAL A 724 -14.85 -11.27 -37.82
C VAL A 724 -15.53 -10.37 -38.85
N ASP A 725 -15.23 -10.56 -40.13
CA ASP A 725 -15.84 -9.80 -41.22
C ASP A 725 -15.64 -8.29 -41.04
N ILE A 726 -14.47 -7.90 -40.58
CA ILE A 726 -14.10 -6.49 -40.52
C ILE A 726 -13.73 -6.04 -41.93
N PRO A 727 -14.37 -5.01 -42.47
CA PRO A 727 -14.11 -4.62 -43.87
C PRO A 727 -12.67 -4.20 -44.07
N GLY A 728 -12.06 -4.70 -45.15
CA GLY A 728 -10.71 -4.32 -45.51
C GLY A 728 -9.66 -4.70 -44.50
N CYS A 729 -9.83 -5.81 -43.78
CA CYS A 729 -8.87 -6.22 -42.77
C CYS A 729 -8.91 -7.73 -42.62
N TRP A 730 -7.83 -8.27 -42.05
CA TRP A 730 -7.72 -9.67 -41.67
C TRP A 730 -7.45 -9.76 -40.18
N PHE A 731 -8.07 -10.72 -39.51
CA PHE A 731 -7.87 -10.91 -38.08
C PHE A 731 -6.89 -12.05 -37.87
N PHE A 732 -5.80 -11.76 -37.18
CA PHE A 732 -4.80 -12.75 -36.78
C PHE A 732 -4.70 -12.75 -35.26
N LYS A 733 -4.87 -13.92 -34.65
CA LYS A 733 -4.74 -14.02 -33.21
C LYS A 733 -3.31 -13.75 -32.78
N LEU A 734 -3.16 -13.11 -31.62
CA LEU A 734 -1.82 -12.94 -31.06
C LEU A 734 -1.26 -14.32 -30.69
N PRO A 735 0.02 -14.57 -30.99
CA PRO A 735 0.60 -15.86 -30.62
C PRO A 735 0.50 -16.10 -29.12
N HIS A 736 0.10 -17.32 -28.76
CA HIS A 736 -0.10 -17.69 -27.37
C HIS A 736 0.93 -18.74 -26.96
N LYS A 737 1.36 -18.66 -25.71
CA LYS A 737 2.35 -19.60 -25.18
C LYS A 737 1.83 -21.03 -25.10
N ASP A 738 0.53 -21.23 -25.21
CA ASP A 738 -0.06 -22.56 -25.08
C ASP A 738 -0.61 -23.11 -26.38
N GLY A 739 -0.49 -22.39 -27.49
CA GLY A 739 -0.85 -22.89 -28.80
C GLY A 739 -1.99 -22.11 -29.43
N ASN A 740 -2.39 -22.58 -30.60
CA ASN A 740 -3.45 -21.95 -31.37
C ASN A 740 -4.85 -22.26 -30.84
N SER A 741 -4.98 -23.17 -29.88
CA SER A 741 -6.27 -23.50 -29.29
C SER A 741 -6.64 -22.58 -28.14
N CYS A 742 -5.76 -21.65 -27.76
CA CYS A 742 -6.01 -20.72 -26.68
C CYS A 742 -6.17 -19.31 -27.23
N ASN A 743 -6.88 -18.47 -26.46
CA ASN A 743 -7.15 -17.09 -26.85
C ASN A 743 -6.41 -16.14 -25.92
N VAL A 744 -5.98 -15.02 -26.47
CA VAL A 744 -5.29 -13.98 -25.71
C VAL A 744 -6.32 -13.02 -25.15
N GLY A 745 -6.43 -12.98 -23.83
CA GLY A 745 -7.40 -12.11 -23.19
C GLY A 745 -6.81 -10.80 -22.72
N SER A 746 -5.49 -10.68 -22.76
CA SER A 746 -4.80 -9.47 -22.33
C SER A 746 -3.46 -9.35 -23.02
N PRO A 747 -3.26 -8.36 -23.88
CA PRO A 747 -1.95 -8.18 -24.53
C PRO A 747 -0.85 -7.74 -23.59
N PHE A 748 -1.17 -7.43 -22.33
CA PHE A 748 -0.18 -7.01 -21.35
C PHE A 748 0.32 -8.17 -20.50
N ALA A 749 0.27 -9.38 -21.03
CA ALA A 749 0.75 -10.54 -20.30
C ALA A 749 2.28 -10.52 -20.20
N LYS A 750 2.81 -11.33 -19.28
CA LYS A 750 4.25 -11.40 -19.09
C LYS A 750 4.96 -11.89 -20.34
N ASP A 751 4.33 -12.79 -21.09
CA ASP A 751 4.95 -13.37 -22.27
C ASP A 751 5.14 -12.36 -23.41
N PHE A 752 4.51 -11.20 -23.34
CA PHE A 752 4.63 -10.18 -24.37
C PHE A 752 5.70 -9.15 -24.05
N LEU A 753 6.33 -9.22 -22.88
CA LEU A 753 7.47 -8.34 -22.61
C LEU A 753 8.63 -8.57 -23.56
N PRO A 754 9.05 -9.81 -23.87
CA PRO A 754 10.08 -9.97 -24.91
C PRO A 754 9.65 -9.42 -26.25
N LYS A 755 8.37 -9.54 -26.61
CA LYS A 755 7.90 -9.02 -27.88
C LYS A 755 7.83 -7.49 -27.86
N MET A 756 7.50 -6.91 -26.71
CA MET A 756 7.55 -5.45 -26.57
C MET A 756 8.98 -4.94 -26.71
N GLU A 757 9.95 -5.64 -26.10
CA GLU A 757 11.34 -5.22 -26.19
C GLU A 757 11.89 -5.41 -27.59
N ASP A 758 11.49 -6.49 -28.27
CA ASP A 758 11.96 -6.74 -29.63
C ASP A 758 11.50 -5.63 -30.57
N GLY A 759 10.27 -5.16 -30.41
CA GLY A 759 9.70 -4.14 -31.27
C GLY A 759 8.51 -4.58 -32.08
N THR A 760 8.08 -5.84 -31.96
CA THR A 760 6.87 -6.27 -32.65
C THR A 760 5.63 -5.68 -31.98
N LEU A 761 5.61 -5.63 -30.65
CA LEU A 761 4.55 -4.99 -29.90
C LEU A 761 4.99 -3.58 -29.54
N GLN A 762 4.20 -2.59 -29.96
CA GLN A 762 4.55 -1.19 -29.75
C GLN A 762 3.33 -0.42 -29.26
N ALA A 763 3.59 0.60 -28.44
CA ALA A 763 2.55 1.49 -27.96
C ALA A 763 2.53 2.77 -28.80
N GLY A 764 1.34 3.33 -28.95
CA GLY A 764 1.14 4.52 -29.74
C GLY A 764 1.92 5.74 -29.28
N PRO A 765 1.85 6.07 -27.98
CA PRO A 765 2.66 7.20 -27.49
C PRO A 765 4.16 7.01 -27.66
N GLY A 766 4.64 5.78 -27.79
CA GLY A 766 6.03 5.54 -28.03
C GLY A 766 6.88 5.70 -26.78
N GLY A 767 8.19 5.78 -27.01
CA GLY A 767 9.12 5.86 -25.91
C GLY A 767 9.09 4.59 -25.08
N ALA A 768 8.90 4.75 -23.78
CA ALA A 768 8.82 3.62 -22.87
C ALA A 768 7.40 3.34 -22.38
N SER A 769 6.40 3.94 -23.02
CA SER A 769 5.03 3.84 -22.52
C SER A 769 4.56 2.39 -22.46
N GLY A 770 4.76 1.65 -23.56
CA GLY A 770 4.41 0.25 -23.61
C GLY A 770 5.24 -0.62 -22.67
N PRO A 771 6.58 -0.54 -22.80
CA PRO A 771 7.44 -1.31 -21.89
C PRO A 771 7.20 -0.99 -20.44
N ARG A 772 6.97 0.28 -20.09
CA ARG A 772 6.69 0.60 -18.68
C ARG A 772 5.36 0.01 -18.23
N ALA A 773 4.36 0.03 -19.11
CA ALA A 773 3.07 -0.58 -18.76
C ALA A 773 3.22 -2.06 -18.48
N LEU A 774 3.91 -2.78 -19.37
CA LEU A 774 4.11 -4.21 -19.14
C LEU A 774 4.96 -4.47 -17.91
N GLU A 775 5.97 -3.63 -17.66
CA GLU A 775 6.82 -3.80 -16.50
C GLU A 775 6.02 -3.63 -15.21
N ILE A 776 5.19 -2.59 -15.16
CA ILE A 776 4.36 -2.36 -13.97
C ILE A 776 3.35 -3.48 -13.80
N ASN A 777 2.79 -3.97 -14.92
CA ASN A 777 1.87 -5.09 -14.83
C ASN A 777 2.53 -6.32 -14.24
N LYS A 778 3.77 -6.61 -14.67
CA LYS A 778 4.50 -7.73 -14.09
C LYS A 778 4.82 -7.49 -12.62
N MET A 779 5.14 -6.24 -12.27
CA MET A 779 5.49 -5.93 -10.88
C MET A 779 4.30 -6.13 -9.95
N ILE A 780 3.10 -5.71 -10.37
CA ILE A 780 1.94 -5.71 -9.49
C ILE A 780 0.97 -6.84 -9.81
N SER A 781 1.33 -7.75 -10.70
CA SER A 781 0.40 -8.81 -11.08
C SER A 781 0.13 -9.77 -9.94
N PHE A 782 1.18 -10.17 -9.21
CA PHE A 782 1.00 -11.10 -8.09
C PHE A 782 0.23 -10.44 -6.96
N TRP A 783 0.61 -9.21 -6.60
CA TRP A 783 -0.06 -8.53 -5.50
C TRP A 783 -1.52 -8.23 -5.83
N ARG A 784 -1.82 -7.93 -7.09
CA ARG A 784 -3.21 -7.71 -7.48
C ARG A 784 -4.07 -8.92 -7.17
N ASN A 785 -3.56 -10.12 -7.45
CA ASN A 785 -4.30 -11.35 -7.24
C ASN A 785 -4.19 -11.90 -5.82
N ALA A 786 -3.25 -11.40 -5.00
CA ALA A 786 -3.01 -12.00 -3.70
C ALA A 786 -3.09 -11.03 -2.53
N HIS A 787 -3.44 -9.76 -2.76
CA HIS A 787 -3.43 -8.81 -1.64
C HIS A 787 -4.58 -9.06 -0.68
N LYS A 788 -5.74 -9.48 -1.18
CA LYS A 788 -6.83 -9.82 -0.28
C LYS A 788 -6.47 -11.04 0.58
N ARG A 789 -5.82 -12.03 -0.01
CA ARG A 789 -5.40 -13.21 0.74
C ARG A 789 -4.35 -12.84 1.80
N ILE A 790 -3.32 -12.11 1.40
CA ILE A 790 -2.21 -11.83 2.30
C ILE A 790 -2.65 -10.87 3.41
N SER A 791 -3.38 -9.82 3.05
CA SER A 791 -3.79 -8.82 4.04
C SER A 791 -4.78 -9.37 5.05
N SER A 792 -5.64 -10.29 4.63
CA SER A 792 -6.66 -10.85 5.51
C SER A 792 -6.17 -12.06 6.29
N GLN A 793 -4.86 -12.35 6.25
CA GLN A 793 -4.33 -13.45 7.01
C GLN A 793 -4.59 -13.24 8.50
N MET A 794 -5.08 -14.29 9.16
CA MET A 794 -5.47 -14.20 10.56
C MET A 794 -4.21 -14.25 11.42
N VAL A 795 -3.70 -13.09 11.79
CA VAL A 795 -2.50 -12.98 12.61
C VAL A 795 -2.92 -12.73 14.05
N VAL A 796 -2.53 -13.63 14.94
CA VAL A 796 -2.79 -13.49 16.36
C VAL A 796 -1.48 -13.15 17.06
N TRP A 797 -1.44 -11.98 17.68
CA TRP A 797 -0.20 -11.47 18.27
C TRP A 797 -0.11 -11.91 19.72
N LEU A 798 0.91 -12.71 20.03
CA LEU A 798 1.07 -13.20 21.38
C LEU A 798 1.54 -12.07 22.30
N PRO A 799 0.98 -11.98 23.51
CA PRO A 799 1.52 -11.02 24.48
C PRO A 799 2.85 -11.48 25.02
N ARG A 800 3.45 -10.68 25.92
CA ARG A 800 4.75 -11.04 26.47
C ARG A 800 4.65 -12.27 27.36
N SER A 801 3.51 -12.48 28.01
CA SER A 801 3.37 -13.63 28.90
C SER A 801 3.37 -14.95 28.13
N ALA A 802 2.72 -14.98 26.96
CA ALA A 802 2.62 -16.20 26.19
C ALA A 802 3.95 -16.59 25.53
N LEU A 803 4.89 -15.66 25.44
CA LEU A 803 6.17 -15.95 24.80
C LEU A 803 7.06 -16.77 25.74
N PRO A 804 7.90 -17.63 25.18
CA PRO A 804 8.85 -18.38 26.02
C PRO A 804 9.90 -17.46 26.62
N ARG A 805 10.48 -17.93 27.72
CA ARG A 805 11.53 -17.17 28.39
C ARG A 805 12.76 -17.01 27.50
N ALA A 806 13.03 -18.00 26.64
CA ALA A 806 14.17 -17.91 25.73
C ALA A 806 14.03 -16.73 24.78
N VAL A 807 12.83 -16.50 24.26
CA VAL A 807 12.61 -15.37 23.37
C VAL A 807 12.81 -14.05 24.12
N ILE A 808 12.29 -13.97 25.35
CA ILE A 808 12.38 -12.73 26.11
C ILE A 808 13.83 -12.41 26.46
N ARG A 809 14.59 -13.41 26.91
CA ARG A 809 15.95 -13.17 27.37
C ARG A 809 16.95 -13.04 26.23
N HIS A 810 16.55 -13.27 25.00
CA HIS A 810 17.50 -13.24 23.89
C HIS A 810 17.93 -11.81 23.59
N PRO A 811 19.19 -11.63 23.16
CA PRO A 811 19.66 -10.27 22.83
C PRO A 811 18.87 -9.60 21.72
N ASP A 812 18.32 -10.37 20.77
CA ASP A 812 17.57 -9.79 19.66
C ASP A 812 16.12 -9.48 20.01
N TYR A 813 15.70 -9.77 21.24
CA TYR A 813 14.33 -9.48 21.65
C TYR A 813 14.07 -7.99 21.61
N ASP A 814 12.94 -7.61 20.99
CA ASP A 814 12.54 -6.21 20.87
C ASP A 814 11.40 -5.97 21.84
N GLU A 815 11.64 -5.12 22.85
CA GLU A 815 10.64 -4.90 23.89
C GLU A 815 9.40 -4.24 23.32
N GLU A 816 9.56 -3.30 22.40
CA GLU A 816 8.43 -2.62 21.79
C GLU A 816 7.88 -3.37 20.57
N GLY A 817 8.47 -4.50 20.22
CA GLY A 817 8.01 -5.24 19.07
C GLY A 817 6.81 -6.13 19.39
N LEU A 818 6.20 -6.63 18.32
CA LEU A 818 5.05 -7.53 18.40
C LEU A 818 5.45 -8.89 17.89
N TYR A 819 5.05 -9.95 18.60
CA TYR A 819 5.35 -11.31 18.22
C TYR A 819 4.05 -12.10 18.11
N GLY A 820 3.86 -12.77 16.98
CA GLY A 820 2.68 -13.56 16.76
C GLY A 820 2.90 -14.70 15.78
N ALA A 821 1.83 -15.27 15.26
CA ALA A 821 1.94 -16.37 14.32
C ALA A 821 0.72 -16.42 13.42
N ILE A 822 0.90 -17.03 12.25
CA ILE A 822 -0.18 -17.31 11.33
C ILE A 822 -0.29 -18.82 11.20
N LEU A 823 -1.48 -19.37 11.46
CA LEU A 823 -1.71 -20.79 11.29
C LEU A 823 -2.27 -21.02 9.89
N PRO A 824 -1.52 -21.63 8.98
CA PRO A 824 -2.06 -21.91 7.66
C PRO A 824 -3.28 -22.82 7.75
N GLN A 825 -4.28 -22.53 6.94
CA GLN A 825 -5.52 -23.29 6.92
C GLN A 825 -5.41 -24.35 5.83
N VAL A 826 -4.64 -25.39 6.16
CA VAL A 826 -4.26 -26.40 5.18
C VAL A 826 -5.24 -27.56 5.25
N VAL A 827 -5.72 -27.99 4.10
CA VAL A 827 -6.45 -29.25 3.97
C VAL A 827 -5.43 -30.32 3.65
N THR A 828 -5.21 -31.24 4.59
CA THR A 828 -4.09 -32.16 4.48
C THR A 828 -4.19 -33.03 3.23
N ALA A 829 -5.38 -33.52 2.92
CA ALA A 829 -5.63 -34.29 1.70
C ALA A 829 -6.74 -33.60 0.93
N SER A 830 -6.35 -32.69 0.04
CA SER A 830 -7.32 -31.97 -0.79
C SER A 830 -6.99 -32.21 -2.24
N THR A 831 -6.35 -33.32 -2.55
CA THR A 831 -5.98 -33.70 -3.90
C THR A 831 -6.19 -35.19 -4.05
N ILE A 832 -6.47 -35.63 -5.28
CA ILE A 832 -6.61 -37.06 -5.55
C ILE A 832 -5.33 -37.80 -5.20
N THR A 833 -4.20 -37.10 -5.26
CA THR A 833 -2.92 -37.64 -4.82
C THR A 833 -2.66 -37.40 -3.34
N ARG A 834 -3.65 -36.85 -2.62
CA ARG A 834 -3.56 -36.60 -1.18
C ARG A 834 -2.52 -35.53 -0.83
N ARG A 835 -2.35 -34.54 -1.70
CA ARG A 835 -1.52 -33.40 -1.39
C ARG A 835 -2.26 -32.40 -0.51
N ALA A 836 -1.50 -31.51 0.10
CA ALA A 836 -2.08 -30.46 0.92
C ALA A 836 -2.48 -29.26 0.06
N VAL A 837 -3.40 -28.46 0.59
CA VAL A 837 -3.89 -27.27 -0.10
C VAL A 837 -3.99 -26.13 0.90
N GLU A 838 -3.43 -24.97 0.54
CA GLU A 838 -3.55 -23.73 1.29
C GLU A 838 -3.60 -22.58 0.29
N PRO A 839 -4.65 -21.77 0.31
CA PRO A 839 -4.80 -20.74 -0.74
C PRO A 839 -3.67 -19.73 -0.79
N THR A 840 -3.05 -19.41 0.35
CA THR A 840 -2.06 -18.35 0.43
C THR A 840 -0.63 -18.90 0.47
N TRP A 841 -0.34 -19.75 1.46
CA TRP A 841 1.04 -20.13 1.75
C TRP A 841 1.57 -21.22 0.84
N LEU A 842 0.69 -22.02 0.23
CA LEU A 842 1.11 -22.91 -0.85
C LEU A 842 1.04 -22.24 -2.20
N THR A 843 0.67 -20.96 -2.23
CA THR A 843 0.70 -20.13 -3.42
C THR A 843 1.71 -18.99 -3.29
N ALA A 844 2.36 -18.87 -2.14
CA ALA A 844 3.25 -17.75 -1.87
C ALA A 844 4.42 -17.74 -2.85
N SER A 845 4.60 -16.61 -3.54
CA SER A 845 5.66 -16.47 -4.51
C SER A 845 7.00 -16.28 -3.82
N ASN A 846 8.07 -16.74 -4.49
CA ASN A 846 9.42 -16.52 -4.01
C ASN A 846 9.85 -15.09 -4.30
N ALA A 847 10.80 -14.60 -3.50
CA ALA A 847 11.27 -13.23 -3.64
C ALA A 847 11.93 -13.03 -5.00
N ARG A 848 11.55 -11.95 -5.67
CA ARG A 848 12.10 -11.57 -6.96
C ARG A 848 12.50 -10.11 -6.95
N PRO A 849 13.48 -9.72 -7.76
CA PRO A 849 13.88 -8.30 -7.81
C PRO A 849 12.81 -7.39 -8.36
N ASP A 850 11.82 -7.92 -9.09
CA ASP A 850 10.84 -7.08 -9.76
C ASP A 850 9.40 -7.31 -9.31
N ARG A 851 9.14 -8.27 -8.43
CA ARG A 851 7.77 -8.60 -8.03
C ARG A 851 7.44 -7.90 -6.72
N VAL A 852 6.32 -7.19 -6.70
CA VAL A 852 5.88 -6.45 -5.53
C VAL A 852 5.25 -7.42 -4.54
N GLY A 853 5.74 -7.38 -3.30
CA GLY A 853 5.22 -8.26 -2.26
C GLY A 853 5.74 -9.68 -2.32
N SER A 854 6.72 -9.96 -3.18
CA SER A 854 7.24 -11.31 -3.31
C SER A 854 8.07 -11.75 -2.10
N GLU A 855 8.38 -10.84 -1.18
CA GLU A 855 9.06 -11.19 0.05
C GLU A 855 8.11 -11.74 1.11
N LEU A 856 6.95 -12.23 0.68
CA LEU A 856 5.93 -12.74 1.60
C LEU A 856 6.49 -13.84 2.50
N LYS A 857 7.13 -14.84 1.90
CA LYS A 857 7.70 -15.92 2.70
C LYS A 857 8.85 -15.45 3.57
N ALA A 858 9.58 -14.41 3.13
CA ALA A 858 10.64 -13.84 3.94
C ALA A 858 10.11 -13.16 5.19
N MET A 859 8.81 -12.87 5.26
CA MET A 859 8.22 -12.28 6.47
C MET A 859 7.89 -13.32 7.52
N VAL A 860 7.98 -14.61 7.19
CA VAL A 860 7.86 -15.67 8.19
C VAL A 860 9.20 -15.78 8.89
N GLN A 861 9.36 -15.04 9.98
CA GLN A 861 10.65 -14.85 10.62
C GLN A 861 10.63 -15.46 12.01
N ALA A 862 11.64 -16.26 12.31
CA ALA A 862 11.70 -16.94 13.60
C ALA A 862 11.88 -15.93 14.72
N PRO A 863 11.29 -16.20 15.89
CA PRO A 863 11.48 -15.31 17.04
C PRO A 863 12.93 -15.36 17.50
N PRO A 864 13.36 -14.40 18.33
CA PRO A 864 14.72 -14.45 18.87
C PRO A 864 14.98 -15.75 19.60
N GLY A 865 16.17 -16.31 19.40
CA GLY A 865 16.50 -17.60 19.95
C GLY A 865 16.02 -18.78 19.13
N TYR A 866 15.43 -18.53 17.96
CA TYR A 866 14.89 -19.59 17.12
C TYR A 866 15.38 -19.42 15.70
N THR A 867 15.49 -20.54 14.99
CA THR A 867 15.86 -20.55 13.59
C THR A 867 14.97 -21.54 12.84
N LEU A 868 14.83 -21.33 11.54
CA LEU A 868 14.03 -22.19 10.68
C LEU A 868 14.97 -23.15 9.97
N VAL A 869 15.07 -24.37 10.49
CA VAL A 869 15.90 -25.42 9.90
C VAL A 869 15.01 -26.28 9.03
N GLY A 870 15.36 -26.40 7.76
CA GLY A 870 14.58 -27.19 6.83
C GLY A 870 15.42 -27.60 5.64
N ALA A 871 14.80 -28.42 4.78
CA ALA A 871 15.49 -28.92 3.61
C ALA A 871 14.44 -29.28 2.55
N ASP A 872 14.92 -29.46 1.32
CA ASP A 872 14.09 -29.82 0.19
C ASP A 872 14.64 -31.09 -0.46
N VAL A 873 13.74 -31.99 -0.84
CA VAL A 873 14.14 -33.25 -1.44
C VAL A 873 14.69 -32.99 -2.84
N ASP A 874 15.81 -33.64 -3.16
CA ASP A 874 16.49 -33.44 -4.43
C ASP A 874 15.98 -34.46 -5.45
N SER A 875 15.36 -33.97 -6.53
CA SER A 875 14.82 -34.79 -7.61
C SER A 875 13.94 -35.92 -7.04
N GLN A 876 12.88 -35.50 -6.35
CA GLN A 876 12.03 -36.45 -5.65
C GLN A 876 11.34 -37.41 -6.61
N GLU A 877 10.47 -36.88 -7.47
CA GLU A 877 9.70 -37.76 -8.34
C GLU A 877 10.57 -38.40 -9.41
N LEU A 878 11.63 -37.71 -9.85
CA LEU A 878 12.60 -38.32 -10.75
C LEU A 878 13.15 -39.60 -10.15
N TRP A 879 13.63 -39.53 -8.90
CA TRP A 879 14.22 -40.71 -8.28
C TRP A 879 13.17 -41.76 -7.95
N ILE A 880 11.95 -41.35 -7.60
CA ILE A 880 10.89 -42.33 -7.35
C ILE A 880 10.60 -43.13 -8.60
N ALA A 881 10.45 -42.42 -9.73
CA ALA A 881 10.23 -43.11 -11.01
C ALA A 881 11.41 -44.00 -11.36
N ALA A 882 12.63 -43.50 -11.15
CA ALA A 882 13.81 -44.29 -11.49
C ALA A 882 13.92 -45.55 -10.65
N VAL A 883 13.65 -45.45 -9.35
CA VAL A 883 13.75 -46.63 -8.49
C VAL A 883 12.64 -47.61 -8.79
N LEU A 884 11.44 -47.12 -9.13
CA LEU A 884 10.38 -48.03 -9.55
C LEU A 884 10.77 -48.79 -10.81
N GLY A 885 11.29 -48.08 -11.81
CA GLY A 885 11.70 -48.73 -13.03
C GLY A 885 12.84 -49.72 -12.83
N ASP A 886 13.82 -49.35 -12.00
CA ASP A 886 14.92 -50.27 -11.70
C ASP A 886 14.41 -51.52 -11.02
N ALA A 887 13.62 -51.36 -9.95
CA ALA A 887 13.11 -52.52 -9.22
C ALA A 887 12.23 -53.39 -10.10
N HIS A 888 11.54 -52.80 -11.07
CA HIS A 888 10.77 -53.62 -12.01
C HIS A 888 11.68 -54.31 -13.02
N PHE A 889 12.82 -53.73 -13.35
CA PHE A 889 13.72 -54.34 -14.32
C PHE A 889 14.57 -55.44 -13.68
N ALA A 890 15.30 -55.11 -12.62
CA ALA A 890 16.08 -56.08 -11.87
C ALA A 890 16.34 -55.51 -10.48
N GLY A 891 16.50 -56.39 -9.51
CA GLY A 891 16.57 -55.96 -8.13
C GLY A 891 17.86 -55.27 -7.74
N MET A 892 18.26 -54.27 -8.52
CA MET A 892 19.43 -53.46 -8.22
C MET A 892 19.15 -52.02 -8.58
N HIS A 893 19.91 -51.11 -7.98
CA HIS A 893 19.84 -49.71 -8.35
C HIS A 893 20.66 -49.46 -9.61
N GLY A 894 20.11 -48.62 -10.49
CA GLY A 894 20.81 -48.30 -11.73
C GLY A 894 20.72 -49.34 -12.82
N CYS A 895 19.76 -50.27 -12.72
CA CYS A 895 19.61 -51.28 -13.77
C CYS A 895 19.24 -50.64 -15.10
N THR A 896 18.33 -49.68 -15.08
CA THR A 896 17.91 -48.98 -16.29
C THR A 896 18.78 -47.76 -16.54
N ALA A 897 18.74 -47.28 -17.78
CA ALA A 897 19.53 -46.10 -18.14
C ALA A 897 19.08 -44.88 -17.35
N PHE A 898 17.77 -44.70 -17.17
CA PHE A 898 17.27 -43.55 -16.44
C PHE A 898 17.72 -43.58 -14.99
N GLY A 899 17.69 -44.75 -14.36
CA GLY A 899 18.15 -44.86 -12.99
C GLY A 899 19.65 -44.60 -12.85
N TRP A 900 20.43 -45.09 -13.81
CA TRP A 900 21.87 -44.83 -13.80
C TRP A 900 22.14 -43.34 -13.96
N MET A 901 21.43 -42.67 -14.86
CA MET A 901 21.60 -41.23 -15.05
C MET A 901 21.20 -40.47 -13.79
N THR A 902 20.12 -40.88 -13.13
CA THR A 902 19.65 -40.17 -11.95
C THR A 902 20.68 -40.22 -10.83
N LEU A 903 21.31 -41.39 -10.62
CA LEU A 903 22.29 -41.52 -9.55
C LEU A 903 23.60 -40.82 -9.92
N GLN A 904 24.04 -40.94 -11.17
CA GLN A 904 25.30 -40.36 -11.61
C GLN A 904 25.09 -38.88 -11.90
N GLY A 905 25.18 -38.07 -10.86
CA GLY A 905 25.03 -36.63 -10.99
C GLY A 905 24.98 -35.93 -9.66
N ARG A 906 25.68 -34.79 -9.55
CA ARG A 906 25.73 -34.02 -8.33
C ARG A 906 25.21 -32.62 -8.60
N LYS A 907 24.34 -32.13 -7.71
CA LYS A 907 23.80 -30.78 -7.89
C LYS A 907 24.85 -29.72 -7.61
N SER A 908 25.80 -30.00 -6.72
CA SER A 908 26.88 -29.05 -6.47
C SER A 908 27.73 -28.84 -7.71
N ARG A 909 27.97 -29.91 -8.47
CA ARG A 909 28.74 -29.83 -9.71
C ARG A 909 27.87 -29.54 -10.92
N GLY A 910 26.57 -29.39 -10.74
CA GLY A 910 25.68 -29.09 -11.85
C GLY A 910 25.61 -30.17 -12.90
N THR A 911 25.53 -31.43 -12.48
CA THR A 911 25.46 -32.56 -13.40
C THR A 911 24.16 -33.35 -13.28
N ASP A 912 23.22 -32.88 -12.47
CA ASP A 912 21.94 -33.57 -12.35
C ASP A 912 21.10 -33.35 -13.62
N LEU A 913 20.01 -34.11 -13.72
CA LEU A 913 19.20 -34.08 -14.93
C LEU A 913 18.60 -32.70 -15.17
N HIS A 914 18.17 -32.01 -14.10
CA HIS A 914 17.66 -30.66 -14.25
C HIS A 914 18.73 -29.73 -14.80
N SER A 915 19.92 -29.75 -14.20
CA SER A 915 20.99 -28.88 -14.67
C SER A 915 21.51 -29.32 -16.03
N LYS A 916 21.55 -30.64 -16.28
CA LYS A 916 21.99 -31.12 -17.58
C LYS A 916 21.04 -30.64 -18.69
N THR A 917 19.74 -30.68 -18.43
CA THR A 917 18.79 -30.15 -19.39
C THR A 917 18.92 -28.63 -19.52
N ALA A 918 19.10 -27.94 -18.41
CA ALA A 918 19.26 -26.48 -18.45
C ALA A 918 20.53 -26.06 -19.17
N THR A 919 21.50 -26.96 -19.30
CA THR A 919 22.68 -26.70 -20.11
C THR A 919 22.48 -27.10 -21.57
N THR A 920 21.82 -28.23 -21.81
CA THR A 920 21.58 -28.68 -23.17
C THR A 920 20.70 -27.69 -23.93
N VAL A 921 19.64 -27.21 -23.29
CA VAL A 921 18.83 -26.12 -23.81
C VAL A 921 18.94 -24.95 -22.84
N GLY A 922 19.12 -23.75 -23.38
CA GLY A 922 19.52 -22.61 -22.58
C GLY A 922 18.52 -22.12 -21.56
N ILE A 923 17.48 -22.91 -21.29
CA ILE A 923 16.50 -22.52 -20.29
C ILE A 923 17.09 -22.63 -18.89
N SER A 924 16.41 -22.02 -17.93
CA SER A 924 16.84 -22.09 -16.54
C SER A 924 16.53 -23.48 -15.96
N ARG A 925 17.15 -23.77 -14.81
CA ARG A 925 16.91 -25.05 -14.16
C ARG A 925 15.48 -25.17 -13.68
N GLU A 926 14.89 -24.06 -13.23
CA GLU A 926 13.49 -24.08 -12.82
C GLU A 926 12.58 -24.44 -13.99
N HIS A 927 12.89 -23.92 -15.18
CA HIS A 927 12.15 -24.30 -16.38
C HIS A 927 12.50 -25.71 -16.84
N ALA A 928 13.74 -26.15 -16.60
CA ALA A 928 14.09 -27.53 -16.88
C ALA A 928 13.28 -28.50 -16.02
N LYS A 929 12.93 -28.09 -14.80
CA LYS A 929 12.02 -28.90 -13.98
C LYS A 929 10.71 -29.12 -14.71
N ILE A 930 10.09 -28.05 -15.21
CA ILE A 930 8.83 -28.16 -15.92
C ILE A 930 8.98 -29.03 -17.16
N PHE A 931 10.07 -28.83 -17.91
CA PHE A 931 10.30 -29.62 -19.12
C PHE A 931 10.39 -31.11 -18.80
N ASN A 932 11.23 -31.47 -17.84
CA ASN A 932 11.45 -32.88 -17.52
C ASN A 932 10.18 -33.51 -16.96
N TYR A 933 9.51 -32.83 -16.02
CA TYR A 933 8.33 -33.42 -15.41
C TYR A 933 7.16 -33.49 -16.37
N GLY A 934 7.09 -32.56 -17.33
CA GLY A 934 6.12 -32.71 -18.40
C GLY A 934 6.41 -33.93 -19.26
N ARG A 935 7.68 -34.10 -19.65
CA ARG A 935 8.04 -35.25 -20.48
C ARG A 935 7.73 -36.56 -19.78
N ILE A 936 7.97 -36.62 -18.46
CA ILE A 936 7.69 -37.84 -17.71
C ILE A 936 6.21 -38.18 -17.73
N TYR A 937 5.35 -37.16 -17.54
CA TYR A 937 3.92 -37.38 -17.31
C TYR A 937 3.08 -37.09 -18.53
N GLY A 938 3.56 -37.40 -19.73
CA GLY A 938 2.72 -37.44 -20.91
C GLY A 938 2.72 -36.23 -21.80
N ALA A 939 3.61 -35.26 -21.60
CA ALA A 939 3.67 -34.12 -22.49
C ALA A 939 4.24 -34.54 -23.85
N GLY A 940 3.57 -34.13 -24.92
CA GLY A 940 4.01 -34.45 -26.25
C GLY A 940 5.10 -33.51 -26.75
N GLN A 941 5.62 -33.83 -27.93
CA GLN A 941 6.61 -32.97 -28.56
C GLN A 941 6.13 -31.55 -28.80
N PRO A 942 4.89 -31.30 -29.28
CA PRO A 942 4.45 -29.89 -29.40
C PRO A 942 4.51 -29.13 -28.09
N PHE A 943 4.16 -29.76 -26.97
CA PHE A 943 4.26 -29.11 -25.67
C PHE A 943 5.71 -28.74 -25.37
N ALA A 944 6.65 -29.66 -25.65
CA ALA A 944 8.06 -29.37 -25.39
C ALA A 944 8.56 -28.23 -26.28
N GLU A 945 8.16 -28.22 -27.55
CA GLU A 945 8.59 -27.16 -28.46
C GLU A 945 8.06 -25.81 -27.99
N ARG A 946 6.78 -25.75 -27.61
CA ARG A 946 6.21 -24.50 -27.14
C ARG A 946 6.88 -24.05 -25.84
N LEU A 947 7.16 -25.00 -24.95
CA LEU A 947 7.83 -24.66 -23.69
C LEU A 947 9.23 -24.10 -23.96
N LEU A 948 9.98 -24.73 -24.86
CA LEU A 948 11.33 -24.24 -25.17
C LEU A 948 11.29 -22.87 -25.82
N MET A 949 10.35 -22.64 -26.73
CA MET A 949 10.24 -21.33 -27.36
C MET A 949 9.84 -20.26 -26.34
N GLN A 950 8.95 -20.62 -25.40
CA GLN A 950 8.56 -19.67 -24.37
C GLN A 950 9.72 -19.33 -23.44
N PHE A 951 10.49 -20.34 -23.03
CA PHE A 951 11.53 -20.12 -22.03
C PHE A 951 12.87 -19.72 -22.65
N ASN A 952 13.08 -19.95 -23.94
CA ASN A 952 14.32 -19.57 -24.62
C ASN A 952 13.93 -18.74 -25.84
N HIS A 953 13.97 -17.41 -25.69
CA HIS A 953 13.53 -16.51 -26.75
C HIS A 953 14.49 -16.47 -27.93
N ARG A 954 15.69 -17.02 -27.81
CA ARG A 954 16.67 -17.01 -28.90
C ARG A 954 16.50 -18.20 -29.84
N LEU A 955 15.56 -19.10 -29.57
CA LEU A 955 15.34 -20.26 -30.41
C LEU A 955 14.36 -19.94 -31.52
N THR A 956 14.41 -20.75 -32.57
CA THR A 956 13.45 -20.71 -33.67
C THR A 956 12.56 -21.95 -33.62
N GLN A 957 11.61 -22.01 -34.55
CA GLN A 957 10.71 -23.15 -34.61
C GLN A 957 11.46 -24.43 -34.96
N GLN A 958 12.37 -24.36 -35.93
CA GLN A 958 13.13 -25.54 -36.32
C GLN A 958 14.07 -25.99 -35.20
N GLU A 959 14.73 -25.04 -34.53
CA GLU A 959 15.63 -25.41 -33.44
C GLU A 959 14.89 -26.02 -32.26
N ALA A 960 13.70 -25.49 -31.96
CA ALA A 960 12.90 -26.06 -30.87
C ALA A 960 12.48 -27.49 -31.18
N ALA A 961 12.10 -27.75 -32.44
CA ALA A 961 11.73 -29.10 -32.83
C ALA A 961 12.91 -30.06 -32.73
N GLU A 962 14.10 -29.61 -33.14
CA GLU A 962 15.28 -30.45 -33.07
C GLU A 962 15.65 -30.80 -31.62
N LYS A 963 15.60 -29.80 -30.74
CA LYS A 963 15.92 -30.06 -29.34
C LYS A 963 14.82 -30.86 -28.64
N ALA A 964 13.59 -30.76 -29.14
CA ALA A 964 12.52 -31.60 -28.61
C ALA A 964 12.78 -33.07 -28.93
N GLN A 965 13.22 -33.36 -30.15
CA GLN A 965 13.55 -34.73 -30.52
C GLN A 965 14.72 -35.27 -29.71
N GLN A 966 15.72 -34.41 -29.46
CA GLN A 966 16.91 -34.85 -28.74
C GLN A 966 16.57 -35.30 -27.32
N MET A 967 15.69 -34.57 -26.64
CA MET A 967 15.26 -34.96 -25.31
C MET A 967 14.20 -36.06 -25.32
N TYR A 968 13.63 -36.37 -26.47
CA TYR A 968 12.59 -37.40 -26.59
C TYR A 968 13.04 -38.59 -27.44
N ALA A 969 14.31 -38.66 -27.82
CA ALA A 969 14.75 -39.69 -28.75
C ALA A 969 14.79 -41.06 -28.09
N ALA A 970 15.35 -41.14 -26.88
CA ALA A 970 15.62 -42.43 -26.25
C ALA A 970 14.67 -42.76 -25.12
N THR A 971 13.60 -41.99 -24.94
CA THR A 971 12.65 -42.26 -23.87
C THR A 971 11.38 -42.90 -24.41
N GLY A 1033 11.87 -50.80 -25.37
CA GLY A 1033 13.27 -50.74 -25.00
C GLY A 1033 13.88 -49.36 -25.09
N GLY A 1034 13.64 -48.56 -24.04
CA GLY A 1034 14.16 -47.20 -24.01
C GLY A 1034 14.80 -46.86 -22.69
N THR A 1035 15.16 -45.58 -22.51
CA THR A 1035 15.80 -45.16 -21.28
C THR A 1035 14.86 -45.29 -20.09
N GLU A 1036 13.59 -44.93 -20.27
CA GLU A 1036 12.61 -44.92 -19.19
C GLU A 1036 11.43 -45.87 -19.46
N SER A 1037 11.65 -46.90 -20.29
CA SER A 1037 10.54 -47.81 -20.64
C SER A 1037 10.07 -48.60 -19.43
N GLU A 1038 10.99 -49.09 -18.60
CA GLU A 1038 10.60 -49.92 -17.47
C GLU A 1038 9.78 -49.14 -16.46
N MET A 1039 10.14 -47.88 -16.22
CA MET A 1039 9.36 -47.05 -15.29
C MET A 1039 7.95 -46.84 -15.81
N PHE A 1040 7.81 -46.55 -17.11
CA PHE A 1040 6.47 -46.40 -17.69
C PHE A 1040 5.67 -47.69 -17.57
N ASN A 1041 6.31 -48.83 -17.82
CA ASN A 1041 5.62 -50.11 -17.70
C ASN A 1041 5.16 -50.34 -16.27
N LYS A 1042 6.01 -50.04 -15.29
CA LYS A 1042 5.62 -50.23 -13.89
C LYS A 1042 4.47 -49.32 -13.51
N LEU A 1043 4.52 -48.05 -13.93
CA LEU A 1043 3.44 -47.12 -13.62
C LEU A 1043 2.12 -47.56 -14.25
N GLU A 1044 2.17 -48.01 -15.51
CA GLU A 1044 0.95 -48.47 -16.16
C GLU A 1044 0.42 -49.75 -15.51
N SER A 1045 1.31 -50.64 -15.08
CA SER A 1045 0.87 -51.85 -14.40
C SER A 1045 0.20 -51.54 -13.07
N ILE A 1046 0.75 -50.60 -12.30
CA ILE A 1046 0.14 -50.23 -11.04
C ILE A 1046 -1.18 -49.51 -11.27
N ALA A 1047 -1.24 -48.66 -12.29
CA ALA A 1047 -2.45 -47.90 -12.56
C ALA A 1047 -3.61 -48.79 -12.99
N THR A 1048 -3.32 -49.81 -13.80
CA THR A 1048 -4.36 -50.65 -14.38
C THR A 1048 -4.74 -51.84 -13.52
N SER A 1049 -4.16 -51.99 -12.34
CA SER A 1049 -4.54 -53.07 -11.45
C SER A 1049 -5.95 -52.83 -10.91
N ASP A 1050 -6.55 -53.91 -10.38
CA ASP A 1050 -7.94 -53.83 -9.92
C ASP A 1050 -8.09 -52.78 -8.82
N ILE A 1051 -7.18 -52.77 -7.86
CA ILE A 1051 -7.16 -51.73 -6.84
C ILE A 1051 -5.77 -51.10 -6.84
N PRO A 1052 -5.55 -50.02 -7.59
CA PRO A 1052 -4.23 -49.37 -7.59
C PRO A 1052 -3.84 -48.94 -6.18
N ARG A 1053 -2.59 -49.20 -5.82
CA ARG A 1053 -2.08 -48.92 -4.49
C ARG A 1053 -0.71 -48.29 -4.59
N THR A 1054 -0.37 -47.50 -3.57
CA THR A 1054 0.96 -46.91 -3.51
C THR A 1054 2.00 -48.00 -3.29
N PRO A 1055 3.10 -47.99 -4.04
CA PRO A 1055 4.09 -49.07 -3.89
C PRO A 1055 4.71 -49.15 -2.50
N VAL A 1056 4.76 -48.04 -1.77
CA VAL A 1056 5.48 -48.01 -0.49
C VAL A 1056 4.53 -48.32 0.66
N LEU A 1057 3.52 -47.46 0.85
CA LEU A 1057 2.62 -47.59 1.99
C LEU A 1057 1.30 -48.26 1.66
N GLY A 1058 1.08 -48.64 0.40
CA GLY A 1058 -0.12 -49.38 0.06
C GLY A 1058 -1.41 -48.60 0.12
N CYS A 1059 -1.35 -47.27 0.03
CA CYS A 1059 -2.56 -46.48 0.04
C CYS A 1059 -3.31 -46.65 -1.28
N CYS A 1060 -4.61 -46.90 -1.20
CA CYS A 1060 -5.41 -47.17 -2.37
C CYS A 1060 -5.83 -45.86 -3.06
N ILE A 1061 -6.07 -45.95 -4.35
CA ILE A 1061 -6.58 -44.80 -5.09
C ILE A 1061 -8.05 -44.58 -4.76
N SER A 1062 -8.53 -43.40 -5.13
CA SER A 1062 -9.94 -43.07 -4.91
C SER A 1062 -10.84 -44.00 -5.70
N ARG A 1063 -12.06 -44.20 -5.19
CA ARG A 1063 -13.02 -45.05 -5.89
C ARG A 1063 -13.30 -44.53 -7.29
N ALA A 1064 -13.35 -43.21 -7.44
CA ALA A 1064 -13.67 -42.57 -8.72
C ALA A 1064 -12.55 -42.65 -9.73
N LEU A 1065 -11.50 -43.44 -9.47
CA LEU A 1065 -10.42 -43.62 -10.43
C LEU A 1065 -10.04 -45.09 -10.62
N GLU A 1066 -10.72 -46.02 -9.97
CA GLU A 1066 -10.44 -47.43 -10.15
C GLU A 1066 -10.86 -47.88 -11.56
N PRO A 1067 -10.21 -48.91 -12.10
CA PRO A 1067 -10.57 -49.37 -13.45
C PRO A 1067 -12.02 -49.79 -13.59
N SER A 1068 -12.63 -50.34 -12.53
CA SER A 1068 -14.04 -50.66 -12.60
C SER A 1068 -14.89 -49.41 -12.77
N ALA A 1069 -14.55 -48.34 -12.06
CA ALA A 1069 -15.36 -47.13 -12.09
C ALA A 1069 -15.19 -46.33 -13.38
N VAL A 1070 -13.96 -46.18 -13.86
CA VAL A 1070 -13.67 -45.27 -14.97
C VAL A 1070 -13.09 -45.97 -16.19
N GLN A 1071 -12.71 -47.24 -16.10
CA GLN A 1071 -12.17 -48.00 -17.23
C GLN A 1071 -10.90 -47.30 -17.71
N GLU A 1072 -10.82 -46.86 -18.96
CA GLU A 1072 -9.61 -46.26 -19.52
C GLU A 1072 -9.68 -44.74 -19.54
N GLU A 1073 -10.31 -44.13 -18.55
CA GLU A 1073 -10.46 -42.70 -18.47
C GLU A 1073 -9.53 -42.13 -17.40
N PHE A 1074 -9.10 -40.88 -17.61
CA PHE A 1074 -8.18 -40.19 -16.71
C PHE A 1074 -6.90 -40.99 -16.52
N MET A 1075 -6.40 -41.58 -17.61
CA MET A 1075 -5.23 -42.44 -17.52
C MET A 1075 -3.98 -41.66 -17.07
N THR A 1076 -3.76 -40.48 -17.65
CA THR A 1076 -2.62 -39.67 -17.26
C THR A 1076 -2.73 -39.27 -15.79
N SER A 1077 -3.95 -39.01 -15.33
CA SER A 1077 -4.15 -38.64 -13.93
C SER A 1077 -3.68 -39.76 -13.00
N ARG A 1078 -4.04 -41.01 -13.31
CA ARG A 1078 -3.66 -42.12 -12.44
C ARG A 1078 -2.18 -42.44 -12.56
N VAL A 1079 -1.62 -42.35 -13.78
CA VAL A 1079 -0.20 -42.60 -13.96
C VAL A 1079 0.63 -41.60 -13.17
N ASN A 1080 0.25 -40.32 -13.23
CA ASN A 1080 0.92 -39.32 -12.40
C ASN A 1080 0.60 -39.53 -10.93
N TRP A 1081 -0.59 -40.05 -10.62
CA TRP A 1081 -0.99 -40.27 -9.23
C TRP A 1081 -0.07 -41.27 -8.55
N VAL A 1082 0.36 -42.29 -9.28
CA VAL A 1082 1.28 -43.28 -8.69
C VAL A 1082 2.46 -42.57 -8.04
N VAL A 1083 3.20 -41.80 -8.84
CA VAL A 1083 4.42 -41.15 -8.34
C VAL A 1083 4.08 -40.03 -7.37
N GLN A 1084 2.99 -39.31 -7.60
CA GLN A 1084 2.68 -38.17 -6.73
C GLN A 1084 2.23 -38.64 -5.34
N SER A 1085 1.42 -39.69 -5.27
CA SER A 1085 1.06 -40.27 -3.99
C SER A 1085 2.26 -40.96 -3.35
N SER A 1086 3.19 -41.47 -4.16
CA SER A 1086 4.45 -41.95 -3.59
C SER A 1086 5.22 -40.81 -2.93
N ALA A 1087 5.21 -39.64 -3.55
CA ALA A 1087 5.85 -38.47 -2.95
C ALA A 1087 5.13 -38.03 -1.67
N VAL A 1088 3.80 -38.17 -1.65
CA VAL A 1088 3.05 -37.86 -0.43
C VAL A 1088 3.40 -38.86 0.67
N ASP A 1089 3.61 -40.12 0.30
CA ASP A 1089 4.10 -41.11 1.25
C ASP A 1089 5.50 -40.74 1.74
N TYR A 1090 6.34 -40.24 0.84
CA TYR A 1090 7.66 -39.74 1.23
C TYR A 1090 7.53 -38.64 2.28
N LEU A 1091 6.60 -37.71 2.06
CA LEU A 1091 6.35 -36.65 3.03
C LEU A 1091 5.86 -37.21 4.37
N HIS A 1092 4.96 -38.19 4.31
CA HIS A 1092 4.46 -38.82 5.53
C HIS A 1092 5.61 -39.45 6.31
N LEU A 1093 6.47 -40.20 5.60
CA LEU A 1093 7.61 -40.85 6.25
C LEU A 1093 8.57 -39.82 6.84
N MET A 1094 8.81 -38.73 6.11
CA MET A 1094 9.68 -37.69 6.64
C MET A 1094 9.11 -37.07 7.90
N LEU A 1095 7.81 -36.77 7.91
CA LEU A 1095 7.20 -36.18 9.10
C LEU A 1095 7.25 -37.14 10.28
N VAL A 1096 6.95 -38.42 10.04
CA VAL A 1096 6.96 -39.39 11.12
C VAL A 1096 8.37 -39.54 11.70
N ALA A 1097 9.37 -39.66 10.82
CA ALA A 1097 10.74 -39.82 11.28
C ALA A 1097 11.24 -38.59 12.01
N MET A 1098 10.90 -37.40 11.52
CA MET A 1098 11.32 -36.17 12.20
C MET A 1098 10.67 -36.07 13.58
N LYS A 1099 9.39 -36.40 13.70
CA LYS A 1099 8.74 -36.37 15.01
C LYS A 1099 9.38 -37.38 15.95
N TRP A 1100 9.68 -38.58 15.44
CA TRP A 1100 10.32 -39.60 16.27
C TRP A 1100 11.69 -39.15 16.74
N LEU A 1101 12.49 -38.55 15.85
CA LEU A 1101 13.82 -38.10 16.23
C LEU A 1101 13.76 -36.93 17.21
N PHE A 1102 12.80 -36.03 17.01
CA PHE A 1102 12.68 -34.89 17.92
C PHE A 1102 12.21 -35.34 19.31
N GLU A 1103 11.33 -36.35 19.37
CA GLU A 1103 10.86 -36.82 20.66
C GLU A 1103 11.91 -37.68 21.36
N GLU A 1104 12.65 -38.49 20.60
CA GLU A 1104 13.63 -39.39 21.21
C GLU A 1104 14.81 -38.63 21.79
N PHE A 1105 15.37 -37.70 21.03
CA PHE A 1105 16.57 -36.98 21.44
C PHE A 1105 16.29 -35.61 22.05
N ALA A 1106 15.01 -35.26 22.23
CA ALA A 1106 14.59 -34.02 22.86
C ALA A 1106 15.18 -32.80 22.12
N ILE A 1107 14.79 -32.67 20.86
CA ILE A 1107 15.14 -31.50 20.06
C ILE A 1107 14.02 -30.47 20.22
N ASP A 1108 14.37 -29.28 20.71
CA ASP A 1108 13.39 -28.25 21.04
C ASP A 1108 12.98 -27.51 19.75
N GLY A 1109 12.21 -28.21 18.93
CA GLY A 1109 11.70 -27.66 17.70
C GLY A 1109 10.33 -28.25 17.41
N ARG A 1110 9.72 -27.76 16.34
CA ARG A 1110 8.39 -28.20 15.95
C ARG A 1110 8.20 -27.99 14.46
N PHE A 1111 7.17 -28.65 13.93
CA PHE A 1111 6.85 -28.54 12.52
C PHE A 1111 6.35 -27.15 12.19
N CYS A 1112 6.93 -26.53 11.16
CA CYS A 1112 6.57 -25.18 10.75
C CYS A 1112 5.63 -25.18 9.55
N ILE A 1113 6.06 -25.76 8.43
CA ILE A 1113 5.21 -25.87 7.25
C ILE A 1113 5.83 -26.90 6.30
N SER A 1114 5.00 -27.61 5.55
CA SER A 1114 5.45 -28.57 4.56
C SER A 1114 4.83 -28.19 3.22
N ILE A 1115 5.63 -27.58 2.35
CA ILE A 1115 5.18 -27.28 0.98
C ILE A 1115 5.54 -28.50 0.16
N HIS A 1116 4.66 -29.50 0.22
CA HIS A 1116 4.82 -30.77 -0.48
C HIS A 1116 6.12 -31.47 -0.09
N ASP A 1117 7.18 -31.29 -0.87
CA ASP A 1117 8.45 -31.95 -0.61
C ASP A 1117 9.44 -31.07 0.14
N GLU A 1118 9.00 -29.95 0.68
CA GLU A 1118 9.84 -29.03 1.43
C GLU A 1118 9.35 -29.00 2.87
N VAL A 1119 10.16 -29.50 3.80
CA VAL A 1119 9.81 -29.53 5.21
C VAL A 1119 10.65 -28.50 5.94
N ARG A 1120 9.97 -27.62 6.67
CA ARG A 1120 10.62 -26.57 7.46
C ARG A 1120 10.25 -26.74 8.92
N TYR A 1121 11.23 -26.60 9.79
CA TYR A 1121 11.04 -26.80 11.22
C TYR A 1121 11.56 -25.59 12.00
N LEU A 1122 10.75 -25.09 12.92
CA LEU A 1122 11.15 -23.98 13.79
C LEU A 1122 11.93 -24.54 14.97
N VAL A 1123 13.24 -24.37 14.96
CA VAL A 1123 14.12 -24.94 15.96
C VAL A 1123 14.87 -23.82 16.67
N ARG A 1124 15.18 -24.04 17.94
CA ARG A 1124 16.03 -23.12 18.66
C ARG A 1124 17.44 -23.14 18.10
N GLU A 1125 18.17 -22.05 18.31
CA GLU A 1125 19.53 -21.93 17.78
C GLU A 1125 20.44 -23.00 18.34
N GLU A 1126 20.22 -23.41 19.59
CA GLU A 1126 21.07 -24.41 20.23
C GLU A 1126 20.94 -25.80 19.61
N ASP A 1127 19.90 -26.04 18.80
CA ASP A 1127 19.64 -27.37 18.26
C ASP A 1127 19.46 -27.32 16.74
N ARG A 1128 20.08 -26.35 16.08
CA ARG A 1128 19.94 -26.25 14.62
C ARG A 1128 20.74 -27.33 13.91
N TYR A 1129 21.98 -27.59 14.36
CA TYR A 1129 22.80 -28.61 13.72
C TYR A 1129 22.28 -30.00 14.02
N ARG A 1130 21.75 -30.22 15.22
CA ARG A 1130 21.10 -31.49 15.53
C ARG A 1130 19.87 -31.68 14.64
N ALA A 1131 19.11 -30.60 14.40
CA ALA A 1131 17.98 -30.68 13.49
C ALA A 1131 18.42 -31.02 12.08
N ALA A 1132 19.55 -30.44 11.64
CA ALA A 1132 20.06 -30.77 10.31
C ALA A 1132 20.46 -32.24 10.22
N LEU A 1133 21.13 -32.75 11.25
CA LEU A 1133 21.50 -34.17 11.25
C LEU A 1133 20.27 -35.06 11.26
N ALA A 1134 19.24 -34.68 12.04
CA ALA A 1134 18.01 -35.45 12.07
C ALA A 1134 17.35 -35.45 10.69
N LEU A 1135 17.36 -34.31 10.00
CA LEU A 1135 16.80 -34.25 8.66
C LEU A 1135 17.56 -35.16 7.70
N GLN A 1136 18.90 -35.16 7.79
CA GLN A 1136 19.69 -36.03 6.93
C GLN A 1136 19.39 -37.50 7.20
N ILE A 1137 19.31 -37.88 8.48
CA ILE A 1137 18.99 -39.26 8.83
C ILE A 1137 17.59 -39.63 8.36
N THR A 1138 16.66 -38.67 8.46
CA THR A 1138 15.29 -38.90 7.99
C THR A 1138 15.27 -39.16 6.49
N ASN A 1139 16.01 -38.35 5.72
CA ASN A 1139 16.08 -38.58 4.29
C ASN A 1139 16.69 -39.93 3.96
N LEU A 1140 17.77 -40.29 4.67
CA LEU A 1140 18.40 -41.60 4.46
C LEU A 1140 17.41 -42.73 4.71
N LEU A 1141 16.70 -42.67 5.84
CA LEU A 1141 15.76 -43.73 6.18
C LEU A 1141 14.59 -43.78 5.21
N THR A 1142 14.12 -42.63 4.74
CA THR A 1142 13.01 -42.62 3.78
C THR A 1142 13.44 -43.23 2.44
N ARG A 1143 14.63 -42.87 1.96
CA ARG A 1143 15.11 -43.47 0.72
C ARG A 1143 15.32 -44.98 0.88
N CYS A 1144 15.83 -45.39 2.04
CA CYS A 1144 16.01 -46.82 2.29
C CYS A 1144 14.67 -47.55 2.35
N MET A 1145 13.65 -46.92 2.92
CA MET A 1145 12.32 -47.51 2.94
C MET A 1145 11.76 -47.64 1.53
N PHE A 1146 11.95 -46.61 0.71
CA PHE A 1146 11.51 -46.69 -0.69
C PHE A 1146 12.19 -47.83 -1.41
N ALA A 1147 13.50 -48.01 -1.18
CA ALA A 1147 14.20 -49.12 -1.79
C ALA A 1147 13.73 -50.47 -1.24
N TYR A 1148 13.45 -50.53 0.07
CA TYR A 1148 13.12 -51.81 0.69
C TYR A 1148 11.75 -52.31 0.26
N LYS A 1149 10.74 -51.42 0.26
CA LYS A 1149 9.42 -51.86 -0.16
C LYS A 1149 9.38 -52.28 -1.61
N LEU A 1150 10.37 -51.88 -2.41
CA LEU A 1150 10.53 -52.38 -3.76
C LEU A 1150 11.49 -53.56 -3.84
N GLY A 1151 12.02 -54.02 -2.71
CA GLY A 1151 12.88 -55.18 -2.67
C GLY A 1151 14.23 -55.01 -3.31
N LEU A 1152 14.92 -53.92 -3.00
CA LEU A 1152 16.26 -53.68 -3.54
C LEU A 1152 17.37 -53.96 -2.55
N ASN A 1153 17.10 -53.85 -1.25
CA ASN A 1153 18.01 -54.25 -0.17
C ASN A 1153 19.32 -53.46 -0.17
N ASP A 1154 19.35 -52.29 -0.83
CA ASP A 1154 20.54 -51.44 -0.79
C ASP A 1154 20.14 -50.04 -1.22
N LEU A 1155 20.99 -49.08 -0.86
CA LEU A 1155 20.77 -47.68 -1.23
C LEU A 1155 22.05 -47.09 -1.81
N PRO A 1156 21.97 -46.41 -2.95
CA PRO A 1156 23.15 -45.70 -3.47
C PRO A 1156 23.57 -44.57 -2.55
N GLN A 1157 24.87 -44.30 -2.54
CA GLN A 1157 25.41 -43.22 -1.71
C GLN A 1157 24.98 -41.85 -2.22
N SER A 1158 24.73 -41.73 -3.53
CA SER A 1158 24.43 -40.42 -4.13
C SER A 1158 23.14 -39.83 -3.56
N VAL A 1159 22.10 -40.64 -3.42
CA VAL A 1159 20.79 -40.15 -2.98
C VAL A 1159 20.58 -40.41 -1.48
N ALA A 1160 21.66 -40.64 -0.73
CA ALA A 1160 21.52 -41.00 0.67
C ALA A 1160 21.16 -39.80 1.54
N PHE A 1161 21.68 -38.61 1.23
CA PHE A 1161 21.51 -37.45 2.08
C PHE A 1161 21.09 -36.25 1.25
N PHE A 1162 20.61 -35.22 1.96
CA PHE A 1162 20.27 -33.96 1.32
C PHE A 1162 21.53 -33.27 0.81
N SER A 1163 21.39 -32.57 -0.31
CA SER A 1163 22.52 -31.79 -0.84
C SER A 1163 22.91 -30.68 0.14
N ALA A 1164 21.92 -30.02 0.74
CA ALA A 1164 22.18 -28.99 1.74
C ALA A 1164 20.94 -28.82 2.59
N VAL A 1165 21.14 -28.55 3.88
CA VAL A 1165 20.06 -28.29 4.82
C VAL A 1165 20.16 -26.83 5.23
N ASP A 1166 19.06 -26.10 5.05
CA ASP A 1166 19.06 -24.66 5.30
C ASP A 1166 18.87 -24.36 6.77
N ILE A 1167 19.66 -23.42 7.29
CA ILE A 1167 19.52 -22.91 8.64
C ILE A 1167 19.39 -21.39 8.52
N ASP A 1168 18.16 -20.91 8.52
CA ASP A 1168 17.88 -19.50 8.26
C ASP A 1168 16.82 -19.00 9.24
N ARG A 1169 16.80 -17.69 9.44
CA ARG A 1169 15.83 -17.06 10.31
C ARG A 1169 14.58 -16.59 9.57
N CYS A 1170 14.51 -16.84 8.26
CA CYS A 1170 13.33 -16.50 7.49
C CYS A 1170 13.18 -17.54 6.37
N LEU A 1171 11.95 -17.67 5.88
CA LEU A 1171 11.64 -18.63 4.83
C LEU A 1171 11.98 -18.03 3.47
N ARG A 1172 12.98 -18.59 2.81
CA ARG A 1172 13.32 -18.19 1.45
C ARG A 1172 13.92 -19.39 0.72
N LYS A 1173 13.88 -19.31 -0.61
CA LYS A 1173 14.34 -20.44 -1.41
C LYS A 1173 15.83 -20.72 -1.19
N GLU A 1174 16.63 -19.66 -1.04
CA GLU A 1174 18.06 -19.81 -0.78
C GLU A 1174 18.44 -18.98 0.44
N VAL A 1175 19.44 -19.47 1.18
CA VAL A 1175 19.86 -18.81 2.41
C VAL A 1175 20.72 -17.58 2.17
N THR A 1176 21.21 -17.38 0.95
CA THR A 1176 22.10 -16.27 0.65
C THR A 1176 21.40 -15.09 0.01
N MET A 1177 20.27 -15.31 -0.66
CA MET A 1177 19.61 -14.23 -1.38
C MET A 1177 19.02 -13.21 -0.40
N ASP A 1178 19.33 -11.94 -0.64
CA ASP A 1178 18.73 -10.83 0.11
C ASP A 1178 17.48 -10.41 -0.64
N CYS A 1179 16.33 -10.53 0.01
CA CYS A 1179 15.04 -10.40 -0.68
C CYS A 1179 14.80 -8.93 -1.02
N LYS A 1180 15.41 -8.49 -2.11
CA LYS A 1180 15.23 -7.15 -2.63
C LYS A 1180 14.10 -7.16 -3.65
N THR A 1181 13.03 -6.42 -3.36
CA THR A 1181 11.85 -6.34 -4.19
C THR A 1181 11.51 -4.87 -4.39
N PRO A 1182 10.58 -4.57 -5.31
CA PRO A 1182 10.10 -3.18 -5.40
C PRO A 1182 9.54 -2.65 -4.09
N SER A 1183 8.92 -3.50 -3.28
CA SER A 1183 8.45 -3.06 -1.97
C SER A 1183 9.52 -3.14 -0.90
N ASN A 1184 10.63 -3.85 -1.16
CA ASN A 1184 11.72 -4.01 -0.20
C ASN A 1184 13.05 -3.79 -0.93
N PRO A 1185 13.33 -2.55 -1.36
CA PRO A 1185 14.54 -2.32 -2.16
C PRO A 1185 15.82 -2.47 -1.36
N THR A 1186 15.79 -2.24 -0.05
CA THR A 1186 17.01 -2.33 0.75
C THR A 1186 17.37 -3.74 1.16
N GLY A 1187 16.46 -4.69 1.01
CA GLY A 1187 16.72 -6.07 1.36
C GLY A 1187 16.42 -6.40 2.80
N MET A 1188 16.49 -7.69 3.12
CA MET A 1188 16.19 -8.14 4.48
C MET A 1188 17.26 -7.71 5.46
N GLU A 1189 18.51 -7.60 5.03
CA GLU A 1189 19.60 -7.29 5.94
C GLU A 1189 19.60 -5.81 6.35
N ARG A 1190 19.10 -4.93 5.49
CA ARG A 1190 19.08 -3.49 5.78
C ARG A 1190 17.74 -3.02 6.31
N ARG A 1191 16.65 -3.33 5.61
CA ARG A 1191 15.33 -2.94 6.09
C ARG A 1191 15.02 -3.59 7.43
N TYR A 1192 15.35 -4.87 7.57
CA TYR A 1192 15.16 -5.61 8.80
C TYR A 1192 16.54 -6.07 9.30
N GLY A 1193 16.54 -6.85 10.38
CA GLY A 1193 17.80 -7.29 10.96
C GLY A 1193 18.20 -8.70 10.62
N ILE A 1194 17.65 -9.27 9.55
CA ILE A 1194 17.88 -10.66 9.20
C ILE A 1194 19.18 -10.81 8.42
N PRO A 1195 20.16 -11.57 8.92
CA PRO A 1195 21.38 -11.82 8.15
C PRO A 1195 21.23 -12.99 7.20
N GLN A 1196 22.28 -13.29 6.45
CA GLN A 1196 22.25 -14.44 5.55
C GLN A 1196 22.36 -15.74 6.35
N GLY A 1197 21.68 -16.77 5.85
CA GLY A 1197 21.73 -18.09 6.44
C GLY A 1197 22.88 -18.92 5.89
N GLU A 1198 22.85 -20.20 6.22
CA GLU A 1198 23.90 -21.13 5.79
C GLU A 1198 23.28 -22.44 5.33
N ALA A 1199 23.84 -23.00 4.27
CA ALA A 1199 23.43 -24.29 3.74
C ALA A 1199 24.55 -25.29 3.98
N LEU A 1200 24.23 -26.39 4.64
CA LEU A 1200 25.22 -27.36 5.08
C LEU A 1200 24.88 -28.74 4.56
N ASP A 1201 25.89 -29.45 4.06
CA ASP A 1201 25.73 -30.83 3.65
C ASP A 1201 26.09 -31.76 4.82
N ILE A 1202 26.08 -33.06 4.56
CA ILE A 1202 26.16 -34.04 5.64
C ILE A 1202 27.51 -33.94 6.36
N TYR A 1203 28.59 -33.73 5.61
CA TYR A 1203 29.93 -33.73 6.21
C TYR A 1203 30.09 -32.58 7.19
N GLN A 1204 29.63 -31.39 6.82
CA GLN A 1204 29.72 -30.24 7.73
C GLN A 1204 28.89 -30.48 8.99
N ILE A 1205 27.70 -31.06 8.83
CA ILE A 1205 26.85 -31.35 9.98
C ILE A 1205 27.54 -32.34 10.92
N ILE A 1206 28.16 -33.38 10.35
CA ILE A 1206 28.86 -34.36 11.17
C ILE A 1206 30.02 -33.71 11.90
N GLU A 1207 30.77 -32.84 11.22
CA GLU A 1207 31.86 -32.14 11.88
C GLU A 1207 31.36 -31.23 12.99
N LEU A 1208 30.17 -30.67 12.84
CA LEU A 1208 29.64 -29.73 13.82
C LEU A 1208 28.89 -30.38 14.97
N THR A 1209 28.51 -31.67 14.85
CA THR A 1209 27.80 -32.33 15.93
C THR A 1209 28.38 -33.71 16.26
N LYS A 1210 29.56 -34.05 15.73
CA LYS A 1210 30.22 -35.33 15.97
C LYS A 1210 29.39 -36.52 15.49
N GLY A 1211 28.44 -36.29 14.60
CA GLY A 1211 27.64 -37.37 14.07
C GLY A 1211 26.57 -37.91 15.00
N SER A 1212 26.35 -37.27 16.14
CA SER A 1212 25.39 -37.75 17.13
C SER A 1212 24.26 -36.74 17.28
N LEU A 1213 23.04 -37.25 17.38
CA LEU A 1213 21.88 -36.40 17.63
C LEU A 1213 21.72 -36.03 19.10
N GLU A 1214 22.53 -36.60 19.97
CA GLU A 1214 22.42 -36.31 21.41
C GLU A 1214 23.03 -34.94 21.72
N LYS A 1215 22.67 -34.43 22.89
CA LYS A 1215 23.11 -33.10 23.30
C LYS A 1215 24.57 -33.12 23.75
N GLU B 43 10.04 26.96 -25.11
CA GLU B 43 9.88 28.28 -25.73
C GLU B 43 8.42 28.72 -25.72
N ALA B 44 7.56 27.89 -26.32
CA ALA B 44 6.13 28.18 -26.31
C ALA B 44 5.56 28.15 -24.89
N LEU B 45 6.10 27.29 -24.03
CA LEU B 45 5.64 27.24 -22.65
C LEU B 45 5.91 28.57 -21.94
N LEU B 46 7.09 29.14 -22.16
CA LEU B 46 7.40 30.44 -21.55
C LEU B 46 6.49 31.52 -22.10
N GLU B 47 6.19 31.49 -23.40
CA GLU B 47 5.28 32.45 -23.98
C GLU B 47 3.90 32.37 -23.34
N ILE B 48 3.40 31.15 -23.15
CA ILE B 48 2.09 30.99 -22.51
C ILE B 48 2.14 31.42 -21.06
N CYS B 49 3.23 31.11 -20.36
CA CYS B 49 3.34 31.46 -18.94
C CYS B 49 3.37 32.97 -18.74
N GLN B 50 4.10 33.69 -19.58
CA GLN B 50 4.12 35.14 -19.46
C GLN B 50 2.84 35.77 -19.99
N ARG B 51 2.20 35.15 -20.99
CA ARG B 51 0.92 35.63 -21.48
C ARG B 51 -0.16 35.51 -20.42
N ARG B 52 -0.17 34.40 -19.67
CA ARG B 52 -1.16 34.15 -18.64
C ARG B 52 -0.67 34.54 -17.26
N HIS B 53 0.41 35.32 -17.19
CA HIS B 53 0.90 35.92 -15.94
C HIS B 53 1.35 34.86 -14.94
N PHE B 54 1.81 33.72 -15.43
CA PHE B 54 2.63 32.84 -14.59
C PHE B 54 4.00 33.46 -14.35
N LEU B 55 4.59 34.03 -15.40
CA LEU B 55 5.86 34.74 -15.33
C LEU B 55 5.62 36.21 -15.62
N SER B 56 6.25 37.08 -14.84
CA SER B 56 6.12 38.52 -14.99
C SER B 56 7.48 39.08 -15.41
N GLY B 57 7.70 39.19 -16.71
CA GLY B 57 8.94 39.74 -17.22
C GLY B 57 8.91 39.76 -18.73
N SER B 58 9.96 40.35 -19.30
CA SER B 58 10.13 40.43 -20.74
C SER B 58 11.04 39.30 -21.23
N LYS B 59 11.17 39.20 -22.56
CA LYS B 59 11.99 38.16 -23.14
C LYS B 59 13.46 38.29 -22.77
N GLN B 60 13.90 39.48 -22.37
CA GLN B 60 15.29 39.66 -21.96
C GLN B 60 15.61 38.85 -20.71
N GLN B 61 14.70 38.86 -19.73
CA GLN B 61 14.93 38.16 -18.48
C GLN B 61 14.36 36.75 -18.47
N LEU B 62 13.34 36.47 -19.28
CA LEU B 62 12.73 35.13 -19.31
C LEU B 62 13.58 34.22 -20.18
N SER B 63 14.70 33.78 -19.60
CA SER B 63 15.60 32.84 -20.23
C SER B 63 15.85 31.67 -19.29
N ARG B 64 16.28 30.55 -19.86
CA ARG B 64 16.50 29.35 -19.06
C ARG B 64 17.52 29.61 -17.95
N ASP B 65 18.63 30.27 -18.29
CA ASP B 65 19.66 30.53 -17.29
C ASP B 65 19.14 31.43 -16.18
N SER B 66 18.38 32.46 -16.53
CA SER B 66 17.85 33.36 -15.50
C SER B 66 16.80 32.67 -14.65
N LEU B 67 15.95 31.85 -15.27
CA LEU B 67 14.94 31.12 -14.52
C LEU B 67 15.57 30.16 -13.52
N LEU B 68 16.60 29.42 -13.96
CA LEU B 68 17.25 28.46 -13.06
C LEU B 68 18.08 29.15 -12.00
N SER B 69 18.74 30.24 -12.35
CA SER B 69 19.65 30.90 -11.41
C SER B 69 18.89 31.59 -10.29
N GLY B 70 17.77 32.22 -10.60
CA GLY B 70 17.02 32.99 -9.63
C GLY B 70 17.15 34.49 -9.77
N CYS B 71 17.77 34.98 -10.84
CA CYS B 71 17.91 36.42 -11.08
C CYS B 71 16.77 36.98 -11.90
N HIS B 72 15.77 36.17 -12.22
CA HIS B 72 14.59 36.63 -12.93
C HIS B 72 13.78 37.58 -12.05
N PRO B 73 12.93 38.41 -12.66
CA PRO B 73 12.01 39.23 -11.85
C PRO B 73 11.00 38.37 -11.12
N GLY B 74 10.13 39.00 -10.35
CA GLY B 74 9.16 38.26 -9.55
C GLY B 74 8.16 37.51 -10.41
N PHE B 75 7.50 36.55 -9.79
CA PHE B 75 6.52 35.72 -10.46
C PHE B 75 5.19 36.47 -10.60
N GLY B 76 4.49 36.21 -11.70
CA GLY B 76 3.19 36.79 -11.93
C GLY B 76 2.15 36.23 -10.98
N PRO B 77 0.98 36.86 -10.93
CA PRO B 77 -0.03 36.45 -9.93
C PRO B 77 -0.42 34.98 -10.01
N LEU B 78 -0.56 34.44 -11.22
CA LEU B 78 -0.83 33.02 -11.34
C LEU B 78 0.35 32.19 -10.88
N GLY B 79 1.57 32.64 -11.16
CA GLY B 79 2.74 31.98 -10.64
C GLY B 79 2.80 32.02 -9.12
N VAL B 80 2.41 33.15 -8.53
CA VAL B 80 2.36 33.24 -7.07
C VAL B 80 1.33 32.27 -6.51
N GLU B 81 0.16 32.19 -7.13
CA GLU B 81 -0.86 31.26 -6.67
C GLU B 81 -0.41 29.81 -6.80
N LEU B 82 0.26 29.48 -7.91
CA LEU B 82 0.79 28.13 -8.09
C LEU B 82 1.85 27.80 -7.04
N ARG B 83 2.73 28.75 -6.74
CA ARG B 83 3.74 28.51 -5.71
C ARG B 83 3.09 28.37 -4.34
N LYS B 84 2.03 29.15 -4.07
CA LYS B 84 1.31 29.00 -2.81
C LYS B 84 0.67 27.63 -2.71
N ASN B 85 0.07 27.14 -3.79
CA ASN B 85 -0.52 25.81 -3.78
C ASN B 85 0.55 24.74 -3.58
N LEU B 86 1.71 24.90 -4.23
CA LEU B 86 2.79 23.93 -4.06
C LEU B 86 3.30 23.92 -2.63
N ALA B 87 3.46 25.11 -2.03
CA ALA B 87 3.89 25.19 -0.65
C ALA B 87 2.86 24.61 0.30
N ALA B 88 1.57 24.82 0.01
CA ALA B 88 0.52 24.24 0.83
C ALA B 88 0.52 22.72 0.73
N GLU B 89 0.73 22.16 -0.46
CA GLU B 89 0.83 20.72 -0.61
C GLU B 89 2.04 20.18 0.15
N TRP B 90 3.18 20.88 0.04
CA TRP B 90 4.38 20.46 0.78
C TRP B 90 4.12 20.48 2.28
N TRP B 91 3.46 21.52 2.78
CA TRP B 91 3.16 21.62 4.20
C TRP B 91 2.22 20.50 4.63
N THR B 92 1.17 20.25 3.83
CA THR B 92 0.24 19.18 4.14
C THR B 92 0.96 17.83 4.21
N SER B 93 1.88 17.58 3.29
CA SER B 93 2.57 16.30 3.26
C SER B 93 3.62 16.17 4.37
N VAL B 94 4.25 17.27 4.79
CA VAL B 94 5.42 17.20 5.66
C VAL B 94 5.08 17.54 7.10
N VAL B 95 4.36 18.63 7.35
CA VAL B 95 4.20 19.17 8.69
C VAL B 95 2.87 18.78 9.30
N VAL B 96 1.78 18.94 8.56
CA VAL B 96 0.44 18.81 9.14
C VAL B 96 0.19 17.37 9.60
N PHE B 97 0.45 16.41 8.72
CA PHE B 97 0.11 15.02 9.00
C PHE B 97 1.21 14.26 9.73
N ARG B 98 2.32 14.91 10.05
CA ARG B 98 3.38 14.33 10.88
C ARG B 98 3.30 14.97 12.26
N GLU B 99 3.21 14.14 13.30
CA GLU B 99 3.11 14.64 14.65
C GLU B 99 4.44 15.17 15.20
N GLN B 100 5.55 14.91 14.51
CA GLN B 100 6.87 15.29 14.99
C GLN B 100 7.45 16.50 14.27
N VAL B 101 6.74 17.07 13.31
CA VAL B 101 7.24 18.18 12.51
C VAL B 101 6.55 19.46 12.94
N PHE B 102 7.34 20.47 13.28
CA PHE B 102 6.85 21.77 13.70
C PHE B 102 7.49 22.86 12.86
N PRO B 103 6.79 23.98 12.65
CA PRO B 103 7.37 25.09 11.90
C PRO B 103 8.45 25.80 12.70
N VAL B 104 9.38 26.43 11.97
CA VAL B 104 10.49 27.17 12.57
C VAL B 104 10.63 28.49 11.82
N ASP B 105 10.93 29.55 12.56
CA ASP B 105 11.11 30.89 12.00
C ASP B 105 12.60 31.23 11.98
N ALA B 106 13.18 31.22 10.78
CA ALA B 106 14.58 31.58 10.59
C ALA B 106 14.65 32.93 9.88
N LEU B 107 15.44 33.84 10.43
CA LEU B 107 15.56 35.18 9.87
C LEU B 107 16.31 35.13 8.55
N HIS B 108 16.07 36.15 7.71
CA HIS B 108 16.69 36.23 6.40
C HIS B 108 18.14 36.68 6.45
N HIS B 109 18.62 37.15 7.60
CA HIS B 109 20.00 37.59 7.74
C HIS B 109 20.62 36.97 8.98
N LYS B 110 21.92 36.70 8.89
CA LYS B 110 22.69 36.24 10.03
C LYS B 110 23.60 37.36 10.53
N PRO B 111 23.35 37.92 11.70
CA PRO B 111 24.17 39.04 12.18
C PRO B 111 25.50 38.54 12.76
N GLY B 112 26.33 39.50 13.16
CA GLY B 112 27.60 39.20 13.78
C GLY B 112 28.66 38.77 12.79
N PRO B 113 29.80 38.27 13.30
CA PRO B 113 30.93 37.83 12.47
C PRO B 113 30.65 36.51 11.77
N THR B 153 33.49 44.19 9.76
CA THR B 153 32.60 43.07 10.07
C THR B 153 31.14 43.47 9.89
N SER B 154 30.44 42.74 9.02
CA SER B 154 29.03 43.02 8.74
C SER B 154 28.31 41.71 8.49
N GLY B 155 26.99 41.74 8.63
CA GLY B 155 26.18 40.56 8.46
C GLY B 155 25.99 40.19 7.00
N LYS B 156 25.32 39.06 6.79
CA LYS B 156 25.08 38.54 5.45
C LYS B 156 23.67 37.97 5.37
N LEU B 157 23.16 37.92 4.15
CA LEU B 157 21.88 37.26 3.90
C LEU B 157 22.04 35.74 4.00
N ARG B 158 20.94 35.07 4.28
CA ARG B 158 20.97 33.62 4.43
C ARG B 158 21.06 32.94 3.07
N GLU B 159 21.88 31.90 3.00
CA GLU B 159 21.99 31.07 1.81
C GLU B 159 21.30 29.73 1.96
N ASN B 160 20.92 29.36 3.18
CA ASN B 160 20.20 28.12 3.42
C ASN B 160 19.43 28.25 4.72
N LEU B 161 18.39 27.44 4.85
CA LEU B 161 17.54 27.42 6.03
C LEU B 161 18.03 26.46 7.10
N LEU B 162 19.14 25.76 6.86
CA LEU B 162 19.63 24.76 7.79
C LEU B 162 20.17 25.42 9.06
N HIS B 163 20.81 26.58 8.93
CA HIS B 163 21.44 27.21 10.08
C HIS B 163 20.40 27.59 11.15
N GLY B 164 19.30 28.20 10.73
CA GLY B 164 18.26 28.56 11.69
C GLY B 164 17.61 27.35 12.34
N ALA B 165 17.40 26.29 11.55
CA ALA B 165 16.84 25.07 12.11
C ALA B 165 17.76 24.46 13.16
N LEU B 166 19.07 24.47 12.90
CA LEU B 166 20.00 23.97 13.90
C LEU B 166 20.05 24.88 15.12
N GLU B 167 19.86 26.18 14.94
CA GLU B 167 19.79 27.09 16.09
C GLU B 167 18.54 26.84 16.92
N HIS B 168 17.44 26.43 16.29
CA HIS B 168 16.19 26.17 16.99
C HIS B 168 16.03 24.72 17.42
N TYR B 169 16.99 23.85 17.09
CA TYR B 169 16.89 22.45 17.49
C TYR B 169 16.71 22.29 18.99
N VAL B 170 17.55 22.95 19.79
CA VAL B 170 17.48 22.79 21.23
C VAL B 170 16.16 23.33 21.78
N ASN B 171 15.71 24.48 21.27
CA ASN B 171 14.46 25.05 21.75
C ASN B 171 13.27 24.17 21.41
N CYS B 172 13.26 23.58 20.20
CA CYS B 172 12.14 22.74 19.78
C CYS B 172 12.26 21.31 20.30
N LEU B 173 13.38 20.95 20.92
CA LEU B 173 13.44 19.66 21.61
C LEU B 173 12.38 19.55 22.71
N ASP B 174 12.02 20.67 23.33
CA ASP B 174 11.09 20.63 24.45
C ASP B 174 9.67 20.29 24.01
N LEU B 175 9.31 20.62 22.76
CA LEU B 175 7.96 20.34 22.29
C LEU B 175 7.68 18.85 22.25
N VAL B 176 8.62 18.07 21.72
CA VAL B 176 8.44 16.63 21.61
C VAL B 176 8.90 15.95 22.89
N ASN B 177 9.19 16.75 23.91
CA ASN B 177 9.70 16.24 25.19
C ASN B 177 10.96 15.41 24.98
N LYS B 178 11.87 15.95 24.17
CA LYS B 178 13.17 15.35 23.87
C LYS B 178 13.05 13.99 23.19
N ARG B 179 11.90 13.70 22.58
CA ARG B 179 11.69 12.43 21.90
C ARG B 179 12.12 12.54 20.45
N LEU B 180 12.97 11.62 20.02
CA LEU B 180 13.41 11.55 18.64
C LEU B 180 12.70 10.42 17.92
N PRO B 181 12.52 10.53 16.60
CA PRO B 181 12.89 11.64 15.73
C PRO B 181 11.87 12.78 15.72
N TYR B 182 12.33 14.01 15.49
CA TYR B 182 11.43 15.13 15.26
C TYR B 182 12.10 16.07 14.27
N GLY B 183 11.28 16.85 13.58
CA GLY B 183 11.76 17.69 12.50
C GLY B 183 11.33 19.13 12.64
N LEU B 184 12.07 20.00 11.97
CA LEU B 184 11.75 21.42 11.88
C LEU B 184 11.67 21.79 10.40
N ALA B 185 10.50 22.24 9.97
CA ALA B 185 10.25 22.54 8.57
C ALA B 185 10.00 24.02 8.39
N GLN B 186 10.43 24.54 7.24
CA GLN B 186 10.28 25.96 6.95
C GLN B 186 10.29 26.15 5.43
N ILE B 187 9.49 27.11 4.98
CA ILE B 187 9.49 27.54 3.60
C ILE B 187 9.85 29.02 3.56
N GLY B 188 10.85 29.36 2.76
CA GLY B 188 11.31 30.74 2.71
C GLY B 188 12.28 30.94 1.57
N VAL B 189 12.67 32.20 1.38
CA VAL B 189 13.54 32.61 0.29
C VAL B 189 14.97 32.65 0.78
N CYS B 190 15.88 32.03 0.04
CA CYS B 190 17.31 32.04 0.32
C CYS B 190 18.04 32.74 -0.80
N PHE B 191 19.14 33.40 -0.45
CA PHE B 191 19.87 34.27 -1.37
C PHE B 191 21.15 33.58 -1.81
N HIS B 192 21.33 33.45 -3.11
CA HIS B 192 22.47 32.74 -3.69
C HIS B 192 23.20 33.66 -4.66
N PRO B 193 24.50 33.87 -4.49
CA PRO B 193 25.26 34.65 -5.48
C PRO B 193 25.24 33.97 -6.85
N VAL B 194 25.15 34.78 -7.89
CA VAL B 194 25.12 34.27 -9.26
C VAL B 194 26.23 34.91 -10.08
N LYS B 205 28.46 39.84 -9.08
CA LYS B 205 27.95 39.18 -7.90
C LYS B 205 26.44 39.38 -7.78
N SER B 206 25.72 39.00 -8.83
CA SER B 206 24.27 39.13 -8.82
C SER B 206 23.66 38.18 -7.80
N ILE B 207 22.59 38.64 -7.15
CA ILE B 207 21.90 37.88 -6.11
C ILE B 207 20.67 37.23 -6.71
N GLY B 208 20.58 35.91 -6.62
CA GLY B 208 19.41 35.17 -7.05
C GLY B 208 18.63 34.68 -5.85
N GLU B 209 17.33 34.98 -5.86
CA GLU B 209 16.43 34.62 -4.76
C GLU B 209 15.69 33.35 -5.10
N LYS B 210 15.83 32.33 -4.27
CA LYS B 210 15.15 31.05 -4.44
C LYS B 210 14.33 30.74 -3.21
N THR B 211 13.05 30.42 -3.41
CA THR B 211 12.19 29.98 -2.32
C THR B 211 12.45 28.51 -2.06
N GLU B 212 12.79 28.17 -0.82
CA GLU B 212 13.21 26.83 -0.46
C GLU B 212 12.34 26.28 0.66
N ALA B 213 11.95 25.01 0.51
CA ALA B 213 11.23 24.27 1.54
C ALA B 213 12.21 23.27 2.14
N SER B 214 12.56 23.47 3.41
CA SER B 214 13.60 22.69 4.07
C SER B 214 13.02 21.96 5.27
N LEU B 215 13.34 20.67 5.37
CA LEU B 215 13.04 19.86 6.54
C LEU B 215 14.34 19.33 7.12
N VAL B 216 14.53 19.53 8.43
CA VAL B 216 15.71 19.05 9.12
C VAL B 216 15.25 17.99 10.12
N TRP B 217 15.66 16.74 9.86
CA TRP B 217 15.17 15.59 10.62
C TRP B 217 16.27 15.14 11.59
N PHE B 218 15.98 15.23 12.88
CA PHE B 218 16.92 14.83 13.93
C PHE B 218 16.62 13.38 14.29
N THR B 219 17.23 12.47 13.55
CA THR B 219 17.02 11.03 13.68
C THR B 219 18.08 10.39 14.55
N PRO B 220 17.74 9.31 15.26
CA PRO B 220 18.73 8.59 16.03
C PRO B 220 19.80 8.02 15.10
N PRO B 221 21.03 7.87 15.59
CA PRO B 221 22.13 7.45 14.72
C PRO B 221 21.93 6.09 14.08
N ARG B 222 21.29 5.14 14.76
CA ARG B 222 21.19 3.79 14.23
C ARG B 222 20.20 3.71 13.08
N THR B 223 19.14 4.51 13.10
CA THR B 223 18.13 4.51 12.06
C THR B 223 18.30 5.65 11.06
N SER B 224 19.50 6.24 11.02
CA SER B 224 19.73 7.37 10.13
C SER B 224 19.57 6.97 8.67
N ASN B 225 20.12 5.82 8.28
CA ASN B 225 19.99 5.37 6.91
C ASN B 225 18.56 4.96 6.58
N GLN B 226 17.88 4.32 7.54
CA GLN B 226 16.47 3.96 7.34
C GLN B 226 15.61 5.20 7.13
N TRP B 227 15.81 6.22 7.96
CA TRP B 227 15.05 7.45 7.80
C TRP B 227 15.44 8.20 6.53
N LEU B 228 16.71 8.13 6.13
CA LEU B 228 17.13 8.74 4.87
C LEU B 228 16.42 8.08 3.69
N ASP B 229 16.37 6.76 3.68
CA ASP B 229 15.67 6.05 2.61
C ASP B 229 14.18 6.36 2.64
N PHE B 230 13.58 6.39 3.83
CA PHE B 230 12.16 6.67 3.95
C PHE B 230 11.84 8.07 3.44
N TRP B 231 12.65 9.06 3.79
CA TRP B 231 12.40 10.42 3.32
C TRP B 231 12.67 10.55 1.83
N LEU B 232 13.68 9.84 1.31
CA LEU B 232 13.90 9.84 -0.13
C LEU B 232 12.66 9.32 -0.86
N ARG B 233 12.14 8.17 -0.42
CA ARG B 233 10.96 7.61 -1.05
C ARG B 233 9.76 8.54 -0.90
N HIS B 234 9.57 9.12 0.29
CA HIS B 234 8.42 9.98 0.54
C HIS B 234 8.47 11.24 -0.32
N ARG B 235 9.64 11.88 -0.41
CA ARG B 235 9.75 13.10 -1.21
C ARG B 235 9.62 12.79 -2.69
N LEU B 236 10.19 11.67 -3.14
CA LEU B 236 10.04 11.31 -4.55
C LEU B 236 8.59 11.00 -4.90
N GLN B 237 7.88 10.30 -4.00
CA GLN B 237 6.47 10.04 -4.20
C GLN B 237 5.66 11.34 -4.18
N TRP B 238 6.07 12.29 -3.34
CA TRP B 238 5.39 13.59 -3.31
C TRP B 238 5.57 14.35 -4.62
N TRP B 239 6.80 14.34 -5.16
CA TRP B 239 7.04 15.00 -6.44
C TRP B 239 6.30 14.30 -7.57
N ARG B 240 6.17 12.98 -7.50
CA ARG B 240 5.44 12.24 -8.52
C ARG B 240 3.94 12.24 -8.31
N LYS B 241 3.47 12.70 -7.15
CA LYS B 241 2.04 12.69 -6.85
C LYS B 241 1.28 13.65 -7.75
N PHE B 242 1.85 14.82 -8.01
CA PHE B 242 1.22 15.84 -8.84
C PHE B 242 1.76 15.84 -10.26
N ALA B 243 2.55 14.84 -10.63
CA ALA B 243 3.22 14.82 -11.92
C ALA B 243 2.43 14.00 -12.92
N MET B 244 2.19 14.59 -14.10
CA MET B 244 1.60 13.83 -15.19
C MET B 244 2.56 12.77 -15.71
N SER B 245 3.87 12.99 -15.53
CA SER B 245 4.91 12.04 -15.94
C SER B 245 5.81 11.78 -14.74
N PRO B 246 5.42 10.86 -13.85
CA PRO B 246 6.22 10.61 -12.65
C PRO B 246 7.63 10.12 -12.94
N SER B 247 7.87 9.52 -14.11
CA SER B 247 9.19 8.99 -14.42
C SER B 247 10.24 10.08 -14.57
N ASN B 248 9.83 11.31 -14.87
CA ASN B 248 10.79 12.40 -15.03
C ASN B 248 11.38 12.87 -13.71
N PHE B 249 10.87 12.42 -12.58
CA PHE B 249 11.43 12.73 -11.27
C PHE B 249 12.24 11.53 -10.81
N SER B 250 13.56 11.64 -10.88
CA SER B 250 14.47 10.55 -10.59
C SER B 250 15.25 10.84 -9.31
N SER B 251 16.07 9.87 -8.91
CA SER B 251 16.92 9.99 -7.74
C SER B 251 18.30 9.44 -8.07
N SER B 252 19.31 9.92 -7.33
CA SER B 252 20.68 9.48 -7.52
C SER B 252 21.40 9.52 -6.18
N ASP B 253 22.17 8.47 -5.91
CA ASP B 253 22.98 8.43 -4.70
C ASP B 253 24.27 9.22 -4.91
N CYS B 254 24.62 10.04 -3.93
CA CYS B 254 25.82 10.86 -4.00
C CYS B 254 26.45 10.93 -2.62
N GLN B 255 27.75 11.25 -2.60
CA GLN B 255 28.50 11.41 -1.36
C GLN B 255 29.27 12.72 -1.39
N ASP B 256 29.46 13.30 -0.21
CA ASP B 256 30.20 14.54 -0.08
C ASP B 256 31.69 14.27 -0.10
N GLU B 257 32.48 15.35 0.02
CA GLU B 257 33.93 15.20 0.14
C GLU B 257 34.30 14.45 1.40
N GLU B 258 33.59 14.71 2.50
CA GLU B 258 33.80 13.98 3.74
C GLU B 258 33.35 12.52 3.63
N GLY B 259 32.52 12.20 2.64
CA GLY B 259 32.04 10.86 2.46
C GLY B 259 30.67 10.57 3.02
N ARG B 260 29.94 11.59 3.48
CA ARG B 260 28.62 11.38 4.04
C ARG B 260 27.62 10.96 2.95
N LYS B 261 26.76 10.01 3.28
CA LYS B 261 25.78 9.52 2.32
C LYS B 261 24.69 10.56 2.09
N GLY B 262 24.05 10.47 0.94
CA GLY B 262 22.98 11.39 0.61
C GLY B 262 22.37 11.04 -0.72
N ASN B 263 21.24 11.68 -1.00
CA ASN B 263 20.52 11.49 -2.25
C ASN B 263 20.20 12.85 -2.87
N LYS B 264 20.04 12.85 -4.19
CA LYS B 264 19.74 14.07 -4.92
C LYS B 264 18.62 13.78 -5.92
N LEU B 265 17.51 14.50 -5.79
CA LEU B 265 16.38 14.37 -6.69
C LEU B 265 16.52 15.32 -7.86
N TYR B 266 16.01 14.89 -9.02
CA TYR B 266 16.10 15.66 -10.24
C TYR B 266 14.75 15.66 -10.95
N TYR B 267 14.56 16.67 -11.79
CA TYR B 267 13.50 16.67 -12.79
C TYR B 267 14.13 16.72 -14.17
N ASN B 268 13.70 15.83 -15.05
CA ASN B 268 14.26 15.74 -16.39
C ASN B 268 13.62 16.83 -17.25
N PHE B 269 14.19 18.03 -17.19
CA PHE B 269 13.78 19.11 -18.07
C PHE B 269 14.16 18.76 -19.51
N PRO B 270 13.52 19.41 -20.49
CA PRO B 270 13.88 19.12 -21.89
C PRO B 270 15.34 19.36 -22.22
N TRP B 271 16.04 20.18 -21.44
CA TRP B 271 17.47 20.39 -21.63
C TRP B 271 18.34 19.47 -20.79
N GLY B 272 17.78 18.83 -19.78
CA GLY B 272 18.54 17.91 -18.95
C GLY B 272 17.98 17.87 -17.55
N LYS B 273 18.66 17.11 -16.69
CA LYS B 273 18.25 16.98 -15.31
C LYS B 273 18.75 18.15 -14.48
N GLU B 274 17.87 18.68 -13.64
CA GLU B 274 18.21 19.79 -12.76
C GLU B 274 17.90 19.41 -11.33
N LEU B 275 18.78 19.81 -10.41
CA LEU B 275 18.64 19.46 -9.00
C LEU B 275 17.49 20.23 -8.39
N ILE B 276 16.38 19.54 -8.13
CA ILE B 276 15.22 20.17 -7.50
C ILE B 276 15.15 19.91 -6.00
N GLU B 277 15.78 18.85 -5.50
CA GLU B 277 15.74 18.53 -4.08
C GLU B 277 17.00 17.76 -3.70
N THR B 278 17.52 18.03 -2.51
CA THR B 278 18.75 17.41 -2.04
C THR B 278 18.55 16.89 -0.62
N LEU B 279 18.98 15.66 -0.38
CA LEU B 279 18.95 15.05 0.94
C LEU B 279 20.37 14.65 1.33
N TRP B 280 20.80 15.09 2.52
CA TRP B 280 22.12 14.79 3.03
C TRP B 280 22.01 14.17 4.41
N ASN B 281 22.72 13.05 4.61
CA ASN B 281 22.76 12.38 5.90
C ASN B 281 23.94 12.93 6.71
N LEU B 282 23.79 14.18 7.12
CA LEU B 282 24.80 14.81 7.98
C LEU B 282 24.81 14.12 9.34
N GLY B 283 26.00 14.07 9.95
CA GLY B 283 26.11 13.45 11.25
C GLY B 283 25.70 14.39 12.36
N ASP B 284 26.51 14.47 13.40
CA ASP B 284 26.26 15.39 14.51
C ASP B 284 27.36 16.42 14.67
N HIS B 285 28.40 16.39 13.83
CA HIS B 285 29.51 17.32 14.00
C HIS B 285 29.11 18.76 13.74
N GLU B 286 28.13 18.98 12.85
CA GLU B 286 27.65 20.34 12.61
C GLU B 286 26.94 20.91 13.84
N LEU B 287 26.10 20.10 14.48
CA LEU B 287 25.46 20.53 15.72
C LEU B 287 26.48 20.77 16.82
N LEU B 288 27.48 19.89 16.92
CA LEU B 288 28.52 20.06 17.94
C LEU B 288 29.31 21.34 17.69
N HIS B 289 29.58 21.65 16.43
CA HIS B 289 30.23 22.91 16.09
C HIS B 289 29.35 24.10 16.48
N MET B 290 28.05 24.00 16.21
CA MET B 290 27.15 25.09 16.59
C MET B 290 26.88 25.10 18.09
N TYR B 291 27.02 23.95 18.75
CA TYR B 291 26.78 23.83 20.19
C TYR B 291 28.00 23.18 20.85
N PRO B 292 29.10 23.93 20.99
CA PRO B 292 30.28 23.39 21.66
C PRO B 292 30.03 23.25 23.16
N GLY B 293 30.77 22.32 23.76
CA GLY B 293 30.68 22.12 25.20
C GLY B 293 30.08 20.79 25.58
N ASN B 294 29.31 20.77 26.66
CA ASN B 294 28.65 19.55 27.09
C ASN B 294 27.60 19.12 26.08
N VAL B 295 27.55 17.82 25.80
CA VAL B 295 26.62 17.28 24.82
C VAL B 295 25.34 16.81 25.53
N SER B 296 25.19 17.20 26.80
CA SER B 296 23.99 16.83 27.54
C SER B 296 22.74 17.48 26.94
N LYS B 297 22.87 18.74 26.49
CA LYS B 297 21.71 19.43 25.91
C LYS B 297 21.25 18.77 24.62
N LEU B 298 22.19 18.32 23.79
CA LEU B 298 21.84 17.77 22.49
C LEU B 298 21.27 16.36 22.58
N HIS B 299 21.28 15.73 23.76
CA HIS B 299 20.81 14.36 23.88
C HIS B 299 19.32 14.26 23.62
N GLY B 300 18.94 13.33 22.75
CA GLY B 300 17.54 13.05 22.48
C GLY B 300 17.18 11.63 22.87
N ARG B 301 15.89 11.34 22.98
CA ARG B 301 15.43 10.03 23.45
C ARG B 301 15.16 9.13 22.25
N ASP B 302 16.02 8.13 22.06
CA ASP B 302 15.83 7.06 21.09
C ASP B 302 15.44 5.81 21.88
N GLY B 303 14.14 5.66 22.12
CA GLY B 303 13.66 4.58 22.95
C GLY B 303 13.99 4.80 24.40
N ARG B 304 14.83 3.94 24.97
CA ARG B 304 15.27 4.06 26.35
C ARG B 304 16.69 4.58 26.48
N LYS B 305 17.26 5.11 25.41
CA LYS B 305 18.64 5.57 25.39
C LYS B 305 18.71 7.03 24.95
N ASN B 306 19.65 7.77 25.53
CA ASN B 306 19.89 9.16 25.15
C ASN B 306 21.03 9.20 24.14
N VAL B 307 20.74 9.75 22.95
CA VAL B 307 21.70 9.79 21.85
C VAL B 307 21.77 11.19 21.29
N VAL B 308 22.89 11.48 20.63
CA VAL B 308 23.07 12.72 19.90
C VAL B 308 22.55 12.50 18.48
N PRO B 309 21.54 13.24 18.03
CA PRO B 309 20.89 12.92 16.76
C PRO B 309 21.77 13.20 15.57
N CYS B 310 21.54 12.43 14.50
CA CYS B 310 22.11 12.72 13.20
C CYS B 310 21.16 13.62 12.43
N VAL B 311 21.72 14.64 11.77
CA VAL B 311 20.92 15.66 11.11
C VAL B 311 20.68 15.25 9.66
N LEU B 312 19.42 15.04 9.32
CA LEU B 312 19.03 14.74 7.94
C LEU B 312 18.41 16.00 7.36
N SER B 313 19.10 16.60 6.39
CA SER B 313 18.67 17.85 5.78
C SER B 313 18.03 17.57 4.44
N VAL B 314 16.77 17.98 4.29
CA VAL B 314 16.02 17.83 3.06
C VAL B 314 15.67 19.22 2.56
N ASN B 315 16.33 19.65 1.48
CA ASN B 315 16.16 20.99 0.93
C ASN B 315 15.52 20.88 -0.45
N GLY B 316 14.41 21.59 -0.65
CA GLY B 316 13.72 21.57 -1.92
C GLY B 316 13.51 22.95 -2.50
N ASP B 317 13.85 23.12 -3.77
CA ASP B 317 13.70 24.40 -4.47
C ASP B 317 12.28 24.49 -5.02
N LEU B 318 11.46 25.34 -4.40
CA LEU B 318 10.06 25.44 -4.82
C LEU B 318 9.92 26.21 -6.13
N ASP B 319 10.84 27.12 -6.42
CA ASP B 319 10.79 27.82 -7.71
C ASP B 319 11.13 26.88 -8.85
N ARG B 320 12.23 26.12 -8.71
CA ARG B 320 12.57 25.13 -9.71
C ARG B 320 11.52 24.03 -9.79
N GLY B 321 10.90 23.69 -8.66
CA GLY B 321 9.81 22.73 -8.68
C GLY B 321 8.59 23.24 -9.43
N MET B 322 8.27 24.53 -9.25
CA MET B 322 7.18 25.12 -10.01
C MET B 322 7.48 25.12 -11.49
N LEU B 323 8.72 25.46 -11.87
CA LEU B 323 9.09 25.38 -13.28
C LEU B 323 9.01 23.95 -13.80
N ALA B 324 9.42 22.99 -12.98
CA ALA B 324 9.32 21.58 -13.36
C ALA B 324 7.88 21.18 -13.60
N TYR B 325 6.97 21.62 -12.73
CA TYR B 325 5.56 21.28 -12.90
C TYR B 325 4.95 22.00 -14.10
N LEU B 326 5.40 23.22 -14.39
CA LEU B 326 4.94 23.91 -15.59
C LEU B 326 5.37 23.17 -16.84
N TYR B 327 6.60 22.67 -16.86
CA TYR B 327 7.05 21.88 -18.00
C TYR B 327 6.31 20.53 -18.07
N ASP B 328 6.07 19.92 -16.92
CA ASP B 328 5.40 18.62 -16.88
C ASP B 328 3.97 18.72 -17.39
N SER B 329 3.24 19.78 -16.99
CA SER B 329 1.88 19.95 -17.45
C SER B 329 1.81 20.18 -18.95
N PHE B 330 2.83 20.81 -19.53
CA PHE B 330 2.82 21.12 -20.95
C PHE B 330 3.53 20.02 -21.74
N ARG B 345 -3.93 21.19 -29.16
CA ARG B 345 -4.60 21.87 -28.07
C ARG B 345 -3.60 22.29 -26.99
N LYS B 346 -3.38 23.60 -26.86
CA LYS B 346 -2.48 24.12 -25.84
C LYS B 346 -3.22 24.17 -24.51
N VAL B 347 -2.78 23.37 -23.55
CA VAL B 347 -3.40 23.31 -22.24
C VAL B 347 -2.33 22.96 -21.21
N LEU B 348 -2.31 23.70 -20.10
CA LEU B 348 -1.39 23.42 -19.01
C LEU B 348 -2.13 22.54 -18.01
N LYS B 349 -1.98 21.23 -18.17
CA LYS B 349 -2.70 20.25 -17.33
C LYS B 349 -2.06 20.14 -15.95
N LEU B 350 -2.09 21.25 -15.22
CA LEU B 350 -1.65 21.25 -13.84
C LEU B 350 -2.56 20.38 -12.99
N HIS B 351 -2.02 19.92 -11.87
CA HIS B 351 -2.80 19.09 -10.97
C HIS B 351 -3.95 19.91 -10.38
N PRO B 352 -5.11 19.29 -10.17
CA PRO B 352 -6.24 20.03 -9.57
C PRO B 352 -5.92 20.63 -8.22
N CYS B 353 -5.04 20.00 -7.43
CA CYS B 353 -4.63 20.56 -6.16
C CYS B 353 -3.54 21.61 -6.29
N LEU B 354 -3.00 21.81 -7.50
CA LEU B 354 -1.97 22.80 -7.73
C LEU B 354 -2.39 23.94 -8.64
N ALA B 355 -3.49 23.78 -9.38
CA ALA B 355 -3.89 24.81 -10.33
C ALA B 355 -4.18 26.11 -9.59
N PRO B 356 -3.76 27.25 -10.14
CA PRO B 356 -3.93 28.53 -9.42
C PRO B 356 -5.39 28.93 -9.25
N ILE B 357 -6.16 28.89 -10.34
CA ILE B 357 -7.57 29.27 -10.32
C ILE B 357 -8.38 28.03 -10.66
N LYS B 358 -9.33 27.69 -9.78
CA LYS B 358 -10.03 26.42 -9.89
C LYS B 358 -11.18 26.48 -10.90
N VAL B 359 -12.00 27.53 -10.82
CA VAL B 359 -13.22 27.60 -11.63
C VAL B 359 -13.35 28.99 -12.24
N ALA B 360 -14.16 29.07 -13.30
CA ALA B 360 -14.43 30.31 -14.01
C ALA B 360 -15.95 30.49 -14.15
N LEU B 361 -16.41 31.72 -13.95
CA LEU B 361 -17.82 32.06 -14.04
C LEU B 361 -18.05 32.98 -15.24
N ASP B 362 -19.21 32.83 -15.87
CA ASP B 362 -19.55 33.62 -17.04
C ASP B 362 -21.05 33.81 -17.12
N VAL B 363 -21.47 34.78 -17.92
CA VAL B 363 -22.87 35.03 -18.23
C VAL B 363 -23.13 34.58 -19.66
N GLY B 364 -24.22 33.87 -19.88
CA GLY B 364 -24.47 33.28 -21.17
C GLY B 364 -25.17 34.17 -22.18
N ARG B 365 -26.37 34.63 -21.87
CA ARG B 365 -27.20 35.37 -22.81
C ARG B 365 -27.89 36.50 -22.06
N GLY B 366 -28.89 37.09 -22.71
CA GLY B 366 -29.72 38.08 -22.06
C GLY B 366 -30.76 37.43 -21.16
N PRO B 367 -31.24 38.18 -20.16
CA PRO B 367 -30.89 39.56 -19.80
C PRO B 367 -29.55 39.65 -19.10
N THR B 368 -28.81 40.74 -19.29
CA THR B 368 -27.50 40.87 -18.67
C THR B 368 -27.62 41.12 -17.17
N LEU B 369 -28.54 42.01 -16.76
CA LEU B 369 -28.61 42.43 -15.37
C LEU B 369 -29.03 41.28 -14.45
N GLU B 370 -30.01 40.48 -14.87
CA GLU B 370 -30.57 39.49 -13.96
C GLU B 370 -29.60 38.36 -13.66
N LEU B 371 -28.80 37.95 -14.64
CA LEU B 371 -27.83 36.89 -14.42
C LEU B 371 -26.69 37.33 -13.51
N ARG B 372 -26.44 38.64 -13.42
CA ARG B 372 -25.33 39.12 -12.61
C ARG B 372 -25.54 38.82 -11.13
N GLN B 373 -26.79 38.88 -10.66
CA GLN B 373 -27.05 38.56 -9.26
C GLN B 373 -26.74 37.09 -8.95
N VAL B 374 -27.14 36.18 -9.84
CA VAL B 374 -26.84 34.77 -9.65
C VAL B 374 -25.35 34.53 -9.71
N CYS B 375 -24.67 35.19 -10.65
CA CYS B 375 -23.21 35.05 -10.74
C CYS B 375 -22.54 35.55 -9.47
N GLN B 376 -22.99 36.68 -8.93
CA GLN B 376 -22.43 37.21 -7.69
C GLN B 376 -22.67 36.25 -6.53
N GLY B 377 -23.88 35.69 -6.44
CA GLY B 377 -24.16 34.76 -5.36
C GLY B 377 -23.30 33.52 -5.43
N LEU B 378 -23.16 32.94 -6.62
CA LEU B 378 -22.32 31.77 -6.78
C LEU B 378 -20.86 32.09 -6.51
N PHE B 379 -20.40 33.27 -6.96
CA PHE B 379 -19.05 33.72 -6.70
C PHE B 379 -18.76 33.79 -5.21
N ASN B 380 -19.66 34.44 -4.47
CA ASN B 380 -19.47 34.59 -3.02
C ASN B 380 -19.53 33.24 -2.32
N GLU B 381 -20.44 32.35 -2.74
CA GLU B 381 -20.52 31.02 -2.14
C GLU B 381 -19.22 30.25 -2.35
N LEU B 382 -18.73 30.23 -3.60
CA LEU B 382 -17.51 29.48 -3.89
C LEU B 382 -16.32 30.05 -3.13
N LEU B 383 -16.21 31.39 -3.05
CA LEU B 383 -15.11 31.98 -2.31
C LEU B 383 -15.22 31.67 -0.82
N GLU B 384 -16.45 31.63 -0.28
CA GLU B 384 -16.63 31.21 1.10
C GLU B 384 -16.28 29.75 1.31
N ASN B 385 -16.35 28.93 0.25
CA ASN B 385 -16.06 27.51 0.35
C ASN B 385 -14.63 27.16 -0.08
N GLY B 386 -13.75 28.16 -0.12
CA GLY B 386 -12.34 27.89 -0.38
C GLY B 386 -11.98 27.55 -1.80
N ILE B 387 -12.81 27.95 -2.76
CA ILE B 387 -12.57 27.68 -4.18
C ILE B 387 -12.27 29.01 -4.86
N SER B 388 -11.06 29.13 -5.40
CA SER B 388 -10.68 30.35 -6.10
C SER B 388 -11.40 30.42 -7.45
N VAL B 389 -11.99 31.58 -7.72
CA VAL B 389 -12.86 31.77 -8.88
C VAL B 389 -12.31 32.90 -9.74
N TRP B 390 -12.38 32.72 -11.05
CA TRP B 390 -12.07 33.79 -12.00
C TRP B 390 -13.37 34.44 -12.45
N PRO B 391 -13.57 35.72 -12.19
CA PRO B 391 -14.84 36.39 -12.56
C PRO B 391 -14.86 36.84 -14.01
N GLY B 392 -15.13 35.89 -14.91
CA GLY B 392 -15.23 36.21 -16.32
C GLY B 392 -16.51 36.91 -16.72
N TYR B 393 -17.50 36.94 -15.83
CA TYR B 393 -18.74 37.67 -16.08
C TYR B 393 -18.56 39.18 -15.95
N LEU B 394 -17.42 39.63 -15.41
CA LEU B 394 -17.15 41.05 -15.26
C LEU B 394 -16.43 41.64 -16.46
N GLU B 395 -16.20 40.86 -17.51
CA GLU B 395 -15.47 41.33 -18.69
C GLU B 395 -16.43 42.02 -19.64
N THR B 396 -16.22 43.32 -19.85
CA THR B 396 -17.06 44.06 -20.78
C THR B 396 -16.87 43.57 -22.21
N MET B 397 -15.64 43.28 -22.60
CA MET B 397 -15.33 42.81 -23.95
C MET B 397 -15.67 41.33 -24.03
N GLN B 398 -16.93 41.04 -24.36
CA GLN B 398 -17.36 39.66 -24.50
C GLN B 398 -16.72 39.03 -25.74
N SER B 399 -16.39 37.75 -25.63
CA SER B 399 -15.75 37.01 -26.71
C SER B 399 -16.48 35.70 -26.92
N SER B 400 -16.14 35.02 -28.02
CA SER B 400 -16.75 33.74 -28.33
C SER B 400 -16.31 32.68 -27.32
N LEU B 401 -17.14 31.65 -27.17
CA LEU B 401 -16.88 30.62 -26.16
C LEU B 401 -15.61 29.85 -26.47
N GLU B 402 -15.24 29.72 -27.76
CA GLU B 402 -14.02 29.02 -28.11
C GLU B 402 -12.78 29.75 -27.59
N GLN B 403 -12.73 31.07 -27.78
CA GLN B 403 -11.60 31.85 -27.28
C GLN B 403 -11.53 31.80 -25.76
N LEU B 404 -12.69 31.88 -25.10
CA LEU B 404 -12.72 31.80 -23.64
C LEU B 404 -12.21 30.44 -23.17
N TYR B 405 -12.62 29.36 -23.84
CA TYR B 405 -12.15 28.03 -23.48
C TYR B 405 -10.65 27.91 -23.67
N SER B 406 -10.12 28.44 -24.78
CA SER B 406 -8.68 28.38 -25.00
C SER B 406 -7.91 29.17 -23.93
N LYS B 407 -8.42 30.37 -23.59
CA LYS B 407 -7.79 31.18 -22.57
C LYS B 407 -7.79 30.47 -21.22
N TYR B 408 -8.91 29.83 -20.87
CA TYR B 408 -8.97 29.11 -19.60
C TYR B 408 -8.11 27.86 -19.62
N ASP B 409 -7.97 27.21 -20.78
CA ASP B 409 -7.07 26.07 -20.88
C ASP B 409 -5.62 26.49 -20.66
N GLU B 410 -5.21 27.63 -21.23
CA GLU B 410 -3.85 28.09 -21.01
C GLU B 410 -3.61 28.50 -19.55
N MET B 411 -4.66 28.92 -18.86
CA MET B 411 -4.56 29.33 -17.47
C MET B 411 -4.69 28.17 -16.49
N SER B 412 -4.90 26.95 -17.00
CA SER B 412 -5.15 25.77 -16.16
C SER B 412 -6.38 25.98 -15.28
N ILE B 413 -7.50 26.25 -15.95
CA ILE B 413 -8.78 26.40 -15.27
C ILE B 413 -9.49 25.05 -15.29
N LEU B 414 -9.80 24.52 -14.11
CA LEU B 414 -10.39 23.19 -14.03
C LEU B 414 -11.80 23.16 -14.63
N PHE B 415 -12.62 24.16 -14.33
CA PHE B 415 -14.02 24.15 -14.74
C PHE B 415 -14.46 25.53 -15.18
N THR B 416 -15.44 25.55 -16.09
CA THR B 416 -16.03 26.78 -16.62
C THR B 416 -17.54 26.71 -16.38
N VAL B 417 -17.99 27.45 -15.36
CA VAL B 417 -19.42 27.51 -15.05
C VAL B 417 -20.05 28.61 -15.88
N LEU B 418 -21.14 28.29 -16.57
CA LEU B 418 -21.83 29.21 -17.46
C LEU B 418 -23.26 29.39 -16.94
N VAL B 419 -23.47 30.45 -16.17
CA VAL B 419 -24.80 30.79 -15.68
C VAL B 419 -25.56 31.48 -16.80
N THR B 420 -26.70 30.94 -17.17
CA THR B 420 -27.47 31.41 -18.32
C THR B 420 -28.88 31.79 -17.87
N GLU B 421 -29.67 32.28 -18.83
CA GLU B 421 -31.05 32.65 -18.53
C GLU B 421 -31.88 31.43 -18.17
N THR B 422 -31.51 30.25 -18.68
CA THR B 422 -32.21 29.02 -18.33
C THR B 422 -31.98 28.63 -16.88
N THR B 423 -30.87 29.08 -16.29
CA THR B 423 -30.63 28.84 -14.87
C THR B 423 -31.71 29.51 -14.02
N LEU B 424 -32.16 30.70 -14.45
CA LEU B 424 -33.23 31.39 -13.72
C LEU B 424 -34.50 30.55 -13.67
N GLU B 425 -34.71 29.69 -14.66
CA GLU B 425 -35.91 28.85 -14.69
C GLU B 425 -35.75 27.63 -13.79
N ASN B 426 -34.75 26.79 -14.06
CA ASN B 426 -34.61 25.51 -13.37
C ASN B 426 -33.39 25.40 -12.48
N GLY B 427 -32.42 26.30 -12.62
CA GLY B 427 -31.22 26.22 -11.80
C GLY B 427 -30.09 25.37 -12.35
N LEU B 428 -30.11 25.08 -13.64
CA LEU B 428 -29.07 24.29 -14.28
C LEU B 428 -28.02 25.21 -14.88
N ILE B 429 -26.75 24.92 -14.61
CA ILE B 429 -25.63 25.71 -15.10
C ILE B 429 -24.71 24.80 -15.90
N HIS B 430 -24.33 25.25 -17.10
CA HIS B 430 -23.40 24.49 -17.92
C HIS B 430 -22.04 24.40 -17.24
N LEU B 431 -21.48 23.20 -17.22
CA LEU B 431 -20.18 22.95 -16.60
C LEU B 431 -19.29 22.22 -17.59
N ARG B 432 -18.12 22.78 -17.88
CA ARG B 432 -17.16 22.13 -18.77
C ARG B 432 -15.84 21.95 -18.04
N SER B 433 -15.11 20.88 -18.36
CA SER B 433 -13.85 20.58 -17.68
C SER B 433 -12.67 20.61 -18.64
N ARG B 434 -11.52 21.07 -18.15
CA ARG B 434 -10.32 21.13 -18.98
C ARG B 434 -9.86 19.75 -19.41
N ASP B 435 -9.96 18.78 -18.52
CA ASP B 435 -9.49 17.44 -18.81
C ASP B 435 -10.20 16.78 -19.98
N THR B 436 -11.51 16.91 -20.07
CA THR B 436 -12.25 16.22 -21.13
C THR B 436 -12.90 17.16 -22.12
N THR B 437 -12.93 18.45 -21.81
CA THR B 437 -13.57 19.43 -22.69
C THR B 437 -15.02 19.05 -22.96
N MET B 438 -15.67 18.40 -21.98
CA MET B 438 -17.05 17.97 -22.17
C MET B 438 -18.01 18.81 -21.37
N LYS B 439 -19.16 19.15 -21.97
CA LYS B 439 -20.15 19.97 -21.27
C LYS B 439 -21.09 19.10 -20.47
N GLU B 440 -21.46 19.58 -19.28
CA GLU B 440 -22.37 18.88 -18.40
C GLU B 440 -23.34 19.87 -17.79
N MET B 441 -24.53 19.38 -17.42
CA MET B 441 -25.54 20.17 -16.75
C MET B 441 -25.58 19.77 -15.28
N MET B 442 -25.54 20.76 -14.40
CA MET B 442 -25.56 20.51 -12.97
C MET B 442 -26.36 21.60 -12.29
N HIS B 443 -27.10 21.23 -11.25
CA HIS B 443 -27.92 22.19 -10.52
C HIS B 443 -27.06 23.08 -9.64
N ILE B 444 -27.60 24.25 -9.32
CA ILE B 444 -26.89 25.21 -8.48
C ILE B 444 -26.62 24.63 -7.10
N SER B 445 -27.58 23.88 -6.57
CA SER B 445 -27.51 23.41 -5.19
C SER B 445 -26.32 22.48 -4.94
N LYS B 446 -25.80 21.82 -5.97
CA LYS B 446 -24.76 20.81 -5.79
C LYS B 446 -23.46 21.16 -6.50
N LEU B 447 -23.27 22.42 -6.93
CA LEU B 447 -22.01 22.78 -7.58
C LEU B 447 -20.87 22.86 -6.58
N LYS B 448 -21.12 23.49 -5.42
CA LYS B 448 -20.08 23.63 -4.42
C LYS B 448 -19.61 22.28 -3.92
N ASP B 449 -20.55 21.36 -3.66
CA ASP B 449 -20.19 20.04 -3.17
C ASP B 449 -19.39 19.28 -4.22
N PHE B 450 -19.77 19.38 -5.49
CA PHE B 450 -19.03 18.72 -6.55
C PHE B 450 -17.62 19.27 -6.67
N LEU B 451 -17.47 20.59 -6.59
CA LEU B 451 -16.14 21.19 -6.68
C LEU B 451 -15.26 20.77 -5.51
N ILE B 452 -15.82 20.77 -4.30
CA ILE B 452 -15.06 20.36 -3.13
C ILE B 452 -14.65 18.89 -3.26
N LYS B 453 -15.56 18.03 -3.71
CA LYS B 453 -15.24 16.62 -3.89
C LYS B 453 -14.15 16.44 -4.93
N TYR B 454 -14.24 17.17 -6.05
CA TYR B 454 -13.23 17.04 -7.10
C TYR B 454 -11.86 17.49 -6.61
N ILE B 455 -11.81 18.58 -5.85
CA ILE B 455 -10.53 19.07 -5.36
C ILE B 455 -9.95 18.12 -4.31
N SER B 456 -10.78 17.66 -3.37
CA SER B 456 -10.27 16.83 -2.28
C SER B 456 -9.86 15.44 -2.76
N SER B 457 -10.65 14.84 -3.65
CA SER B 457 -10.38 13.48 -4.09
C SER B 457 -9.31 13.40 -5.18
N ALA B 458 -8.83 14.54 -5.67
CA ALA B 458 -7.80 14.55 -6.70
C ALA B 458 -6.46 14.09 -6.14
N GLU C 43 5.06 41.66 30.26
CA GLU C 43 6.09 41.02 31.08
C GLU C 43 5.78 39.54 31.27
N ALA C 44 4.75 39.26 32.06
CA ALA C 44 4.33 37.87 32.26
C ALA C 44 3.85 37.25 30.96
N LEU C 45 3.18 38.05 30.11
CA LEU C 45 2.72 37.55 28.83
C LEU C 45 3.90 37.14 27.94
N LEU C 46 4.96 37.92 27.93
CA LEU C 46 6.14 37.56 27.15
C LEU C 46 6.79 36.29 27.69
N GLU C 47 6.81 36.12 29.01
CA GLU C 47 7.33 34.89 29.59
C GLU C 47 6.50 33.69 29.17
N ILE C 48 5.17 33.83 29.18
CA ILE C 48 4.30 32.76 28.73
C ILE C 48 4.54 32.44 27.26
N CYS C 49 4.67 33.49 26.43
CA CYS C 49 4.88 33.28 25.01
C CYS C 49 6.20 32.58 24.73
N GLN C 50 7.26 32.96 25.45
CA GLN C 50 8.54 32.28 25.30
C GLN C 50 8.44 30.82 25.77
N ARG C 51 7.77 30.59 26.90
CA ARG C 51 7.66 29.22 27.41
C ARG C 51 6.77 28.36 26.53
N ARG C 52 5.64 28.90 26.08
CA ARG C 52 4.70 28.16 25.24
C ARG C 52 5.02 28.27 23.76
N HIS C 53 6.25 28.67 23.42
CA HIS C 53 6.77 28.59 22.05
C HIS C 53 6.00 29.51 21.09
N PHE C 54 5.64 30.68 21.57
CA PHE C 54 5.21 31.77 20.68
C PHE C 54 6.41 32.59 20.21
N LEU C 55 7.40 32.76 21.08
CA LEU C 55 8.60 33.51 20.79
C LEU C 55 9.83 32.64 21.04
N SER C 56 10.80 32.71 20.15
CA SER C 56 12.02 31.91 20.28
C SER C 56 13.08 32.69 21.06
N GLY C 57 14.13 31.97 21.45
CA GLY C 57 15.24 32.56 22.18
C GLY C 57 15.13 32.32 23.67
N SER C 58 16.17 32.77 24.37
CA SER C 58 16.24 32.62 25.82
C SER C 58 15.33 33.65 26.49
N LYS C 59 15.12 33.46 27.80
CA LYS C 59 14.23 34.33 28.55
C LYS C 59 14.77 35.76 28.63
N GLN C 60 16.09 35.93 28.56
CA GLN C 60 16.70 37.26 28.58
C GLN C 60 16.94 37.81 27.18
N GLN C 61 16.63 37.05 26.14
CA GLN C 61 16.90 37.46 24.76
C GLN C 61 15.75 38.20 24.12
N LEU C 62 14.61 38.32 24.80
CA LEU C 62 13.45 39.03 24.27
C LEU C 62 13.14 40.23 25.15
N SER C 63 12.75 41.34 24.50
CA SER C 63 12.39 42.56 25.20
C SER C 63 11.38 43.31 24.33
N ARG C 64 10.73 44.30 24.94
CA ARG C 64 9.68 45.04 24.23
C ARG C 64 10.25 45.73 22.99
N ASP C 65 11.37 46.45 23.16
CA ASP C 65 11.93 47.21 22.04
C ASP C 65 12.40 46.28 20.93
N SER C 66 13.02 45.16 21.29
CA SER C 66 13.47 44.21 20.28
C SER C 66 12.31 43.64 19.49
N LEU C 67 11.22 43.30 20.18
CA LEU C 67 10.04 42.79 19.50
C LEU C 67 9.42 43.84 18.59
N LEU C 68 9.32 45.08 19.06
CA LEU C 68 8.68 46.13 18.27
C LEU C 68 9.52 46.53 17.07
N SER C 69 10.85 46.50 17.20
CA SER C 69 11.74 46.93 16.13
C SER C 69 12.07 45.83 15.13
N GLY C 70 11.65 44.59 15.40
CA GLY C 70 11.95 43.50 14.49
C GLY C 70 13.32 42.87 14.68
N CYS C 71 13.97 43.12 15.82
CA CYS C 71 15.29 42.58 16.10
C CYS C 71 15.24 41.38 17.03
N HIS C 72 14.06 40.81 17.25
CA HIS C 72 13.95 39.59 18.04
C HIS C 72 14.54 38.42 17.25
N PRO C 73 14.99 37.38 17.96
CA PRO C 73 15.56 36.22 17.26
C PRO C 73 14.60 35.56 16.29
N GLY C 74 13.31 35.59 16.57
CA GLY C 74 12.33 34.98 15.69
C GLY C 74 11.04 34.69 16.44
N PHE C 75 10.22 33.83 15.85
CA PHE C 75 8.96 33.42 16.44
C PHE C 75 8.95 31.91 16.63
N GLY C 76 8.31 31.45 17.69
CA GLY C 76 8.13 30.05 17.94
C GLY C 76 7.08 29.46 17.01
N PRO C 77 6.95 28.13 17.00
CA PRO C 77 5.98 27.51 16.10
C PRO C 77 4.56 27.98 16.32
N LEU C 78 4.16 28.18 17.58
CA LEU C 78 2.85 28.75 17.85
C LEU C 78 2.74 30.18 17.34
N GLY C 79 3.81 30.97 17.52
CA GLY C 79 3.81 32.31 16.97
C GLY C 79 3.78 32.33 15.46
N VAL C 80 4.51 31.41 14.83
CA VAL C 80 4.48 31.30 13.37
C VAL C 80 3.09 30.94 12.89
N GLU C 81 2.42 30.02 13.57
CA GLU C 81 1.06 29.64 13.18
C GLU C 81 0.09 30.78 13.41
N LEU C 82 0.25 31.55 14.49
CA LEU C 82 -0.61 32.71 14.70
C LEU C 82 -0.41 33.76 13.62
N ARG C 83 0.84 34.01 13.24
CA ARG C 83 1.10 34.96 12.17
C ARG C 83 0.54 34.47 10.85
N LYS C 84 0.62 33.16 10.60
CA LYS C 84 0.06 32.61 9.38
C LYS C 84 -1.46 32.71 9.37
N ASN C 85 -2.09 32.50 10.53
CA ASN C 85 -3.54 32.71 10.62
C ASN C 85 -3.91 34.15 10.37
N LEU C 86 -3.14 35.10 10.92
CA LEU C 86 -3.39 36.51 10.67
C LEU C 86 -3.22 36.83 9.18
N ALA C 87 -2.21 36.27 8.55
CA ALA C 87 -2.00 36.49 7.12
C ALA C 87 -3.16 35.92 6.30
N ALA C 88 -3.63 34.72 6.67
CA ALA C 88 -4.77 34.13 5.98
C ALA C 88 -6.04 34.97 6.14
N GLU C 89 -6.28 35.46 7.36
CA GLU C 89 -7.45 36.30 7.59
C GLU C 89 -7.35 37.61 6.81
N TRP C 90 -6.17 38.22 6.80
CA TRP C 90 -5.96 39.44 6.01
C TRP C 90 -6.18 39.18 4.53
N TRP C 91 -5.67 38.05 4.03
CA TRP C 91 -5.85 37.71 2.63
C TRP C 91 -7.33 37.50 2.31
N THR C 92 -8.04 36.79 3.18
CA THR C 92 -9.47 36.58 2.98
C THR C 92 -10.23 37.90 2.97
N SER C 93 -9.86 38.82 3.86
CA SER C 93 -10.58 40.09 3.96
C SER C 93 -10.25 41.04 2.81
N VAL C 94 -9.05 40.95 2.23
CA VAL C 94 -8.61 41.91 1.22
C VAL C 94 -8.66 41.32 -0.19
N VAL C 95 -7.86 40.28 -0.45
CA VAL C 95 -7.75 39.77 -1.81
C VAL C 95 -8.95 38.91 -2.16
N VAL C 96 -9.33 38.00 -1.27
CA VAL C 96 -10.53 37.20 -1.48
C VAL C 96 -11.75 38.09 -1.35
N PHE C 97 -12.81 37.74 -2.09
CA PHE C 97 -14.07 38.47 -2.18
C PHE C 97 -13.91 39.80 -2.90
N ARG C 98 -12.81 40.01 -3.61
CA ARG C 98 -12.59 41.23 -4.38
C ARG C 98 -11.85 40.88 -5.66
N GLU C 99 -12.52 41.09 -6.80
CA GLU C 99 -11.89 40.81 -8.09
C GLU C 99 -10.72 41.76 -8.36
N GLN C 100 -10.87 43.03 -7.98
CA GLN C 100 -9.87 44.03 -8.34
C GLN C 100 -8.54 43.82 -7.63
N VAL C 101 -8.51 43.06 -6.54
CA VAL C 101 -7.29 42.85 -5.77
C VAL C 101 -6.61 41.58 -6.25
N PHE C 102 -5.32 41.68 -6.56
CA PHE C 102 -4.53 40.56 -7.04
C PHE C 102 -3.24 40.46 -6.23
N PRO C 103 -2.71 39.25 -6.06
CA PRO C 103 -1.42 39.11 -5.40
C PRO C 103 -0.29 39.66 -6.27
N VAL C 104 0.77 40.11 -5.60
CA VAL C 104 1.97 40.61 -6.27
C VAL C 104 3.18 39.99 -5.60
N ASP C 105 4.26 39.86 -6.37
CA ASP C 105 5.50 39.25 -5.90
C ASP C 105 6.66 40.21 -6.14
N ALA C 106 7.03 40.96 -5.11
CA ALA C 106 8.17 41.86 -5.17
C ALA C 106 9.36 41.23 -4.47
N LEU C 107 10.52 41.31 -5.11
CA LEU C 107 11.72 40.70 -4.57
C LEU C 107 12.15 41.42 -3.29
N HIS C 108 13.06 40.77 -2.55
CA HIS C 108 13.57 41.35 -1.30
C HIS C 108 14.64 42.41 -1.54
N HIS C 109 15.15 42.54 -2.76
CA HIS C 109 16.24 43.45 -3.06
C HIS C 109 15.95 44.19 -4.34
N LYS C 110 16.53 45.39 -4.47
CA LYS C 110 16.44 46.17 -5.68
C LYS C 110 17.81 46.26 -6.33
N PRO C 111 18.02 45.69 -7.51
CA PRO C 111 19.32 45.76 -8.17
C PRO C 111 19.49 47.08 -8.91
N GLY C 112 20.67 47.22 -9.54
CA GLY C 112 20.97 48.39 -10.32
C GLY C 112 21.33 49.58 -9.46
N PRO C 113 21.73 50.68 -10.11
CA PRO C 113 22.05 51.90 -9.35
C PRO C 113 20.85 52.42 -8.59
N LEU C 114 21.11 52.97 -7.41
CA LEU C 114 20.05 53.52 -6.58
C LEU C 114 19.80 54.98 -6.90
N SER C 154 25.63 47.69 -7.49
CA SER C 154 25.24 47.70 -6.08
C SER C 154 23.75 47.44 -5.91
N GLY C 155 23.38 46.89 -4.77
CA GLY C 155 21.98 46.64 -4.47
C GLY C 155 21.73 46.80 -2.99
N LYS C 156 20.45 46.93 -2.64
CA LYS C 156 20.07 47.08 -1.26
C LYS C 156 18.72 46.41 -1.03
N LEU C 157 18.47 46.04 0.22
CA LEU C 157 17.23 45.36 0.58
C LEU C 157 16.04 46.30 0.47
N ARG C 158 14.87 45.72 0.19
CA ARG C 158 13.65 46.50 0.16
C ARG C 158 13.29 47.01 1.54
N GLU C 159 12.76 48.22 1.59
CA GLU C 159 12.28 48.81 2.84
C GLU C 159 10.77 48.89 2.93
N ASN C 160 10.08 48.96 1.79
CA ASN C 160 8.63 48.95 1.74
C ASN C 160 8.19 48.11 0.55
N LEU C 161 6.94 47.66 0.60
CA LEU C 161 6.36 46.87 -0.47
C LEU C 161 5.66 47.72 -1.53
N LEU C 162 5.67 49.04 -1.38
CA LEU C 162 5.01 49.91 -2.35
C LEU C 162 5.75 49.91 -3.68
N HIS C 163 7.08 49.91 -3.64
CA HIS C 163 7.87 50.03 -4.87
C HIS C 163 7.64 48.85 -5.80
N GLY C 164 7.57 47.63 -5.24
CA GLY C 164 7.31 46.47 -6.08
C GLY C 164 5.97 46.53 -6.78
N ALA C 165 4.94 46.95 -6.05
CA ALA C 165 3.62 47.10 -6.66
C ALA C 165 3.63 48.17 -7.75
N LEU C 166 4.31 49.29 -7.49
CA LEU C 166 4.39 50.34 -8.51
C LEU C 166 5.12 49.84 -9.75
N GLU C 167 6.16 49.03 -9.57
CA GLU C 167 6.85 48.45 -10.71
C GLU C 167 5.98 47.43 -11.43
N HIS C 168 5.08 46.77 -10.70
CA HIS C 168 4.15 45.82 -11.30
C HIS C 168 2.87 46.46 -11.80
N TYR C 169 2.75 47.80 -11.71
CA TYR C 169 1.52 48.47 -12.12
C TYR C 169 1.21 48.22 -13.59
N VAL C 170 2.21 48.30 -14.47
CA VAL C 170 1.96 48.14 -15.90
C VAL C 170 1.58 46.71 -16.23
N ASN C 171 2.32 45.73 -15.67
CA ASN C 171 2.04 44.34 -15.98
C ASN C 171 0.68 43.91 -15.47
N CYS C 172 0.31 44.33 -14.26
CA CYS C 172 -0.97 43.97 -13.67
C CYS C 172 -2.14 44.73 -14.27
N LEU C 173 -1.87 45.73 -15.11
CA LEU C 173 -2.96 46.48 -15.74
C LEU C 173 -3.70 45.63 -16.76
N ASP C 174 -3.05 44.62 -17.33
CA ASP C 174 -3.68 43.81 -18.37
C ASP C 174 -4.73 42.87 -17.83
N LEU C 175 -4.61 42.47 -16.56
CA LEU C 175 -5.56 41.51 -15.99
C LEU C 175 -6.97 42.09 -15.94
N VAL C 176 -7.09 43.37 -15.58
CA VAL C 176 -8.40 44.00 -15.40
C VAL C 176 -8.82 44.66 -16.71
N ASN C 177 -8.10 44.37 -17.80
CA ASN C 177 -8.33 45.03 -19.08
C ASN C 177 -8.26 46.54 -18.95
N LYS C 178 -7.29 47.01 -18.17
CA LYS C 178 -7.03 48.44 -17.96
C LYS C 178 -8.25 49.16 -17.38
N ARG C 179 -8.95 48.50 -16.48
CA ARG C 179 -10.16 49.05 -15.85
C ARG C 179 -9.86 49.39 -14.40
N LEU C 180 -9.73 50.69 -14.12
CA LEU C 180 -9.59 51.14 -12.75
C LEU C 180 -10.92 50.97 -12.00
N PRO C 181 -10.88 50.79 -10.68
CA PRO C 181 -9.71 50.64 -9.82
C PRO C 181 -9.29 49.19 -9.63
N TYR C 182 -8.02 48.95 -9.30
CA TYR C 182 -7.55 47.62 -8.94
C TYR C 182 -6.38 47.76 -7.97
N GLY C 183 -6.12 46.70 -7.21
CA GLY C 183 -5.13 46.74 -6.18
C GLY C 183 -4.21 45.53 -6.22
N LEU C 184 -3.04 45.70 -5.61
CA LEU C 184 -2.04 44.64 -5.48
C LEU C 184 -1.68 44.52 -4.01
N ALA C 185 -1.79 43.30 -3.48
CA ALA C 185 -1.54 43.05 -2.08
C ALA C 185 -0.44 42.00 -1.92
N GLN C 186 0.35 42.14 -0.86
CA GLN C 186 1.43 41.21 -0.58
C GLN C 186 1.77 41.27 0.90
N ILE C 187 2.00 40.10 1.48
CA ILE C 187 2.45 39.98 2.86
C ILE C 187 3.87 39.43 2.80
N GLY C 188 4.85 40.33 2.92
CA GLY C 188 6.23 39.93 2.84
C GLY C 188 7.07 40.65 3.87
N VAL C 189 8.24 40.09 4.13
CA VAL C 189 9.17 40.67 5.11
C VAL C 189 9.86 41.87 4.50
N CYS C 190 9.89 42.97 5.25
CA CYS C 190 10.54 44.21 4.82
C CYS C 190 11.66 44.54 5.81
N PHE C 191 12.77 45.01 5.27
CA PHE C 191 13.98 45.25 6.05
C PHE C 191 14.11 46.73 6.37
N HIS C 192 14.24 47.04 7.66
CA HIS C 192 14.32 48.42 8.13
C HIS C 192 15.58 48.58 8.96
N PRO C 193 16.42 49.58 8.66
CA PRO C 193 17.61 49.82 9.48
C PRO C 193 17.21 50.36 10.84
N VAL C 194 17.64 49.67 11.90
CA VAL C 194 17.32 50.07 13.26
C VAL C 194 18.42 50.96 13.83
N SER C 206 22.15 47.65 13.36
CA SER C 206 21.28 46.49 13.42
C SER C 206 20.28 46.51 12.27
N ILE C 207 19.80 45.33 11.88
CA ILE C 207 18.84 45.17 10.80
C ILE C 207 17.60 44.50 11.38
N GLY C 208 16.45 45.17 11.25
CA GLY C 208 15.19 44.63 11.73
C GLY C 208 14.32 44.16 10.58
N GLU C 209 13.58 43.08 10.83
CA GLU C 209 12.70 42.49 9.85
C GLU C 209 11.27 42.51 10.36
N LYS C 210 10.36 43.09 9.57
CA LYS C 210 8.96 43.16 9.91
C LYS C 210 8.13 42.51 8.81
N THR C 211 7.14 41.72 9.22
CA THR C 211 6.20 41.10 8.27
C THR C 211 5.05 42.08 8.06
N GLU C 212 4.99 42.68 6.88
CA GLU C 212 4.07 43.77 6.60
C GLU C 212 3.08 43.35 5.52
N ALA C 213 1.81 43.70 5.74
CA ALA C 213 0.74 43.46 4.78
C ALA C 213 0.43 44.79 4.11
N SER C 214 0.72 44.89 2.81
CA SER C 214 0.60 46.12 2.06
C SER C 214 -0.49 46.01 1.01
N LEU C 215 -1.23 47.09 0.82
CA LEU C 215 -2.24 47.18 -0.22
C LEU C 215 -2.01 48.46 -1.01
N VAL C 216 -1.78 48.32 -2.31
CA VAL C 216 -1.57 49.45 -3.20
C VAL C 216 -2.78 49.51 -4.13
N TRP C 217 -3.64 50.50 -3.91
CA TRP C 217 -4.92 50.62 -4.60
C TRP C 217 -4.82 51.75 -5.63
N PHE C 218 -4.96 51.39 -6.90
CA PHE C 218 -4.89 52.36 -7.99
C PHE C 218 -6.28 52.95 -8.20
N THR C 219 -6.45 54.21 -7.80
CA THR C 219 -7.76 54.86 -7.76
C THR C 219 -7.85 55.98 -8.78
N PRO C 220 -9.00 56.13 -9.44
CA PRO C 220 -9.27 57.37 -10.16
C PRO C 220 -9.28 58.55 -9.21
N PRO C 221 -8.79 59.70 -9.64
CA PRO C 221 -8.61 60.83 -8.71
C PRO C 221 -9.90 61.34 -8.08
N ARG C 222 -11.06 61.06 -8.69
CA ARG C 222 -12.31 61.61 -8.17
C ARG C 222 -12.64 61.04 -6.80
N THR C 223 -12.61 59.72 -6.66
CA THR C 223 -13.03 59.04 -5.44
C THR C 223 -11.84 58.60 -4.58
N SER C 224 -10.77 59.39 -4.57
CA SER C 224 -9.59 59.01 -3.77
C SER C 224 -9.90 59.02 -2.29
N ASN C 225 -10.51 60.10 -1.80
CA ASN C 225 -10.85 60.18 -0.38
C ASN C 225 -11.97 59.22 -0.01
N GLN C 226 -12.91 58.99 -0.92
CA GLN C 226 -13.98 58.03 -0.65
C GLN C 226 -13.42 56.63 -0.45
N TRP C 227 -12.53 56.21 -1.35
CA TRP C 227 -11.88 54.91 -1.19
C TRP C 227 -10.97 54.87 0.02
N LEU C 228 -10.31 55.99 0.34
CA LEU C 228 -9.47 56.03 1.52
C LEU C 228 -10.30 55.82 2.79
N ASP C 229 -11.46 56.48 2.88
CA ASP C 229 -12.33 56.28 4.03
C ASP C 229 -12.92 54.87 4.05
N PHE C 230 -13.24 54.33 2.87
CA PHE C 230 -13.72 52.96 2.78
C PHE C 230 -12.69 51.98 3.34
N TRP C 231 -11.44 52.14 2.93
CA TRP C 231 -10.39 51.26 3.43
C TRP C 231 -10.11 51.48 4.90
N LEU C 232 -10.17 52.73 5.36
CA LEU C 232 -10.01 53.00 6.79
C LEU C 232 -11.06 52.24 7.59
N ARG C 233 -12.32 52.36 7.20
CA ARG C 233 -13.39 51.66 7.92
C ARG C 233 -13.21 50.16 7.86
N HIS C 234 -12.89 49.63 6.68
CA HIS C 234 -12.75 48.18 6.54
C HIS C 234 -11.58 47.64 7.36
N ARG C 235 -10.44 48.32 7.34
CA ARG C 235 -9.29 47.86 8.10
C ARG C 235 -9.53 47.96 9.60
N LEU C 236 -10.16 49.05 10.04
CA LEU C 236 -10.48 49.17 11.47
C LEU C 236 -11.47 48.09 11.91
N GLN C 237 -12.47 47.80 11.06
CA GLN C 237 -13.40 46.72 11.37
C GLN C 237 -12.71 45.38 11.42
N TRP C 238 -11.76 45.14 10.50
CA TRP C 238 -11.02 43.88 10.51
C TRP C 238 -10.19 43.73 11.77
N TRP C 239 -9.52 44.81 12.20
CA TRP C 239 -8.72 44.75 13.42
C TRP C 239 -9.62 44.53 14.64
N ARG C 240 -10.78 45.19 14.69
CA ARG C 240 -11.67 45.06 15.82
C ARG C 240 -12.45 43.75 15.81
N LYS C 241 -12.50 43.05 14.67
CA LYS C 241 -13.31 41.85 14.56
C LYS C 241 -12.81 40.74 15.47
N PHE C 242 -11.50 40.53 15.52
CA PHE C 242 -10.91 39.48 16.35
C PHE C 242 -10.60 39.94 17.76
N ALA C 243 -10.86 41.20 18.09
CA ALA C 243 -10.44 41.77 19.36
C ALA C 243 -11.50 41.55 20.42
N MET C 244 -11.07 41.03 21.58
CA MET C 244 -11.97 40.96 22.72
C MET C 244 -12.30 42.35 23.25
N SER C 245 -11.39 43.31 23.06
CA SER C 245 -11.58 44.69 23.49
C SER C 245 -11.35 45.59 22.29
N PRO C 246 -12.35 45.71 21.41
CA PRO C 246 -12.17 46.48 20.17
C PRO C 246 -11.91 47.97 20.40
N SER C 247 -12.20 48.49 21.59
CA SER C 247 -11.93 49.90 21.87
C SER C 247 -10.45 50.21 21.85
N ASN C 248 -9.60 49.22 22.12
CA ASN C 248 -8.15 49.44 22.13
C ASN C 248 -7.58 49.69 20.74
N PHE C 249 -8.35 49.44 19.68
CA PHE C 249 -7.95 49.80 18.33
C PHE C 249 -8.51 51.18 17.99
N SER C 250 -7.63 52.09 17.61
CA SER C 250 -7.98 53.49 17.43
C SER C 250 -7.69 53.91 15.99
N SER C 251 -7.98 55.18 15.70
CA SER C 251 -7.68 55.78 14.41
C SER C 251 -7.41 57.26 14.61
N SER C 252 -6.65 57.85 13.70
CA SER C 252 -6.25 59.25 13.84
C SER C 252 -5.86 59.79 12.47
N ASP C 253 -6.56 60.81 12.01
CA ASP C 253 -6.20 61.47 10.76
C ASP C 253 -4.91 62.24 10.93
N CYS C 254 -4.04 62.17 9.93
CA CYS C 254 -2.74 62.82 9.98
C CYS C 254 -2.40 63.41 8.63
N GLN C 255 -1.53 64.41 8.64
CA GLN C 255 -1.05 65.08 7.44
C GLN C 255 0.46 64.95 7.37
N ASP C 256 0.97 64.61 6.19
CA ASP C 256 2.40 64.50 5.98
C ASP C 256 2.98 65.87 5.64
N GLU C 257 4.29 65.90 5.36
CA GLU C 257 4.95 67.16 5.00
C GLU C 257 4.38 67.72 3.71
N GLU C 258 4.09 66.86 2.74
CA GLU C 258 3.52 67.31 1.48
C GLU C 258 2.08 67.76 1.60
N GLY C 259 1.44 67.54 2.75
CA GLY C 259 0.06 67.95 2.92
C GLY C 259 -0.97 66.99 2.35
N ARG C 260 -0.61 65.73 2.16
CA ARG C 260 -1.54 64.74 1.62
C ARG C 260 -2.30 64.06 2.74
N LYS C 261 -3.56 63.74 2.47
CA LYS C 261 -4.43 63.12 3.48
C LYS C 261 -3.93 61.73 3.84
N GLY C 262 -3.95 61.43 5.14
CA GLY C 262 -3.52 60.12 5.60
C GLY C 262 -4.14 59.81 6.94
N ASN C 263 -4.35 58.52 7.19
CA ASN C 263 -4.96 58.04 8.42
C ASN C 263 -4.09 56.96 9.04
N LYS C 264 -3.99 56.96 10.36
CA LYS C 264 -3.14 56.04 11.09
C LYS C 264 -3.99 55.19 12.02
N LEU C 265 -3.77 53.88 12.00
CA LEU C 265 -4.42 52.95 12.91
C LEU C 265 -3.43 52.50 13.97
N TYR C 266 -3.88 52.47 15.21
CA TYR C 266 -3.03 52.20 16.36
C TYR C 266 -3.57 50.99 17.14
N TYR C 267 -2.82 50.60 18.16
CA TYR C 267 -3.28 49.67 19.17
C TYR C 267 -2.77 50.15 20.52
N ASN C 268 -3.62 50.04 21.54
CA ASN C 268 -3.30 50.57 22.86
C ASN C 268 -2.67 49.47 23.70
N PHE C 269 -1.34 49.34 23.58
CA PHE C 269 -0.60 48.45 24.44
C PHE C 269 -0.60 48.99 25.87
N PRO C 270 -0.33 48.14 26.87
CA PRO C 270 -0.35 48.62 28.26
C PRO C 270 0.61 49.77 28.52
N TRP C 271 1.79 49.77 27.88
CA TRP C 271 2.71 50.89 28.06
C TRP C 271 2.23 52.14 27.35
N GLY C 272 1.57 51.99 26.21
CA GLY C 272 1.11 53.13 25.45
C GLY C 272 0.51 52.69 24.13
N LYS C 273 0.22 53.67 23.29
CA LYS C 273 -0.39 53.40 21.99
C LYS C 273 0.71 53.31 20.93
N GLU C 274 0.65 52.25 20.12
CA GLU C 274 1.70 51.95 19.15
C GLU C 274 1.08 51.80 17.76
N LEU C 275 1.76 52.34 16.76
CA LEU C 275 1.25 52.29 15.40
C LEU C 275 1.36 50.87 14.84
N ILE C 276 0.29 50.42 14.18
CA ILE C 276 0.25 49.07 13.63
C ILE C 276 -0.14 49.13 12.16
N GLU C 277 -0.70 50.26 11.73
CA GLU C 277 -1.14 50.39 10.35
C GLU C 277 -1.26 51.86 10.00
N THR C 278 -0.95 52.20 8.75
CA THR C 278 -1.00 53.58 8.27
C THR C 278 -1.49 53.59 6.84
N LEU C 279 -2.33 54.57 6.52
CA LEU C 279 -2.84 54.78 5.16
C LEU C 279 -2.47 56.19 4.70
N TRP C 280 -2.06 56.31 3.44
CA TRP C 280 -1.68 57.60 2.89
C TRP C 280 -2.25 57.76 1.50
N ASN C 281 -2.73 58.97 1.18
CA ASN C 281 -3.21 59.29 -0.16
C ASN C 281 -2.03 59.88 -0.93
N LEU C 282 -1.24 58.99 -1.51
CA LEU C 282 0.06 59.39 -2.06
C LEU C 282 -0.09 60.17 -3.37
N GLY C 283 -1.00 59.75 -4.24
CA GLY C 283 -1.13 60.39 -5.53
C GLY C 283 -0.21 59.79 -6.58
N ASP C 284 -0.21 60.43 -7.74
CA ASP C 284 0.50 59.92 -8.91
C ASP C 284 1.96 60.36 -8.96
N HIS C 285 2.45 61.04 -7.92
CA HIS C 285 3.84 61.51 -7.93
C HIS C 285 4.81 60.35 -8.08
N GLU C 286 4.66 59.32 -7.25
CA GLU C 286 5.58 58.18 -7.29
C GLU C 286 5.43 57.41 -8.60
N LEU C 287 4.19 57.25 -9.09
CA LEU C 287 3.98 56.53 -10.34
C LEU C 287 4.64 57.27 -11.51
N LEU C 288 4.52 58.60 -11.54
CA LEU C 288 5.19 59.37 -12.58
C LEU C 288 6.70 59.34 -12.42
N HIS C 289 7.19 59.31 -11.18
CA HIS C 289 8.64 59.22 -10.96
C HIS C 289 9.19 57.91 -11.49
N MET C 290 8.51 56.80 -11.19
CA MET C 290 8.97 55.51 -11.68
C MET C 290 8.67 55.30 -13.16
N TYR C 291 7.72 56.05 -13.73
CA TYR C 291 7.39 55.98 -15.14
C TYR C 291 7.38 57.39 -15.73
N PRO C 292 8.55 57.98 -15.94
CA PRO C 292 8.60 59.32 -16.52
C PRO C 292 8.35 59.30 -18.01
N GLY C 293 7.53 60.24 -18.47
CA GLY C 293 7.23 60.37 -19.89
C GLY C 293 6.32 59.28 -20.43
N ASN C 294 5.64 59.56 -21.53
CA ASN C 294 4.75 58.61 -22.19
C ASN C 294 3.67 58.11 -21.23
N VAL C 295 2.83 59.04 -20.81
CA VAL C 295 1.78 58.78 -19.84
C VAL C 295 0.69 57.91 -20.45
N SER C 296 0.82 57.60 -21.74
CA SER C 296 -0.15 56.73 -22.40
C SER C 296 -0.14 55.34 -21.76
N LYS C 297 1.04 54.85 -21.38
CA LYS C 297 1.11 53.55 -20.70
C LYS C 297 0.39 53.60 -19.36
N LEU C 298 0.51 54.71 -18.64
CA LEU C 298 -0.10 54.83 -17.32
C LEU C 298 -1.61 55.05 -17.39
N HIS C 299 -2.14 55.42 -18.56
CA HIS C 299 -3.57 55.62 -18.70
C HIS C 299 -4.33 54.30 -18.54
N GLY C 300 -5.48 54.36 -17.88
CA GLY C 300 -6.35 53.21 -17.75
C GLY C 300 -7.71 53.47 -18.36
N ARG C 301 -8.77 53.04 -17.68
CA ARG C 301 -10.14 53.33 -18.11
C ARG C 301 -11.00 53.59 -16.89
N ASP C 302 -11.56 54.79 -16.81
CA ASP C 302 -12.48 55.18 -15.73
C ASP C 302 -13.70 55.78 -16.40
N GLY C 303 -14.77 54.99 -16.51
CA GLY C 303 -15.95 55.44 -17.23
C GLY C 303 -15.70 55.64 -18.72
N ARG C 304 -15.01 54.69 -19.35
CA ARG C 304 -14.73 54.72 -20.79
C ARG C 304 -13.89 55.93 -21.19
N LYS C 305 -13.02 56.39 -20.29
CA LYS C 305 -12.03 57.41 -20.62
C LYS C 305 -10.72 57.06 -19.93
N ASN C 306 -9.62 57.49 -20.53
CA ASN C 306 -8.28 57.14 -20.05
C ASN C 306 -7.83 58.14 -18.99
N VAL C 307 -7.58 57.64 -17.78
CA VAL C 307 -7.16 58.47 -16.66
C VAL C 307 -6.03 57.78 -15.92
N VAL C 308 -5.00 58.54 -15.58
CA VAL C 308 -3.88 58.03 -14.78
C VAL C 308 -4.36 57.89 -13.34
N PRO C 309 -3.91 56.86 -12.62
CA PRO C 309 -4.47 56.58 -11.29
C PRO C 309 -3.79 57.37 -10.17
N CYS C 310 -4.48 57.38 -9.03
CA CYS C 310 -3.96 57.90 -7.77
C CYS C 310 -3.84 56.74 -6.81
N VAL C 311 -2.64 56.53 -6.27
CA VAL C 311 -2.35 55.32 -5.49
C VAL C 311 -2.69 55.56 -4.02
N LEU C 312 -3.22 54.53 -3.39
CA LEU C 312 -3.46 54.50 -1.95
C LEU C 312 -2.63 53.37 -1.34
N SER C 313 -1.85 53.69 -0.32
CA SER C 313 -0.99 52.72 0.33
C SER C 313 -1.56 52.37 1.69
N VAL C 314 -1.94 51.11 1.86
CA VAL C 314 -2.47 50.60 3.12
C VAL C 314 -1.45 49.61 3.67
N ASN C 315 -0.58 50.08 4.56
CA ASN C 315 0.52 49.28 5.08
C ASN C 315 0.29 48.99 6.55
N GLY C 316 0.31 47.71 6.90
CA GLY C 316 0.12 47.30 8.28
C GLY C 316 1.15 46.29 8.71
N ASP C 317 1.59 46.41 9.96
CA ASP C 317 2.62 45.53 10.51
C ASP C 317 1.93 44.33 11.15
N LEU C 318 2.08 43.15 10.52
CA LEU C 318 1.44 41.96 11.03
C LEU C 318 2.15 41.39 12.26
N ASP C 319 3.47 41.56 12.36
CA ASP C 319 4.17 41.13 13.56
C ASP C 319 3.73 41.92 14.78
N ARG C 320 3.72 43.25 14.65
CA ARG C 320 3.20 44.08 15.75
C ARG C 320 1.71 43.86 15.94
N GLY C 321 0.98 43.58 14.86
CA GLY C 321 -0.41 43.19 15.02
C GLY C 321 -0.57 41.88 15.77
N MET C 322 0.33 40.93 15.52
CA MET C 322 0.33 39.69 16.27
C MET C 322 0.59 39.94 17.74
N LEU C 323 1.55 40.82 18.06
CA LEU C 323 1.79 41.19 19.45
C LEU C 323 0.57 41.86 20.07
N ALA C 324 -0.10 42.71 19.29
CA ALA C 324 -1.30 43.38 19.78
C ALA C 324 -2.40 42.38 20.11
N TYR C 325 -2.60 41.39 19.24
CA TYR C 325 -3.61 40.37 19.50
C TYR C 325 -3.22 39.49 20.68
N LEU C 326 -1.93 39.20 20.84
CA LEU C 326 -1.49 38.44 22.00
C LEU C 326 -1.75 39.21 23.29
N TYR C 327 -1.50 40.52 23.28
CA TYR C 327 -1.76 41.32 24.47
C TYR C 327 -3.25 41.42 24.75
N ASP C 328 -4.07 41.55 23.70
CA ASP C 328 -5.52 41.63 23.89
C ASP C 328 -6.07 40.32 24.45
N SER C 329 -5.57 39.19 23.95
CA SER C 329 -6.04 37.89 24.39
C SER C 329 -5.70 37.57 25.84
N PHE C 330 -4.79 38.33 26.45
CA PHE C 330 -4.37 38.07 27.81
C PHE C 330 -4.88 39.15 28.75
N ARG C 345 -6.03 33.56 36.34
CA ARG C 345 -6.05 32.49 35.35
C ARG C 345 -5.19 32.84 34.14
N LYS C 346 -4.18 32.01 33.87
CA LYS C 346 -3.28 32.21 32.74
C LYS C 346 -3.92 31.61 31.50
N VAL C 347 -4.78 32.40 30.86
CA VAL C 347 -5.51 31.98 29.67
C VAL C 347 -5.29 33.01 28.57
N LEU C 348 -4.97 32.53 27.38
CA LEU C 348 -4.80 33.38 26.20
C LEU C 348 -6.00 33.14 25.29
N LYS C 349 -7.03 33.97 25.47
CA LYS C 349 -8.28 33.82 24.74
C LYS C 349 -8.15 34.44 23.34
N LEU C 350 -7.39 33.76 22.50
CA LEU C 350 -7.28 34.15 21.10
C LEU C 350 -8.56 33.81 20.37
N HIS C 351 -8.89 34.63 19.37
CA HIS C 351 -10.06 34.35 18.55
C HIS C 351 -9.87 33.02 17.81
N PRO C 352 -10.92 32.22 17.67
CA PRO C 352 -10.75 30.90 17.03
C PRO C 352 -10.16 30.96 15.64
N CYS C 353 -10.47 31.99 14.87
CA CYS C 353 -9.88 32.12 13.54
C CYS C 353 -8.38 32.39 13.58
N LEU C 354 -7.85 32.80 14.73
CA LEU C 354 -6.44 33.12 14.87
C LEU C 354 -5.66 32.15 15.74
N ALA C 355 -6.33 31.39 16.60
CA ALA C 355 -5.62 30.50 17.52
C ALA C 355 -4.83 29.47 16.74
N PRO C 356 -3.57 29.20 17.12
CA PRO C 356 -2.74 28.31 16.30
C PRO C 356 -3.20 26.86 16.32
N ILE C 357 -3.51 26.32 17.49
CA ILE C 357 -3.93 24.93 17.64
C ILE C 357 -5.32 24.93 18.24
N LYS C 358 -6.25 24.23 17.59
CA LYS C 358 -7.66 24.27 18.00
C LYS C 358 -7.92 23.36 19.19
N VAL C 359 -7.69 22.05 19.03
CA VAL C 359 -8.12 21.05 20.00
C VAL C 359 -6.91 20.24 20.45
N ALA C 360 -6.88 19.91 21.74
CA ALA C 360 -5.84 19.06 22.31
C ALA C 360 -6.39 17.66 22.52
N LEU C 361 -5.65 16.65 22.07
CA LEU C 361 -6.06 15.25 22.14
C LEU C 361 -5.15 14.51 23.11
N ASP C 362 -5.76 13.82 24.08
CA ASP C 362 -5.02 13.13 25.13
C ASP C 362 -5.60 11.73 25.33
N VAL C 363 -4.99 10.99 26.25
CA VAL C 363 -5.37 9.62 26.55
C VAL C 363 -5.51 9.47 28.06
N GLY C 364 -6.56 8.76 28.48
CA GLY C 364 -6.74 8.44 29.89
C GLY C 364 -5.93 7.26 30.33
N ARG C 365 -6.57 6.30 31.01
CA ARG C 365 -5.89 5.12 31.51
C ARG C 365 -5.73 4.10 30.39
N GLY C 366 -5.33 2.87 30.74
CA GLY C 366 -5.12 1.83 29.75
C GLY C 366 -6.43 1.25 29.27
N PRO C 367 -6.33 0.37 28.25
CA PRO C 367 -5.13 -0.10 27.57
C PRO C 367 -4.54 0.95 26.64
N THR C 368 -3.21 0.94 26.49
CA THR C 368 -2.55 2.01 25.73
C THR C 368 -2.78 1.86 24.23
N LEU C 369 -2.65 0.64 23.71
CA LEU C 369 -2.65 0.45 22.25
C LEU C 369 -4.02 0.80 21.65
N GLU C 370 -5.10 0.33 22.26
CA GLU C 370 -6.43 0.56 21.70
C GLU C 370 -6.79 2.04 21.73
N LEU C 371 -6.54 2.70 22.86
CA LEU C 371 -6.83 4.12 22.97
C LEU C 371 -5.94 4.94 22.05
N ARG C 372 -4.69 4.54 21.88
CA ARG C 372 -3.81 5.22 20.93
C ARG C 372 -4.32 5.08 19.51
N GLN C 373 -4.84 3.91 19.15
CA GLN C 373 -5.41 3.73 17.83
C GLN C 373 -6.65 4.61 17.63
N VAL C 374 -7.51 4.67 18.64
CA VAL C 374 -8.71 5.51 18.55
C VAL C 374 -8.32 6.98 18.42
N CYS C 375 -7.35 7.42 19.24
CA CYS C 375 -6.90 8.80 19.18
C CYS C 375 -6.24 9.11 17.85
N GLN C 376 -5.50 8.16 17.29
CA GLN C 376 -4.88 8.38 15.98
C GLN C 376 -5.93 8.51 14.89
N GLY C 377 -6.97 7.68 14.95
CA GLY C 377 -8.05 7.82 13.98
C GLY C 377 -8.74 9.17 14.08
N LEU C 378 -9.08 9.59 15.30
CA LEU C 378 -9.72 10.89 15.49
C LEU C 378 -8.80 12.02 15.06
N PHE C 379 -7.50 11.89 15.35
CA PHE C 379 -6.51 12.90 14.98
C PHE C 379 -6.43 13.04 13.47
N ASN C 380 -6.38 11.90 12.76
CA ASN C 380 -6.34 11.95 11.30
C ASN C 380 -7.63 12.55 10.74
N GLU C 381 -8.78 12.20 11.32
CA GLU C 381 -10.04 12.78 10.87
C GLU C 381 -10.05 14.28 11.03
N LEU C 382 -9.67 14.78 12.21
CA LEU C 382 -9.68 16.21 12.45
C LEU C 382 -8.67 16.94 11.56
N LEU C 383 -7.51 16.32 11.31
CA LEU C 383 -6.56 16.93 10.40
C LEU C 383 -7.11 17.00 8.98
N GLU C 384 -7.76 15.93 8.53
CA GLU C 384 -8.37 15.94 7.20
C GLU C 384 -9.47 16.98 7.10
N ASN C 385 -10.13 17.29 8.21
CA ASN C 385 -11.17 18.30 8.22
C ASN C 385 -10.66 19.69 8.61
N GLY C 386 -9.34 19.91 8.52
CA GLY C 386 -8.79 21.24 8.69
C GLY C 386 -8.75 21.75 10.12
N ILE C 387 -8.77 20.87 11.11
CA ILE C 387 -8.75 21.26 12.51
C ILE C 387 -7.39 20.85 13.07
N SER C 388 -6.59 21.85 13.45
CA SER C 388 -5.27 21.57 14.01
C SER C 388 -5.40 20.98 15.41
N VAL C 389 -4.64 19.91 15.65
CA VAL C 389 -4.71 19.18 16.91
C VAL C 389 -3.31 19.07 17.50
N TRP C 390 -3.21 19.21 18.81
CA TRP C 390 -1.94 18.99 19.50
C TRP C 390 -1.82 17.52 19.86
N PRO C 391 -0.84 16.80 19.30
CA PRO C 391 -0.76 15.36 19.58
C PRO C 391 -0.27 15.05 20.97
N GLY C 392 -1.11 15.33 21.98
CA GLY C 392 -0.75 15.07 23.36
C GLY C 392 -0.88 13.63 23.79
N TYR C 393 -1.41 12.76 22.93
CA TYR C 393 -1.55 11.36 23.25
C TYR C 393 -0.27 10.56 23.01
N LEU C 394 0.69 11.11 22.28
CA LEU C 394 1.97 10.43 22.07
C LEU C 394 2.87 10.49 23.29
N GLU C 395 2.60 11.39 24.24
CA GLU C 395 3.47 11.59 25.39
C GLU C 395 3.24 10.47 26.38
N THR C 396 4.24 9.61 26.56
CA THR C 396 4.13 8.52 27.52
C THR C 396 4.00 9.05 28.94
N MET C 397 4.83 10.03 29.30
CA MET C 397 4.71 10.67 30.60
C MET C 397 3.46 11.53 30.64
N GLN C 398 2.74 11.45 31.76
CA GLN C 398 1.50 12.18 31.93
C GLN C 398 1.55 13.01 33.20
N SER C 399 0.90 14.17 33.14
CA SER C 399 0.81 15.10 34.27
C SER C 399 -0.62 15.16 34.77
N SER C 400 -0.85 16.01 35.77
CA SER C 400 -2.18 16.17 36.34
C SER C 400 -3.12 16.81 35.32
N LEU C 401 -4.41 16.52 35.48
CA LEU C 401 -5.41 17.08 34.58
C LEU C 401 -5.46 18.59 34.68
N GLU C 402 -5.37 19.12 35.91
CA GLU C 402 -5.36 20.57 36.09
C GLU C 402 -4.11 21.19 35.47
N GLN C 403 -2.96 20.54 35.62
CA GLN C 403 -1.73 21.05 35.01
C GLN C 403 -1.83 21.05 33.49
N LEU C 404 -2.39 19.97 32.92
CA LEU C 404 -2.56 19.90 31.47
C LEU C 404 -3.54 20.97 30.99
N TYR C 405 -4.61 21.20 31.74
CA TYR C 405 -5.55 22.27 31.39
C TYR C 405 -4.88 23.63 31.43
N SER C 406 -4.06 23.88 32.45
CA SER C 406 -3.35 25.16 32.52
C SER C 406 -2.38 25.32 31.35
N LYS C 407 -1.67 24.24 31.00
CA LYS C 407 -0.76 24.30 29.87
C LYS C 407 -1.50 24.60 28.57
N TYR C 408 -2.65 23.95 28.37
CA TYR C 408 -3.42 24.18 27.15
C TYR C 408 -4.06 25.56 27.14
N ASP C 409 -4.37 26.12 28.31
CA ASP C 409 -4.93 27.46 28.38
C ASP C 409 -3.86 28.54 28.17
N GLU C 410 -2.61 28.27 28.57
CA GLU C 410 -1.53 29.18 28.24
C GLU C 410 -1.37 29.29 26.73
N MET C 411 -1.43 28.16 26.03
CA MET C 411 -1.58 28.17 24.59
C MET C 411 -3.02 28.55 24.23
N SER C 412 -3.25 28.78 22.94
CA SER C 412 -4.58 29.16 22.47
C SER C 412 -5.36 27.93 22.02
N ILE C 413 -5.52 26.99 22.95
CA ILE C 413 -6.22 25.74 22.69
C ILE C 413 -7.71 25.96 22.94
N LEU C 414 -8.53 25.75 21.91
CA LEU C 414 -9.97 25.97 22.04
C LEU C 414 -10.60 24.92 22.95
N PHE C 415 -10.31 23.64 22.72
CA PHE C 415 -10.92 22.56 23.47
C PHE C 415 -9.90 21.47 23.76
N THR C 416 -10.13 20.73 24.83
CA THR C 416 -9.31 19.58 25.19
C THR C 416 -10.18 18.34 25.15
N VAL C 417 -9.74 17.32 24.41
CA VAL C 417 -10.48 16.07 24.26
C VAL C 417 -9.67 14.95 24.91
N LEU C 418 -10.31 14.21 25.81
CA LEU C 418 -9.69 13.10 26.52
C LEU C 418 -10.42 11.81 26.17
N VAL C 419 -9.67 10.79 25.80
CA VAL C 419 -10.21 9.51 25.38
C VAL C 419 -9.87 8.47 26.46
N THR C 420 -10.90 7.75 26.92
CA THR C 420 -10.72 6.76 27.98
C THR C 420 -11.35 5.43 27.61
N GLU C 421 -11.44 4.51 28.57
CA GLU C 421 -12.09 3.23 28.33
C GLU C 421 -13.56 3.39 28.00
N THR C 422 -14.21 4.37 28.64
CA THR C 422 -15.62 4.64 28.35
C THR C 422 -15.82 4.96 26.88
N THR C 423 -14.84 5.60 26.24
CA THR C 423 -14.93 5.85 24.81
C THR C 423 -14.99 4.55 24.01
N LEU C 424 -14.21 3.55 24.44
CA LEU C 424 -14.32 2.24 23.82
C LEU C 424 -15.68 1.62 24.10
N GLU C 425 -16.20 1.81 25.31
CA GLU C 425 -17.48 1.18 25.68
C GLU C 425 -18.64 1.79 24.91
N ASN C 426 -18.73 3.12 24.86
CA ASN C 426 -19.89 3.78 24.25
C ASN C 426 -19.56 4.89 23.26
N GLY C 427 -18.38 5.48 23.32
CA GLY C 427 -18.01 6.51 22.38
C GLY C 427 -18.04 7.94 22.91
N LEU C 428 -18.18 8.13 24.22
CA LEU C 428 -18.21 9.46 24.79
C LEU C 428 -16.80 9.93 25.11
N ILE C 429 -16.51 11.19 24.79
CA ILE C 429 -15.21 11.79 25.03
C ILE C 429 -15.39 13.01 25.92
N HIS C 430 -14.49 13.16 26.89
CA HIS C 430 -14.50 14.33 27.75
C HIS C 430 -14.10 15.57 26.95
N LEU C 431 -14.89 16.63 27.06
CA LEU C 431 -14.64 17.86 26.34
C LEU C 431 -14.63 19.03 27.32
N ARG C 432 -13.59 19.85 27.24
CA ARG C 432 -13.48 21.05 28.06
C ARG C 432 -13.35 22.26 27.15
N SER C 433 -13.96 23.37 27.55
CA SER C 433 -13.94 24.60 26.77
C SER C 433 -12.94 25.58 27.38
N ARG C 434 -12.19 26.26 26.52
CA ARG C 434 -11.18 27.20 27.00
C ARG C 434 -11.83 28.45 27.59
N ASP C 435 -12.85 29.00 26.91
CA ASP C 435 -13.48 30.24 27.37
C ASP C 435 -14.15 30.04 28.73
N THR C 436 -14.97 29.00 28.85
CA THR C 436 -15.66 28.68 30.09
C THR C 436 -15.16 27.33 30.60
N THR C 437 -14.72 27.30 31.86
CA THR C 437 -14.18 26.07 32.43
C THR C 437 -15.31 25.09 32.72
N MET C 438 -15.84 24.47 31.68
CA MET C 438 -16.94 23.51 31.79
C MET C 438 -16.58 22.23 31.07
N LYS C 439 -16.92 21.11 31.68
CA LYS C 439 -16.63 19.78 31.13
C LYS C 439 -17.93 19.09 30.75
N GLU C 440 -17.99 18.57 29.53
CA GLU C 440 -19.17 17.89 29.04
C GLU C 440 -18.76 16.62 28.30
N MET C 441 -19.67 15.65 28.26
CA MET C 441 -19.47 14.41 27.54
C MET C 441 -20.12 14.52 26.17
N MET C 442 -19.36 14.20 25.13
CA MET C 442 -19.85 14.27 23.75
C MET C 442 -19.48 12.99 23.02
N HIS C 443 -20.36 12.56 22.13
CA HIS C 443 -20.07 11.39 21.31
C HIS C 443 -18.89 11.67 20.38
N ILE C 444 -18.03 10.67 20.21
CA ILE C 444 -16.79 10.87 19.46
C ILE C 444 -17.04 11.11 17.98
N SER C 445 -18.20 10.72 17.45
CA SER C 445 -18.52 10.96 16.06
C SER C 445 -19.14 12.33 15.82
N LYS C 446 -19.45 13.07 16.88
CA LYS C 446 -19.99 14.42 16.77
C LYS C 446 -18.96 15.50 17.05
N LEU C 447 -17.72 15.12 17.37
CA LEU C 447 -16.71 16.11 17.73
C LEU C 447 -16.31 16.97 16.53
N LYS C 448 -16.12 16.35 15.36
CA LYS C 448 -15.69 17.09 14.18
C LYS C 448 -16.72 18.14 13.78
N ASP C 449 -18.00 17.75 13.75
CA ASP C 449 -19.05 18.69 13.39
C ASP C 449 -19.15 19.82 14.41
N PHE C 450 -19.01 19.49 15.70
CA PHE C 450 -19.07 20.51 16.73
C PHE C 450 -17.94 21.52 16.57
N LEU C 451 -16.71 21.04 16.33
CA LEU C 451 -15.59 21.94 16.16
C LEU C 451 -15.75 22.81 14.92
N ILE C 452 -16.19 22.21 13.81
CA ILE C 452 -16.36 22.99 12.58
C ILE C 452 -17.45 24.05 12.77
N LYS C 453 -18.55 23.67 13.42
CA LYS C 453 -19.63 24.63 13.66
C LYS C 453 -19.17 25.77 14.58
N TYR C 454 -18.39 25.45 15.61
CA TYR C 454 -17.88 26.49 16.50
C TYR C 454 -16.96 27.44 15.76
N ILE C 455 -16.06 26.90 14.93
CA ILE C 455 -15.15 27.75 14.18
C ILE C 455 -15.90 28.63 13.19
N SER C 456 -16.88 28.06 12.50
CA SER C 456 -17.67 28.84 11.53
C SER C 456 -18.48 29.92 12.22
N SER C 457 -19.09 29.61 13.37
CA SER C 457 -19.87 30.59 14.10
C SER C 457 -18.99 31.72 14.62
N ALA C 458 -17.80 31.39 15.10
CA ALA C 458 -16.89 32.41 15.61
C ALA C 458 -16.43 33.35 14.51
CA CA F . 12.64 -30.64 -4.37
N1 DCP G . 6.56 -30.90 -9.79
C2 DCP G . 5.96 -31.10 -11.04
N3 DCP G . 5.90 -30.11 -11.95
C4 DCP G . 6.43 -28.91 -11.67
C5 DCP G . 7.02 -28.69 -10.44
C6 DCP G . 7.08 -29.70 -9.50
O2 DCP G . 5.47 -32.21 -11.31
N4 DCP G . 6.37 -27.92 -12.59
C1' DCP G . 6.60 -31.99 -8.83
C2' DCP G . 7.74 -32.92 -9.20
C3' DCP G . 8.77 -32.73 -8.11
C4' DCP G . 8.00 -32.16 -6.95
O4' DCP G . 6.88 -31.49 -7.52
O3' DCP G . 9.37 -33.97 -7.76
C5' DCP G . 8.84 -31.21 -6.13
O5' DCP G . 9.24 -30.13 -6.98
PA DCP G . 10.72 -29.53 -6.93
O1A DCP G . 11.31 -29.82 -5.58
O2A DCP G . 10.64 -28.12 -7.41
O3A DCP G . 11.47 -30.40 -8.04
PB DCP G . 12.82 -31.21 -7.74
O1B DCP G . 12.74 -31.77 -6.34
O2B DCP G . 13.04 -32.14 -8.90
O3B DCP G . 13.95 -30.08 -7.83
PG DCP G . 15.05 -29.78 -6.68
O1G DCP G . 15.43 -28.35 -6.95
O2G DCP G . 14.30 -29.95 -5.38
O3G DCP G . 16.14 -30.77 -6.95
#